data_2C3P
#
_entry.id   2C3P
#
_cell.length_a   85.966
_cell.length_b   145.840
_cell.length_c   210.822
_cell.angle_alpha   90.00
_cell.angle_beta   90.00
_cell.angle_gamma   90.00
#
_symmetry.space_group_name_H-M   'P 21 21 21'
#
loop_
_entity.id
_entity.type
_entity.pdbx_description
1 polymer 'PYRUVATE-FERREDOXIN OXIDOREDUCTASE'
2 non-polymer 'IRON/SULFUR CLUSTER'
3 non-polymer '1-(2-{(2S,4R,5R)-3-[(4-AMINO-2-METHYLPYRIMIDIN-5-YL)METHYL]-2-[(1S)-1-CARBOXY-1-HYDROXYETHYL]-4-METHYL-1,3-THIAZOLIDIN-5-YL}ETHOXY)-1,1,3,3-TETRAHYDROXY-1LAMBDA~5~-DIPHOSPHOX-1-EN-2-IUM 3-OXIDE'
4 non-polymer 'MAGNESIUM ION'
5 non-polymer 'CALCIUM ION'
6 water water
#
_entity_poly.entity_id   1
_entity_poly.type   'polypeptide(L)'
_entity_poly.pdbx_seq_one_letter_code
;GKKMMTTDGNTATAHVAYAMSEVAAIYPITPSSTMGEEADDWAAQGRKNIFGQTLTIREMQSEAGAAGAVHGALAAGALT
TTFTASQGLLLMIPNMYKISGELLPGVFHVTARAIAAHALSIFGDHQDIYAARQTGFAMLASSSVQEAHDMALVAHLAAI
ESNVPFMHFFDGFRTSHEIQKIEVLDYADMASLVNQKALAEFRAKSMNPEHPHVRGTAQNPDIYFQGREAANPYYLKVPG
IVAEYMQKVASLTGRSYKLFDYVGAPDAERVIVSMGSSCETIEEVINHLAAKGEKIGLIKVRLYRPFVSEAFFAALPASA
KVITVLDRTKEPGAPGDPLYLDVCSAFVERGEAMPKILAGRYGLGSKEFSPAMVKSVYDNMSGAKKNHFTVGIEDDVTGT
SLPVDNAFADTTPKGTIQCQFWGLGADGTVGANKQAIKIIGDNTDLFAQGYFSYDSKKSGGITISHLRFGEKPIQSTYLV
NRADYVACHNPAYVGIYDILEGIKDGGTFVLNSPWSSLEDMDKHLPSGIKRTIANKKLKFYNIDAVKIATDVGLGGRINM
IMQTAFFKLAGVLPFEKAVDLLKKSIHKAYGKKGEKIVKMNTDAVDQAVTSLQEFKYPDSWKDAPAETKAEPMTNEFFKN
VVKPILTQQGDKLPVSAFEADGRFPLGTSQFEKRGVAINVPQWVPENCIQCNQCAFVCPHSAILPVLAKEEELVGAPANF
TALEAKGKELKGYKFRIQINTLDCMGCGNCADICPPKEKALVMQPLDTQRDAQVPNLEYAARIPVKSEVLPRDSLKGSQF
QEPLMEFSGACSGCGETPYVRVITQLFGERMFIANATGCSSIWGASAPSMPYKTNRLGQGPAWGNSLFEDAAEYGFGMNM
SMFARRTHLADLAAKALESDASGDVKEALQGWLAGKNDPIKSKEYGDKLKKLLAGQKDGLLGQIAAMSDLYTKKSVWIFG
GDGWAYDIGYGGLDHVLASGEDVNVFVMDTEVYSNTGGQSSKATPTGAVAKFAAAGKRTGKKDLARMVMTYGYVYVATVS
MGYSKQQFLKVLKEAESFPGPSLVIAYATCINQGLRKGMGKSQDVMNTAVKSGYWPLFRYDPRLAAQGKNPFQLDSKAPD
GSVEEFLMAQNRFAVLDRSFPEDAKRLRAQVAHELDVRFKELEHMAATNIFESFAPAGGKADGSVDFGEGAEFCTRDDTP
MMARPDSGEACDQNRAGTSEQQGDLSKRTKK
;
_entity_poly.pdbx_strand_id   A,B
#
# COMPACT_ATOMS: atom_id res chain seq x y z
N GLY A 1 6.64 -21.45 -35.59
CA GLY A 1 6.69 -20.41 -36.65
C GLY A 1 5.97 -19.11 -36.30
N LYS A 2 5.69 -18.32 -37.34
CA LYS A 2 5.01 -17.04 -37.24
C LYS A 2 3.50 -17.21 -37.39
N LYS A 3 2.78 -16.09 -37.34
CA LYS A 3 1.32 -16.07 -37.48
C LYS A 3 0.87 -14.62 -37.42
N MET A 4 0.07 -14.22 -38.39
CA MET A 4 -0.43 -12.85 -38.45
C MET A 4 -1.77 -12.74 -37.73
N MET A 5 -2.02 -11.57 -37.13
CA MET A 5 -3.30 -11.32 -36.48
C MET A 5 -3.45 -9.84 -36.19
N THR A 6 -4.69 -9.38 -36.12
CA THR A 6 -4.92 -7.99 -35.80
C THR A 6 -5.42 -7.97 -34.37
N THR A 7 -4.66 -7.33 -33.48
CA THR A 7 -4.99 -7.22 -32.05
C THR A 7 -4.36 -5.98 -31.44
N ASP A 8 -4.62 -5.78 -30.16
CA ASP A 8 -4.10 -4.63 -29.46
C ASP A 8 -2.85 -4.96 -28.66
N GLY A 9 -2.17 -3.92 -28.19
CA GLY A 9 -0.97 -4.08 -27.39
C GLY A 9 -1.19 -5.01 -26.21
N ASN A 10 -2.35 -4.90 -25.56
CA ASN A 10 -2.65 -5.77 -24.42
C ASN A 10 -2.61 -7.26 -24.78
N THR A 11 -3.34 -7.60 -25.84
CA THR A 11 -3.42 -8.98 -26.29
C THR A 11 -2.08 -9.45 -26.83
N ALA A 12 -1.38 -8.57 -27.53
CA ALA A 12 -0.07 -8.92 -28.08
C ALA A 12 0.84 -9.31 -26.93
N THR A 13 0.83 -8.55 -25.83
CA THR A 13 1.72 -8.95 -24.75
C THR A 13 1.18 -10.08 -23.90
N ALA A 14 -0.14 -10.14 -23.69
CA ALA A 14 -0.70 -11.25 -22.89
C ALA A 14 -0.40 -12.59 -23.62
N HIS A 15 -0.39 -12.52 -24.93
CA HIS A 15 -0.10 -13.70 -25.76
C HIS A 15 1.22 -14.28 -25.30
N VAL A 16 2.21 -13.42 -25.11
CA VAL A 16 3.53 -13.87 -24.70
C VAL A 16 3.59 -14.20 -23.21
N ALA A 17 3.04 -13.31 -22.38
CA ALA A 17 3.04 -13.52 -20.92
C ALA A 17 2.45 -14.87 -20.53
N TYR A 18 1.35 -15.28 -21.15
CA TYR A 18 0.72 -16.56 -20.83
C TYR A 18 1.67 -17.72 -21.14
N ALA A 19 2.26 -17.68 -22.33
CA ALA A 19 3.20 -18.72 -22.74
C ALA A 19 4.36 -18.90 -21.79
N MET A 20 4.89 -17.78 -21.30
CA MET A 20 6.07 -17.77 -20.46
C MET A 20 5.93 -17.84 -18.95
N SER A 21 4.70 -17.84 -18.44
CA SER A 21 4.49 -17.86 -17.00
C SER A 21 3.78 -19.11 -16.52
N GLU A 22 3.99 -19.47 -15.26
CA GLU A 22 3.32 -20.63 -14.70
C GLU A 22 2.25 -20.08 -13.75
N VAL A 23 2.54 -18.94 -13.14
CA VAL A 23 1.64 -18.32 -12.19
C VAL A 23 1.45 -16.84 -12.48
N ALA A 24 0.28 -16.34 -12.14
CA ALA A 24 -0.04 -14.94 -12.30
C ALA A 24 -0.93 -14.57 -11.12
N ALA A 25 -0.56 -13.52 -10.41
CA ALA A 25 -1.37 -13.05 -9.30
C ALA A 25 -1.87 -11.71 -9.84
N ILE A 26 -3.18 -11.52 -9.96
CA ILE A 26 -3.65 -10.28 -10.55
C ILE A 26 -4.73 -9.46 -9.85
N TYR A 27 -4.88 -8.23 -10.33
CA TYR A 27 -5.84 -7.26 -9.82
C TYR A 27 -6.23 -6.34 -10.97
N PRO A 28 -7.52 -6.06 -11.10
CA PRO A 28 -7.97 -5.20 -12.20
C PRO A 28 -7.73 -3.70 -12.06
N ILE A 29 -7.14 -3.14 -13.11
CA ILE A 29 -6.93 -1.71 -13.20
C ILE A 29 -6.80 -1.35 -14.67
N THR A 30 -7.60 -0.36 -15.07
CA THR A 30 -7.60 0.13 -16.44
C THR A 30 -6.24 0.82 -16.67
N PRO A 31 -5.63 0.67 -17.87
CA PRO A 31 -6.10 -0.08 -19.04
C PRO A 31 -5.42 -1.45 -19.18
N SER A 32 -4.91 -1.99 -18.07
CA SER A 32 -4.24 -3.27 -18.13
C SER A 32 -5.18 -4.44 -17.92
N SER A 33 -6.39 -4.15 -17.44
CA SER A 33 -7.37 -5.20 -17.13
C SER A 33 -7.50 -6.32 -18.14
N THR A 34 -7.54 -5.95 -19.41
CA THR A 34 -7.64 -6.91 -20.50
C THR A 34 -6.64 -8.09 -20.44
N MET A 35 -5.41 -7.82 -20.03
CA MET A 35 -4.44 -8.89 -20.00
C MET A 35 -4.79 -9.99 -18.99
N GLY A 36 -5.15 -9.58 -17.79
CA GLY A 36 -5.53 -10.56 -16.79
C GLY A 36 -6.76 -11.32 -17.25
N GLU A 37 -7.77 -10.62 -17.77
CA GLU A 37 -8.96 -11.28 -18.25
C GLU A 37 -8.71 -12.26 -19.40
N GLU A 38 -7.82 -11.90 -20.34
CA GLU A 38 -7.53 -12.85 -21.43
C GLU A 38 -6.83 -14.06 -20.85
N ALA A 39 -5.83 -13.83 -20.00
CA ALA A 39 -5.10 -14.95 -19.40
C ALA A 39 -6.07 -15.91 -18.73
N ASP A 40 -7.04 -15.36 -18.01
CA ASP A 40 -8.05 -16.19 -17.36
C ASP A 40 -8.86 -16.93 -18.43
N ASP A 41 -9.38 -16.21 -19.43
CA ASP A 41 -10.13 -16.88 -20.48
C ASP A 41 -9.34 -18.03 -21.14
N TRP A 42 -8.07 -17.80 -21.44
CA TRP A 42 -7.25 -18.81 -22.09
C TRP A 42 -6.98 -20.01 -21.19
N ALA A 43 -6.79 -19.74 -19.90
CA ALA A 43 -6.54 -20.84 -18.98
C ALA A 43 -7.79 -21.70 -18.93
N ALA A 44 -8.96 -21.06 -18.93
CA ALA A 44 -10.21 -21.80 -18.89
C ALA A 44 -10.49 -22.54 -20.18
N GLN A 45 -10.03 -22.00 -21.31
CA GLN A 45 -10.24 -22.66 -22.59
C GLN A 45 -9.29 -23.85 -22.77
N GLY A 46 -8.24 -23.92 -21.95
CA GLY A 46 -7.29 -25.02 -22.03
C GLY A 46 -5.97 -24.70 -22.71
N ARG A 47 -5.69 -23.41 -22.94
CA ARG A 47 -4.45 -23.00 -23.59
C ARG A 47 -3.27 -23.41 -22.73
N LYS A 48 -2.26 -24.02 -23.35
CA LYS A 48 -1.09 -24.45 -22.59
C LYS A 48 0.06 -23.43 -22.69
N ASN A 49 0.88 -23.38 -21.65
CA ASN A 49 2.02 -22.49 -21.63
C ASN A 49 3.18 -23.34 -22.12
N ILE A 50 4.39 -22.80 -22.12
CA ILE A 50 5.52 -23.59 -22.64
C ILE A 50 5.81 -24.88 -21.86
N PHE A 51 5.23 -25.04 -20.68
CA PHE A 51 5.48 -26.28 -19.92
C PHE A 51 4.34 -27.27 -20.16
N GLY A 52 3.43 -26.89 -21.05
CA GLY A 52 2.29 -27.72 -21.39
C GLY A 52 1.20 -27.68 -20.32
N GLN A 53 1.20 -26.62 -19.51
CA GLN A 53 0.21 -26.49 -18.45
C GLN A 53 -0.66 -25.27 -18.62
N THR A 54 -1.85 -25.28 -18.02
CA THR A 54 -2.70 -24.10 -18.07
C THR A 54 -2.17 -23.19 -16.94
N LEU A 55 -2.22 -21.90 -17.15
CA LEU A 55 -1.74 -20.92 -16.18
C LEU A 55 -2.52 -20.98 -14.86
N THR A 56 -1.84 -20.82 -13.74
CA THR A 56 -2.51 -20.78 -12.44
C THR A 56 -2.68 -19.29 -12.19
N ILE A 57 -3.91 -18.80 -12.25
CA ILE A 57 -4.18 -17.38 -12.07
C ILE A 57 -5.12 -17.18 -10.91
N ARG A 58 -4.84 -16.18 -10.07
CA ARG A 58 -5.67 -15.86 -8.93
C ARG A 58 -5.79 -14.35 -8.79
N GLU A 59 -6.97 -13.90 -8.42
CA GLU A 59 -7.26 -12.49 -8.24
C GLU A 59 -7.05 -12.21 -6.75
N MET A 60 -6.27 -11.18 -6.43
CA MET A 60 -6.01 -10.83 -5.03
C MET A 60 -6.95 -9.71 -4.57
N GLN A 61 -6.74 -9.19 -3.37
CA GLN A 61 -7.58 -8.14 -2.82
C GLN A 61 -7.17 -6.72 -3.26
N SER A 62 -5.93 -6.60 -3.77
CA SER A 62 -5.37 -5.34 -4.26
C SER A 62 -4.08 -5.69 -4.99
N GLU A 63 -3.45 -4.70 -5.62
CA GLU A 63 -2.20 -4.95 -6.32
C GLU A 63 -1.08 -5.23 -5.32
N ALA A 64 -1.26 -4.72 -4.10
CA ALA A 64 -0.26 -4.94 -3.06
C ALA A 64 -0.31 -6.44 -2.73
N GLY A 65 -1.53 -6.97 -2.66
CA GLY A 65 -1.70 -8.38 -2.40
C GLY A 65 -1.14 -9.17 -3.55
N ALA A 66 -1.41 -8.73 -4.78
CA ALA A 66 -0.91 -9.45 -5.96
C ALA A 66 0.61 -9.48 -5.99
N ALA A 67 1.23 -8.36 -5.62
CA ALA A 67 2.69 -8.25 -5.60
C ALA A 67 3.33 -9.19 -4.55
N GLY A 68 2.70 -9.32 -3.40
CA GLY A 68 3.25 -10.21 -2.40
C GLY A 68 3.12 -11.64 -2.85
N ALA A 69 2.03 -11.94 -3.55
CA ALA A 69 1.79 -13.30 -4.02
C ALA A 69 2.81 -13.62 -5.11
N VAL A 70 3.06 -12.64 -5.99
CA VAL A 70 4.02 -12.82 -7.07
C VAL A 70 5.39 -13.13 -6.45
N HIS A 71 5.73 -12.40 -5.40
CA HIS A 71 7.01 -12.58 -4.72
C HIS A 71 7.07 -14.00 -4.13
N GLY A 72 5.98 -14.45 -3.55
CA GLY A 72 5.95 -15.77 -2.94
C GLY A 72 6.11 -16.85 -3.96
N ALA A 73 5.41 -16.71 -5.07
CA ALA A 73 5.45 -17.68 -6.17
C ALA A 73 6.88 -17.80 -6.72
N LEU A 74 7.52 -16.64 -6.96
CA LEU A 74 8.89 -16.62 -7.50
C LEU A 74 9.87 -17.18 -6.49
N ALA A 75 9.70 -16.80 -5.23
CA ALA A 75 10.61 -17.29 -4.19
C ALA A 75 10.48 -18.79 -4.11
N ALA A 76 9.26 -19.27 -4.40
CA ALA A 76 8.97 -20.69 -4.35
C ALA A 76 9.25 -21.43 -5.66
N GLY A 77 9.95 -20.77 -6.58
CA GLY A 77 10.34 -21.45 -7.80
C GLY A 77 9.43 -21.55 -8.98
N ALA A 78 8.49 -20.62 -9.14
CA ALA A 78 7.60 -20.67 -10.27
C ALA A 78 7.72 -19.38 -11.07
N LEU A 79 7.81 -19.51 -12.40
CA LEU A 79 7.88 -18.34 -13.28
C LEU A 79 6.56 -17.58 -13.10
N THR A 80 6.65 -16.31 -12.76
CA THR A 80 5.48 -15.55 -12.44
C THR A 80 5.38 -14.20 -13.11
N THR A 81 4.16 -13.79 -13.41
CA THR A 81 3.93 -12.51 -14.05
C THR A 81 2.72 -11.83 -13.44
N THR A 82 2.54 -10.55 -13.76
CA THR A 82 1.39 -9.78 -13.32
C THR A 82 1.19 -8.63 -14.31
N PHE A 83 0.00 -8.06 -14.32
CA PHE A 83 -0.34 -6.97 -15.24
C PHE A 83 -0.88 -5.84 -14.40
N THR A 84 -0.36 -4.65 -14.61
CA THR A 84 -0.85 -3.57 -13.78
C THR A 84 -0.57 -2.21 -14.39
N ALA A 85 -0.85 -1.18 -13.60
CA ALA A 85 -0.64 0.19 -14.04
C ALA A 85 -0.87 1.18 -12.91
N SER A 86 -0.49 2.43 -13.18
CA SER A 86 -0.75 3.56 -12.30
C SER A 86 -0.83 3.27 -10.78
N GLN A 87 -2.00 3.54 -10.19
CA GLN A 87 -2.19 3.35 -8.77
C GLN A 87 -1.78 1.94 -8.30
N GLY A 88 -2.00 0.95 -9.15
CA GLY A 88 -1.68 -0.42 -8.80
C GLY A 88 -0.19 -0.66 -8.77
N LEU A 89 0.53 -0.08 -9.73
CA LEU A 89 1.97 -0.25 -9.75
C LEU A 89 2.56 0.36 -8.49
N LEU A 90 2.03 1.50 -8.07
CA LEU A 90 2.52 2.14 -6.86
C LEU A 90 2.42 1.19 -5.65
N LEU A 91 1.30 0.48 -5.52
CA LEU A 91 1.13 -0.44 -4.41
C LEU A 91 2.08 -1.62 -4.47
N MET A 92 2.66 -1.86 -5.64
CA MET A 92 3.58 -2.98 -5.81
C MET A 92 5.03 -2.59 -5.48
N ILE A 93 5.31 -1.29 -5.51
CA ILE A 93 6.66 -0.81 -5.25
C ILE A 93 7.42 -1.47 -4.08
N PRO A 94 6.79 -1.61 -2.91
CA PRO A 94 7.51 -2.24 -1.79
C PRO A 94 7.97 -3.65 -2.12
N ASN A 95 7.12 -4.41 -2.78
CA ASN A 95 7.49 -5.76 -3.14
C ASN A 95 8.48 -5.77 -4.30
N MET A 96 8.48 -4.72 -5.12
CA MET A 96 9.45 -4.70 -6.21
C MET A 96 10.87 -4.69 -5.66
N TYR A 97 11.13 -3.89 -4.63
CA TYR A 97 12.46 -3.84 -4.04
C TYR A 97 12.88 -5.23 -3.58
N LYS A 98 11.92 -5.98 -3.02
CA LYS A 98 12.16 -7.34 -2.56
C LYS A 98 12.37 -8.30 -3.73
N ILE A 99 11.55 -8.20 -4.75
CA ILE A 99 11.69 -9.11 -5.87
C ILE A 99 13.01 -8.95 -6.62
N SER A 100 13.49 -7.71 -6.75
CA SER A 100 14.76 -7.46 -7.43
C SER A 100 15.88 -7.70 -6.44
N GLY A 101 15.63 -7.32 -5.18
CA GLY A 101 16.64 -7.51 -4.15
C GLY A 101 16.96 -8.98 -3.98
N GLU A 102 15.98 -9.84 -4.21
CA GLU A 102 16.19 -11.29 -4.09
C GLU A 102 16.51 -11.95 -5.45
N LEU A 103 16.84 -11.12 -6.45
CA LEU A 103 17.17 -11.61 -7.79
C LEU A 103 16.20 -12.70 -8.31
N LEU A 104 14.92 -12.32 -8.41
CA LEU A 104 13.92 -13.26 -8.88
C LEU A 104 13.50 -12.87 -10.28
N PRO A 105 13.37 -13.84 -11.18
CA PRO A 105 13.00 -13.62 -12.58
C PRO A 105 11.53 -13.27 -12.80
N GLY A 106 11.04 -12.22 -12.17
CA GLY A 106 9.65 -11.89 -12.38
C GLY A 106 9.50 -10.92 -13.53
N VAL A 107 8.31 -10.89 -14.12
CA VAL A 107 8.06 -9.96 -15.20
C VAL A 107 6.73 -9.27 -14.94
N PHE A 108 6.77 -7.95 -14.88
CA PHE A 108 5.57 -7.16 -14.69
C PHE A 108 5.26 -6.53 -16.04
N HIS A 109 4.04 -6.70 -16.53
CA HIS A 109 3.67 -6.04 -17.79
C HIS A 109 2.80 -4.87 -17.39
N VAL A 110 3.27 -3.67 -17.70
CA VAL A 110 2.59 -2.45 -17.32
C VAL A 110 2.08 -1.59 -18.46
N THR A 111 0.81 -1.23 -18.39
CA THR A 111 0.22 -0.34 -19.36
C THR A 111 0.43 0.99 -18.64
N ALA A 112 1.44 1.75 -19.08
CA ALA A 112 1.78 3.01 -18.43
C ALA A 112 0.62 3.98 -18.42
N ARG A 113 0.23 4.38 -17.21
CA ARG A 113 -0.89 5.28 -17.02
C ARG A 113 -0.57 6.34 -15.97
N ALA A 114 -1.15 7.52 -16.13
CA ALA A 114 -0.95 8.64 -15.23
C ALA A 114 -1.33 8.36 -13.78
N ILE A 115 -0.65 9.03 -12.87
CA ILE A 115 -0.93 8.90 -11.45
C ILE A 115 -1.91 9.99 -11.06
N ALA A 116 -2.78 9.67 -10.11
CA ALA A 116 -3.78 10.63 -9.65
C ALA A 116 -3.11 11.63 -8.74
N ALA A 117 -3.21 12.90 -9.10
CA ALA A 117 -2.60 13.98 -8.35
C ALA A 117 -3.69 15.04 -8.20
N HIS A 118 -3.67 16.07 -9.04
CA HIS A 118 -4.72 17.09 -8.95
C HIS A 118 -6.02 16.41 -9.38
N ALA A 119 -5.88 15.36 -10.19
CA ALA A 119 -7.03 14.61 -10.66
C ALA A 119 -6.64 13.19 -11.03
N LEU A 120 -7.63 12.32 -11.16
CA LEU A 120 -7.38 10.96 -11.56
C LEU A 120 -7.50 10.85 -13.07
N SER A 121 -6.63 10.05 -13.67
CA SER A 121 -6.67 9.81 -15.10
C SER A 121 -6.38 8.33 -15.34
N ILE A 122 -7.18 7.70 -16.21
CA ILE A 122 -6.98 6.31 -16.53
C ILE A 122 -6.09 6.29 -17.77
N PHE A 123 -5.77 7.47 -18.29
CA PHE A 123 -4.99 7.54 -19.51
C PHE A 123 -3.48 7.42 -19.46
N GLY A 124 -2.91 7.33 -20.66
CA GLY A 124 -1.49 7.08 -20.76
C GLY A 124 -0.34 8.05 -20.65
N ASP A 125 0.56 7.68 -19.75
CA ASP A 125 1.79 8.41 -19.59
C ASP A 125 2.75 7.60 -18.71
N HIS A 126 3.96 8.11 -18.53
CA HIS A 126 4.98 7.38 -17.80
C HIS A 126 5.19 7.69 -16.34
N GLN A 127 4.26 8.43 -15.75
CA GLN A 127 4.40 8.79 -14.36
C GLN A 127 4.49 7.55 -13.50
N ASP A 128 3.72 6.52 -13.85
CA ASP A 128 3.75 5.33 -13.03
C ASP A 128 5.05 4.55 -13.18
N ILE A 129 5.47 4.23 -14.39
CA ILE A 129 6.70 3.46 -14.48
C ILE A 129 7.93 4.20 -13.95
N TYR A 130 7.98 5.53 -14.05
CA TYR A 130 9.15 6.25 -13.51
C TYR A 130 9.13 6.24 -11.99
N ALA A 131 7.94 6.11 -11.41
CA ALA A 131 7.85 6.07 -9.95
C ALA A 131 8.54 4.80 -9.42
N ALA A 132 8.76 3.83 -10.29
CA ALA A 132 9.40 2.60 -9.86
C ALA A 132 10.80 2.38 -10.42
N ARG A 133 11.39 3.41 -11.03
CA ARG A 133 12.73 3.28 -11.62
C ARG A 133 13.82 2.99 -10.60
N GLN A 134 13.52 3.14 -9.32
CA GLN A 134 14.56 2.87 -8.33
C GLN A 134 14.39 1.54 -7.62
N THR A 135 13.38 0.77 -8.02
CA THR A 135 13.13 -0.50 -7.39
C THR A 135 14.12 -1.59 -7.73
N GLY A 136 14.93 -1.38 -8.77
CA GLY A 136 15.91 -2.39 -9.15
C GLY A 136 15.41 -3.32 -10.26
N PHE A 137 14.23 -3.03 -10.80
CA PHE A 137 13.67 -3.81 -11.90
C PHE A 137 14.32 -3.31 -13.19
N ALA A 138 14.55 -4.19 -14.14
CA ALA A 138 15.06 -3.76 -15.45
C ALA A 138 13.79 -3.18 -16.11
N MET A 139 13.95 -2.23 -17.00
CA MET A 139 12.80 -1.61 -17.65
C MET A 139 12.94 -1.57 -19.16
N LEU A 140 12.07 -2.32 -19.82
CA LEU A 140 12.08 -2.41 -21.27
C LEU A 140 10.79 -1.81 -21.84
N ALA A 141 10.96 -0.79 -22.66
CA ALA A 141 9.82 -0.10 -23.26
C ALA A 141 9.54 -0.60 -24.67
N SER A 142 8.25 -0.71 -25.00
CA SER A 142 7.87 -1.12 -26.34
C SER A 142 7.09 0.10 -26.80
N SER A 143 7.23 0.45 -28.08
CA SER A 143 6.57 1.64 -28.60
C SER A 143 5.48 1.41 -29.64
N SER A 144 5.09 0.15 -29.83
CA SER A 144 4.07 -0.17 -30.81
C SER A 144 3.49 -1.51 -30.44
N VAL A 145 2.35 -1.84 -31.04
CA VAL A 145 1.72 -3.12 -30.77
C VAL A 145 2.66 -4.26 -31.11
N GLN A 146 3.34 -4.17 -32.24
CA GLN A 146 4.27 -5.22 -32.65
C GLN A 146 5.42 -5.33 -31.65
N GLU A 147 5.84 -4.19 -31.11
CA GLU A 147 6.93 -4.20 -30.15
C GLU A 147 6.51 -4.75 -28.79
N ALA A 148 5.26 -4.49 -28.40
CA ALA A 148 4.78 -4.98 -27.12
C ALA A 148 5.01 -6.51 -27.13
N HIS A 149 4.67 -7.13 -28.25
CA HIS A 149 4.85 -8.56 -28.41
C HIS A 149 6.31 -8.96 -28.29
N ASP A 150 7.16 -8.31 -29.10
CA ASP A 150 8.58 -8.63 -29.09
C ASP A 150 9.27 -8.38 -27.75
N MET A 151 9.05 -7.20 -27.17
CA MET A 151 9.69 -6.84 -25.90
C MET A 151 9.20 -7.71 -24.74
N ALA A 152 7.93 -8.08 -24.78
CA ALA A 152 7.39 -8.95 -23.75
C ALA A 152 8.20 -10.25 -23.72
N LEU A 153 8.53 -10.75 -24.91
CA LEU A 153 9.29 -12.00 -25.01
C LEU A 153 10.73 -11.80 -24.54
N VAL A 154 11.36 -10.72 -24.99
CA VAL A 154 12.72 -10.46 -24.52
C VAL A 154 12.72 -10.37 -22.99
N ALA A 155 11.78 -9.61 -22.44
CA ALA A 155 11.68 -9.43 -20.98
C ALA A 155 11.68 -10.75 -20.23
N HIS A 156 10.83 -11.69 -20.65
CA HIS A 156 10.73 -12.98 -19.99
C HIS A 156 12.00 -13.78 -20.10
N LEU A 157 12.54 -13.86 -21.32
CA LEU A 157 13.75 -14.62 -21.55
C LEU A 157 14.94 -14.04 -20.78
N ALA A 158 15.06 -12.72 -20.84
CA ALA A 158 16.15 -12.03 -20.15
C ALA A 158 15.96 -12.12 -18.65
N ALA A 159 14.72 -12.08 -18.19
CA ALA A 159 14.48 -12.18 -16.75
C ALA A 159 14.91 -13.57 -16.27
N ILE A 160 14.58 -14.60 -17.02
CA ILE A 160 14.97 -15.94 -16.63
C ILE A 160 16.48 -16.12 -16.60
N GLU A 161 17.19 -15.60 -17.60
CA GLU A 161 18.63 -15.77 -17.64
C GLU A 161 19.42 -14.81 -16.74
N SER A 162 18.94 -13.58 -16.62
CA SER A 162 19.64 -12.58 -15.82
C SER A 162 19.42 -12.66 -14.31
N ASN A 163 18.24 -13.10 -13.90
CA ASN A 163 17.85 -13.18 -12.49
C ASN A 163 17.49 -11.81 -11.98
N VAL A 164 17.30 -10.88 -12.91
CA VAL A 164 16.89 -9.55 -12.55
C VAL A 164 15.44 -9.42 -13.06
N PRO A 165 14.47 -9.05 -12.18
CA PRO A 165 13.08 -8.93 -12.63
C PRO A 165 12.92 -7.83 -13.68
N PHE A 166 11.97 -8.02 -14.58
CA PHE A 166 11.74 -7.04 -15.61
C PHE A 166 10.38 -6.38 -15.58
N MET A 167 10.36 -5.10 -15.94
CA MET A 167 9.13 -4.39 -16.08
C MET A 167 9.01 -4.07 -17.58
N HIS A 168 8.10 -4.75 -18.26
CA HIS A 168 7.88 -4.50 -19.66
C HIS A 168 6.70 -3.53 -19.70
N PHE A 169 6.87 -2.37 -20.34
CA PHE A 169 5.78 -1.41 -20.38
C PHE A 169 5.57 -0.82 -21.76
N PHE A 170 4.32 -0.40 -21.99
CA PHE A 170 3.87 0.22 -23.22
C PHE A 170 2.79 1.22 -22.82
N ASP A 171 2.57 2.24 -23.65
CA ASP A 171 1.64 3.30 -23.30
C ASP A 171 0.17 2.94 -23.18
N GLY A 172 -0.44 3.41 -22.10
CA GLY A 172 -1.84 3.15 -21.80
C GLY A 172 -2.68 3.69 -22.93
N PHE A 173 -3.61 2.85 -23.38
CA PHE A 173 -4.49 3.16 -24.49
C PHE A 173 -3.78 3.37 -25.82
N ARG A 174 -2.88 4.35 -25.91
CA ARG A 174 -2.18 4.63 -27.17
C ARG A 174 -1.53 3.38 -27.77
N THR A 175 -1.03 2.49 -26.92
CA THR A 175 -0.49 1.23 -27.41
C THR A 175 -1.32 0.03 -26.91
N SER A 176 -1.75 0.07 -25.65
CA SER A 176 -2.52 -1.04 -25.09
C SER A 176 -3.84 -1.27 -25.79
N HIS A 177 -4.52 -0.21 -26.22
CA HIS A 177 -5.81 -0.37 -26.89
C HIS A 177 -5.85 -0.06 -28.38
N GLU A 178 -4.68 0.06 -29.01
CA GLU A 178 -4.65 0.33 -30.43
C GLU A 178 -4.60 -1.01 -31.15
N ILE A 179 -5.35 -1.14 -32.23
CA ILE A 179 -5.35 -2.40 -32.98
C ILE A 179 -4.44 -2.27 -34.20
N GLN A 180 -3.60 -3.28 -34.40
CA GLN A 180 -2.68 -3.31 -35.51
C GLN A 180 -2.54 -4.74 -36.00
N LYS A 181 -2.30 -4.89 -37.31
CA LYS A 181 -2.07 -6.22 -37.87
C LYS A 181 -0.60 -6.43 -37.54
N ILE A 182 -0.30 -7.49 -36.82
CA ILE A 182 1.08 -7.77 -36.44
C ILE A 182 1.37 -9.25 -36.58
N GLU A 183 2.60 -9.64 -36.24
CA GLU A 183 3.03 -11.02 -36.31
C GLU A 183 3.42 -11.48 -34.91
N VAL A 184 2.95 -12.66 -34.53
CA VAL A 184 3.25 -13.23 -33.21
C VAL A 184 3.93 -14.59 -33.38
N LEU A 185 4.73 -14.99 -32.40
CA LEU A 185 5.42 -16.27 -32.47
C LEU A 185 4.60 -17.37 -31.82
N ASP A 186 4.85 -18.62 -32.24
CA ASP A 186 4.22 -19.82 -31.70
C ASP A 186 4.83 -19.99 -30.32
N TYR A 187 4.13 -20.68 -29.44
CA TYR A 187 4.66 -20.92 -28.10
C TYR A 187 5.91 -21.81 -28.12
N ALA A 188 5.97 -22.71 -29.11
CA ALA A 188 7.11 -23.62 -29.25
C ALA A 188 8.39 -22.84 -29.60
N ASP A 189 8.23 -21.75 -30.34
CA ASP A 189 9.39 -20.91 -30.70
C ASP A 189 9.89 -20.20 -29.45
N MET A 190 8.96 -19.76 -28.61
CA MET A 190 9.33 -19.08 -27.38
C MET A 190 10.06 -20.07 -26.50
N ALA A 191 9.49 -21.27 -26.39
CA ALA A 191 10.06 -22.32 -25.58
C ALA A 191 11.49 -22.63 -25.99
N SER A 192 11.75 -22.61 -27.30
CA SER A 192 13.09 -22.95 -27.78
C SER A 192 14.16 -21.94 -27.38
N LEU A 193 13.75 -20.70 -27.14
CA LEU A 193 14.72 -19.68 -26.74
C LEU A 193 15.09 -19.71 -25.25
N VAL A 194 14.29 -20.41 -24.45
CA VAL A 194 14.56 -20.45 -23.01
C VAL A 194 15.89 -21.09 -22.64
N ASN A 195 16.66 -20.39 -21.82
CA ASN A 195 17.93 -20.92 -21.35
C ASN A 195 17.56 -22.00 -20.33
N GLN A 196 17.73 -23.28 -20.68
CA GLN A 196 17.38 -24.37 -19.78
C GLN A 196 18.24 -24.46 -18.53
N LYS A 197 19.52 -24.14 -18.68
CA LYS A 197 20.43 -24.16 -17.55
C LYS A 197 19.97 -23.13 -16.53
N ALA A 198 19.60 -21.95 -16.99
CA ALA A 198 19.15 -20.91 -16.07
C ALA A 198 17.85 -21.33 -15.39
N LEU A 199 16.92 -21.88 -16.17
CA LEU A 199 15.66 -22.31 -15.60
C LEU A 199 15.88 -23.32 -14.47
N ALA A 200 16.78 -24.28 -14.70
CA ALA A 200 17.06 -25.30 -13.70
C ALA A 200 17.70 -24.68 -12.45
N GLU A 201 18.54 -23.67 -12.65
CA GLU A 201 19.18 -23.00 -11.53
C GLU A 201 18.15 -22.25 -10.69
N PHE A 202 17.15 -21.66 -11.36
CA PHE A 202 16.08 -20.92 -10.71
C PHE A 202 15.33 -21.90 -9.81
N ARG A 203 14.93 -23.04 -10.38
CA ARG A 203 14.23 -24.10 -9.64
C ARG A 203 15.03 -24.53 -8.40
N ALA A 204 16.32 -24.79 -8.60
CA ALA A 204 17.18 -25.28 -7.55
C ALA A 204 17.50 -24.31 -6.41
N LYS A 205 17.47 -23.01 -6.67
CA LYS A 205 17.77 -22.05 -5.62
C LYS A 205 16.52 -21.62 -4.85
N SER A 206 15.36 -22.04 -5.32
CA SER A 206 14.12 -21.63 -4.69
C SER A 206 13.82 -22.21 -3.32
N MET A 207 12.86 -21.60 -2.63
CA MET A 207 12.48 -22.09 -1.30
C MET A 207 11.97 -23.51 -1.41
N ASN A 208 12.38 -24.35 -0.46
CA ASN A 208 11.92 -25.73 -0.42
C ASN A 208 12.49 -26.34 0.85
N PRO A 209 11.62 -26.98 1.67
CA PRO A 209 12.04 -27.62 2.93
C PRO A 209 12.98 -28.81 2.77
N GLU A 210 13.16 -29.27 1.53
CA GLU A 210 14.06 -30.38 1.28
C GLU A 210 15.50 -29.87 1.27
N HIS A 211 15.68 -28.59 0.91
CA HIS A 211 17.00 -27.95 0.89
C HIS A 211 16.73 -26.47 1.19
N PRO A 212 16.30 -26.18 2.41
CA PRO A 212 15.97 -24.81 2.84
C PRO A 212 17.11 -23.83 3.07
N HIS A 213 16.75 -22.56 3.02
CA HIS A 213 17.66 -21.46 3.28
C HIS A 213 16.78 -20.39 3.94
N VAL A 214 17.41 -19.34 4.46
CA VAL A 214 16.64 -18.27 5.07
C VAL A 214 16.76 -17.05 4.16
N ARG A 215 15.61 -16.46 3.81
CA ARG A 215 15.61 -15.25 2.97
C ARG A 215 14.88 -14.12 3.73
N GLY A 216 15.24 -12.88 3.45
CA GLY A 216 14.62 -11.77 4.14
C GLY A 216 15.14 -11.59 5.56
N THR A 217 16.46 -11.56 5.71
CA THR A 217 17.02 -11.37 7.04
C THR A 217 16.98 -9.88 7.37
N ALA A 218 17.19 -9.59 8.64
CA ALA A 218 17.27 -8.22 9.13
C ALA A 218 18.78 -8.01 9.31
N GLN A 219 19.35 -6.97 8.71
CA GLN A 219 20.79 -6.76 8.84
C GLN A 219 21.21 -5.47 9.50
N ASN A 220 22.31 -5.51 10.25
CA ASN A 220 22.84 -4.30 10.91
C ASN A 220 23.81 -3.48 10.06
N PRO A 221 24.27 -2.34 10.57
CA PRO A 221 25.20 -1.51 9.79
C PRO A 221 26.48 -2.23 9.34
N ASP A 222 26.88 -3.25 10.08
CA ASP A 222 28.10 -3.97 9.75
C ASP A 222 28.10 -4.66 8.39
N ILE A 223 26.96 -5.17 7.93
CA ILE A 223 26.95 -5.88 6.66
C ILE A 223 25.92 -5.49 5.62
N TYR A 224 24.94 -4.67 5.99
CA TYR A 224 23.90 -4.33 5.02
C TYR A 224 24.43 -3.77 3.69
N PHE A 225 25.27 -2.74 3.75
CA PHE A 225 25.87 -2.11 2.56
C PHE A 225 26.50 -3.16 1.64
N GLN A 226 27.31 -4.06 2.20
CA GLN A 226 27.93 -5.11 1.37
C GLN A 226 26.87 -5.97 0.70
N GLY A 227 25.86 -6.38 1.48
CA GLY A 227 24.81 -7.22 0.96
C GLY A 227 24.07 -6.57 -0.19
N ARG A 228 23.93 -5.24 -0.13
CA ARG A 228 23.22 -4.49 -1.17
C ARG A 228 24.04 -4.42 -2.47
N GLU A 229 25.37 -4.38 -2.36
CA GLU A 229 26.26 -4.29 -3.53
C GLU A 229 26.60 -5.64 -4.16
N ALA A 230 26.30 -6.73 -3.47
CA ALA A 230 26.61 -8.08 -3.94
C ALA A 230 25.89 -8.52 -5.20
N ALA A 231 24.83 -7.80 -5.58
CA ALA A 231 24.11 -8.13 -6.82
C ALA A 231 24.71 -7.41 -8.02
N ASN A 232 25.64 -6.50 -7.80
CA ASN A 232 26.26 -5.74 -8.88
C ASN A 232 26.54 -6.55 -10.14
N PRO A 233 27.23 -7.68 -10.00
CA PRO A 233 27.53 -8.49 -11.18
C PRO A 233 26.31 -8.77 -12.04
N TYR A 234 25.19 -9.06 -11.37
CA TYR A 234 23.96 -9.37 -12.08
C TYR A 234 23.44 -8.22 -12.91
N TYR A 235 23.50 -7.01 -12.37
CA TYR A 235 23.05 -5.85 -13.13
C TYR A 235 24.01 -5.44 -14.25
N LEU A 236 25.29 -5.79 -14.11
CA LEU A 236 26.26 -5.47 -15.18
C LEU A 236 25.99 -6.35 -16.41
N LYS A 237 25.52 -7.57 -16.18
CA LYS A 237 25.23 -8.51 -17.25
C LYS A 237 23.86 -8.40 -17.91
N VAL A 238 22.87 -7.81 -17.25
CA VAL A 238 21.55 -7.74 -17.88
C VAL A 238 21.54 -7.07 -19.27
N PRO A 239 22.27 -5.95 -19.44
CA PRO A 239 22.26 -5.30 -20.76
C PRO A 239 22.66 -6.25 -21.89
N GLY A 240 23.77 -6.96 -21.71
CA GLY A 240 24.20 -7.90 -22.74
C GLY A 240 23.20 -9.03 -22.95
N ILE A 241 22.52 -9.44 -21.88
CA ILE A 241 21.56 -10.50 -21.99
C ILE A 241 20.34 -10.01 -22.78
N VAL A 242 19.97 -8.75 -22.58
CA VAL A 242 18.83 -8.19 -23.30
C VAL A 242 19.20 -8.10 -24.77
N ALA A 243 20.42 -7.65 -25.05
CA ALA A 243 20.87 -7.53 -26.43
C ALA A 243 20.86 -8.89 -27.12
N GLU A 244 21.41 -9.90 -26.45
CA GLU A 244 21.45 -11.22 -27.05
C GLU A 244 20.02 -11.75 -27.33
N TYR A 245 19.09 -11.53 -26.42
CA TYR A 245 17.75 -12.02 -26.67
C TYR A 245 17.04 -11.21 -27.75
N MET A 246 17.38 -9.93 -27.86
CA MET A 246 16.78 -9.13 -28.94
C MET A 246 17.27 -9.76 -30.24
N GLN A 247 18.54 -10.16 -30.28
CA GLN A 247 19.11 -10.78 -31.48
C GLN A 247 18.60 -12.20 -31.73
N LYS A 248 18.45 -12.99 -30.66
CA LYS A 248 17.95 -14.36 -30.80
C LYS A 248 16.50 -14.35 -31.28
N VAL A 249 15.70 -13.43 -30.75
CA VAL A 249 14.32 -13.31 -31.15
C VAL A 249 14.27 -12.79 -32.58
N ALA A 250 15.16 -11.85 -32.90
CA ALA A 250 15.20 -11.28 -34.24
C ALA A 250 15.47 -12.35 -35.32
N SER A 251 16.33 -13.30 -34.99
CA SER A 251 16.65 -14.35 -35.97
C SER A 251 15.43 -15.20 -36.24
N LEU A 252 14.42 -15.11 -35.38
CA LEU A 252 13.19 -15.87 -35.56
C LEU A 252 12.09 -15.04 -36.20
N THR A 253 12.15 -13.72 -35.98
CA THR A 253 11.12 -12.82 -36.49
C THR A 253 11.55 -11.89 -37.61
N GLY A 254 12.85 -11.62 -37.70
CA GLY A 254 13.32 -10.71 -38.72
C GLY A 254 13.29 -9.26 -38.24
N ARG A 255 12.84 -9.04 -37.01
CA ARG A 255 12.79 -7.68 -36.46
C ARG A 255 13.89 -7.44 -35.42
N SER A 256 14.87 -6.63 -35.80
CA SER A 256 16.00 -6.33 -34.92
C SER A 256 15.80 -5.14 -34.02
N TYR A 257 16.39 -5.21 -32.84
CA TYR A 257 16.31 -4.14 -31.86
C TYR A 257 17.65 -4.01 -31.17
N LYS A 258 17.91 -2.81 -30.65
CA LYS A 258 19.11 -2.55 -29.86
C LYS A 258 18.59 -1.90 -28.57
N LEU A 259 19.44 -1.80 -27.54
CA LEU A 259 19.04 -1.16 -26.28
C LEU A 259 18.55 0.27 -26.59
N PHE A 260 19.22 0.91 -27.55
CA PHE A 260 18.89 2.24 -28.06
C PHE A 260 18.96 2.14 -29.59
N ASP A 261 17.90 2.50 -30.28
CA ASP A 261 17.91 2.43 -31.75
C ASP A 261 17.82 3.81 -32.36
N TYR A 262 18.53 4.00 -33.47
CA TYR A 262 18.54 5.29 -34.13
C TYR A 262 17.84 5.25 -35.49
N VAL A 263 17.04 6.27 -35.78
CA VAL A 263 16.40 6.39 -37.09
C VAL A 263 16.57 7.81 -37.54
N GLY A 264 16.61 8.02 -38.86
CA GLY A 264 16.77 9.35 -39.40
C GLY A 264 18.11 9.59 -40.10
N ALA A 265 18.35 10.86 -40.44
CA ALA A 265 19.57 11.26 -41.13
C ALA A 265 20.81 10.87 -40.35
N PRO A 266 21.74 10.15 -41.00
CA PRO A 266 22.97 9.70 -40.35
C PRO A 266 23.82 10.90 -39.96
N ASP A 267 23.51 12.03 -40.59
CA ASP A 267 24.24 13.28 -40.32
C ASP A 267 23.30 14.34 -39.73
N ALA A 268 22.33 13.87 -38.93
CA ALA A 268 21.37 14.76 -38.30
C ALA A 268 22.08 15.71 -37.33
N GLU A 269 21.58 16.93 -37.28
CA GLU A 269 22.14 17.96 -36.41
C GLU A 269 21.25 18.18 -35.19
N ARG A 270 19.95 17.86 -35.37
CA ARG A 270 18.94 17.99 -34.33
C ARG A 270 18.35 16.60 -34.08
N VAL A 271 18.49 16.11 -32.85
CA VAL A 271 18.03 14.76 -32.52
C VAL A 271 17.10 14.71 -31.32
N ILE A 272 16.05 13.89 -31.42
CA ILE A 272 15.12 13.71 -30.32
C ILE A 272 15.40 12.35 -29.66
N VAL A 273 15.32 12.31 -28.33
CA VAL A 273 15.50 11.07 -27.58
C VAL A 273 14.13 10.86 -26.96
N SER A 274 13.47 9.74 -27.26
CA SER A 274 12.16 9.49 -26.69
C SER A 274 11.93 8.03 -26.39
N MET A 275 10.79 7.76 -25.76
CA MET A 275 10.45 6.40 -25.35
C MET A 275 8.94 6.17 -25.44
N GLY A 276 8.53 4.97 -25.84
CA GLY A 276 7.12 4.71 -25.95
C GLY A 276 6.54 5.02 -27.32
N SER A 277 5.22 4.97 -27.41
CA SER A 277 4.52 5.19 -28.66
C SER A 277 4.87 6.48 -29.40
N SER A 278 5.38 7.48 -28.67
CA SER A 278 5.75 8.74 -29.32
C SER A 278 6.78 8.48 -30.42
N CYS A 279 7.63 7.48 -30.19
CA CYS A 279 8.67 7.12 -31.16
C CYS A 279 8.18 6.82 -32.58
N GLU A 280 7.02 6.18 -32.69
CA GLU A 280 6.45 5.85 -33.98
C GLU A 280 6.08 7.11 -34.74
N THR A 281 5.37 8.02 -34.08
CA THR A 281 4.95 9.26 -34.69
C THR A 281 6.17 10.11 -35.06
N ILE A 282 7.15 10.17 -34.17
CA ILE A 282 8.33 10.95 -34.45
C ILE A 282 8.99 10.39 -35.72
N GLU A 283 9.10 9.07 -35.82
CA GLU A 283 9.72 8.48 -36.98
C GLU A 283 8.98 8.79 -38.28
N GLU A 284 7.65 8.75 -38.23
CA GLU A 284 6.84 9.03 -39.40
C GLU A 284 7.13 10.44 -39.87
N VAL A 285 7.36 11.34 -38.91
CA VAL A 285 7.64 12.73 -39.25
C VAL A 285 9.06 12.88 -39.79
N ILE A 286 9.99 12.08 -39.28
CA ILE A 286 11.36 12.13 -39.74
C ILE A 286 11.46 11.71 -41.22
N ASN A 287 10.72 10.68 -41.59
CA ASN A 287 10.75 10.20 -42.96
C ASN A 287 10.32 11.33 -43.85
N HIS A 288 9.23 11.97 -43.47
CA HIS A 288 8.67 13.08 -44.23
C HIS A 288 9.64 14.26 -44.36
N LEU A 289 10.11 14.77 -43.23
CA LEU A 289 11.00 15.93 -43.23
C LEU A 289 12.39 15.66 -43.80
N ALA A 290 12.94 14.48 -43.51
CA ALA A 290 14.26 14.11 -44.01
C ALA A 290 14.24 14.01 -45.54
N ALA A 291 13.10 13.60 -46.09
CA ALA A 291 12.96 13.48 -47.54
C ALA A 291 13.00 14.86 -48.19
N LYS A 292 12.76 15.89 -47.38
CA LYS A 292 12.83 17.26 -47.85
C LYS A 292 14.18 17.85 -47.52
N GLY A 293 15.08 17.03 -46.99
CA GLY A 293 16.41 17.53 -46.69
C GLY A 293 16.77 17.87 -45.24
N GLU A 294 15.79 17.86 -44.34
CA GLU A 294 16.07 18.19 -42.95
C GLU A 294 16.99 17.15 -42.32
N LYS A 295 18.00 17.63 -41.58
CA LYS A 295 18.96 16.75 -40.92
C LYS A 295 18.50 16.48 -39.49
N ILE A 296 17.52 15.60 -39.35
CA ILE A 296 16.98 15.29 -38.03
C ILE A 296 17.00 13.79 -37.78
N GLY A 297 16.94 13.43 -36.51
CA GLY A 297 16.95 12.02 -36.16
C GLY A 297 16.26 11.77 -34.84
N LEU A 298 16.15 10.50 -34.51
CA LEU A 298 15.53 10.08 -33.27
C LEU A 298 16.22 8.89 -32.66
N ILE A 299 16.43 8.94 -31.35
CA ILE A 299 16.99 7.80 -30.65
C ILE A 299 15.84 7.19 -29.84
N LYS A 300 15.50 5.96 -30.18
CA LYS A 300 14.43 5.24 -29.50
C LYS A 300 15.00 4.48 -28.29
N VAL A 301 14.49 4.78 -27.10
CA VAL A 301 14.96 4.10 -25.91
C VAL A 301 14.20 2.79 -25.73
N ARG A 302 14.92 1.67 -25.76
CA ARG A 302 14.29 0.37 -25.54
C ARG A 302 14.52 -0.02 -24.08
N LEU A 303 15.77 -0.23 -23.72
CA LEU A 303 16.09 -0.57 -22.35
C LEU A 303 16.38 0.71 -21.55
N TYR A 304 15.43 1.10 -20.70
CA TYR A 304 15.55 2.27 -19.89
C TYR A 304 16.36 2.00 -18.60
N ARG A 305 16.32 0.76 -18.11
CA ARG A 305 17.07 0.36 -16.90
C ARG A 305 17.48 -1.09 -17.01
N PRO A 306 18.79 -1.39 -16.89
CA PRO A 306 19.89 -0.45 -16.66
C PRO A 306 20.07 0.51 -17.83
N PHE A 307 20.52 1.73 -17.52
CA PHE A 307 20.76 2.73 -18.54
C PHE A 307 22.22 2.61 -18.97
N VAL A 308 22.44 2.10 -20.18
CA VAL A 308 23.80 1.88 -20.68
C VAL A 308 24.21 3.03 -21.58
N SER A 309 25.04 3.91 -21.04
CA SER A 309 25.49 5.07 -21.76
C SER A 309 26.23 4.72 -23.06
N GLU A 310 26.97 3.62 -23.05
CA GLU A 310 27.70 3.20 -24.24
C GLU A 310 26.75 2.88 -25.39
N ALA A 311 25.68 2.16 -25.10
CA ALA A 311 24.70 1.83 -26.12
C ALA A 311 23.99 3.09 -26.56
N PHE A 312 23.85 4.05 -25.66
CA PHE A 312 23.17 5.28 -26.02
C PHE A 312 24.00 6.04 -27.06
N PHE A 313 25.29 6.17 -26.80
CA PHE A 313 26.19 6.89 -27.71
C PHE A 313 26.34 6.17 -29.01
N ALA A 314 26.33 4.84 -28.97
CA ALA A 314 26.45 4.05 -30.18
C ALA A 314 25.30 4.43 -31.13
N ALA A 315 24.23 4.99 -30.58
CA ALA A 315 23.09 5.37 -31.40
C ALA A 315 23.07 6.87 -31.72
N LEU A 316 23.97 7.61 -31.10
CA LEU A 316 23.98 9.05 -31.30
C LEU A 316 24.90 9.48 -32.44
N PRO A 317 24.35 10.21 -33.43
CA PRO A 317 25.18 10.69 -34.54
C PRO A 317 26.18 11.71 -33.98
N ALA A 318 27.42 11.65 -34.44
CA ALA A 318 28.46 12.57 -33.99
C ALA A 318 28.12 14.00 -34.43
N SER A 319 27.37 14.11 -35.52
CA SER A 319 26.99 15.40 -36.06
C SER A 319 25.85 16.09 -35.31
N ALA A 320 25.30 15.42 -34.30
CA ALA A 320 24.21 16.05 -33.56
C ALA A 320 24.74 17.22 -32.74
N LYS A 321 24.11 18.38 -32.86
CA LYS A 321 24.55 19.52 -32.09
C LYS A 321 23.47 19.98 -31.10
N VAL A 322 22.24 19.55 -31.32
CA VAL A 322 21.16 19.90 -30.43
C VAL A 322 20.35 18.63 -30.20
N ILE A 323 20.18 18.28 -28.94
CA ILE A 323 19.46 17.09 -28.58
C ILE A 323 18.32 17.41 -27.65
N THR A 324 17.12 16.97 -28.01
CA THR A 324 15.94 17.18 -27.18
C THR A 324 15.46 15.85 -26.61
N VAL A 325 15.40 15.78 -25.29
CA VAL A 325 14.95 14.56 -24.63
C VAL A 325 13.48 14.77 -24.24
N LEU A 326 12.61 13.87 -24.68
CA LEU A 326 11.19 13.96 -24.35
C LEU A 326 10.81 13.03 -23.20
N ASP A 327 10.24 13.59 -22.13
CA ASP A 327 9.80 12.78 -21.00
C ASP A 327 8.27 12.84 -20.95
N ARG A 328 7.63 11.69 -20.83
CA ARG A 328 6.19 11.67 -20.78
C ARG A 328 5.74 11.65 -19.31
N THR A 329 6.24 12.60 -18.53
CA THR A 329 5.90 12.69 -17.13
C THR A 329 6.21 14.08 -16.56
N LYS A 330 5.87 14.25 -15.28
CA LYS A 330 6.14 15.49 -14.59
C LYS A 330 6.55 15.20 -13.15
N GLU A 331 7.74 15.66 -12.77
CA GLU A 331 8.18 15.47 -11.39
C GLU A 331 8.37 16.89 -10.89
N PRO A 332 7.34 17.43 -10.24
CA PRO A 332 7.38 18.79 -9.73
C PRO A 332 8.63 19.07 -8.88
N GLY A 333 9.24 20.22 -9.13
CA GLY A 333 10.42 20.59 -8.38
C GLY A 333 11.72 19.95 -8.81
N ALA A 334 11.67 18.89 -9.62
CA ALA A 334 12.92 18.26 -10.03
C ALA A 334 13.60 19.17 -11.05
N PRO A 335 14.93 19.11 -11.16
CA PRO A 335 15.64 19.96 -12.13
C PRO A 335 15.43 19.46 -13.56
N GLY A 336 14.74 18.33 -13.68
CA GLY A 336 14.49 17.78 -14.99
C GLY A 336 13.87 16.41 -14.83
N ASP A 337 13.09 16.00 -15.81
CA ASP A 337 12.47 14.70 -15.74
C ASP A 337 13.50 13.60 -15.97
N PRO A 338 13.20 12.36 -15.53
CA PRO A 338 14.04 11.16 -15.61
C PRO A 338 14.92 10.89 -16.83
N LEU A 339 14.31 10.72 -17.99
CA LEU A 339 15.07 10.44 -19.20
C LEU A 339 16.07 11.56 -19.49
N TYR A 340 15.64 12.80 -19.31
CA TYR A 340 16.50 13.94 -19.53
C TYR A 340 17.74 13.89 -18.63
N LEU A 341 17.51 13.60 -17.35
CA LEU A 341 18.61 13.52 -16.40
C LEU A 341 19.56 12.40 -16.76
N ASP A 342 19.02 11.28 -17.24
CA ASP A 342 19.87 10.16 -17.61
C ASP A 342 20.75 10.54 -18.81
N VAL A 343 20.16 11.21 -19.77
CA VAL A 343 20.94 11.59 -20.94
C VAL A 343 21.99 12.60 -20.54
N CYS A 344 21.62 13.60 -19.72
CA CYS A 344 22.59 14.59 -19.28
C CYS A 344 23.75 13.89 -18.60
N SER A 345 23.44 12.89 -17.77
CA SER A 345 24.50 12.15 -17.06
C SER A 345 25.45 11.47 -18.03
N ALA A 346 24.92 10.97 -19.16
CA ALA A 346 25.76 10.30 -20.15
C ALA A 346 26.80 11.28 -20.71
N PHE A 347 26.34 12.47 -21.04
CA PHE A 347 27.22 13.46 -21.57
C PHE A 347 28.28 13.96 -20.58
N VAL A 348 27.91 14.15 -19.33
CA VAL A 348 28.93 14.62 -18.41
C VAL A 348 29.98 13.54 -18.14
N GLU A 349 29.57 12.28 -18.04
CA GLU A 349 30.55 11.24 -17.76
C GLU A 349 31.47 10.95 -18.93
N ARG A 350 30.94 11.17 -20.14
CA ARG A 350 31.69 10.97 -21.37
C ARG A 350 32.82 12.01 -21.37
N GLY A 351 32.49 13.20 -20.88
CA GLY A 351 33.45 14.28 -20.80
C GLY A 351 34.09 14.75 -22.09
N GLU A 352 33.28 15.01 -23.10
CA GLU A 352 33.81 15.48 -24.37
C GLU A 352 32.87 16.54 -24.93
N ALA A 353 32.50 16.35 -26.19
CA ALA A 353 31.60 17.27 -26.87
C ALA A 353 30.32 17.34 -26.07
N MET A 354 29.83 18.55 -25.87
CA MET A 354 28.60 18.76 -25.14
C MET A 354 27.62 19.44 -26.07
N PRO A 355 26.78 18.67 -26.77
CA PRO A 355 25.84 19.38 -27.65
C PRO A 355 24.80 20.04 -26.76
N LYS A 356 23.97 20.90 -27.33
CA LYS A 356 22.93 21.57 -26.55
C LYS A 356 21.87 20.54 -26.23
N ILE A 357 21.57 20.37 -24.95
CA ILE A 357 20.57 19.42 -24.55
C ILE A 357 19.36 20.16 -24.02
N LEU A 358 18.21 19.78 -24.54
CA LEU A 358 16.97 20.41 -24.12
C LEU A 358 16.01 19.35 -23.62
N ALA A 359 15.15 19.76 -22.69
CA ALA A 359 14.17 18.85 -22.11
C ALA A 359 12.76 19.29 -22.51
N GLY A 360 11.96 18.32 -22.95
CA GLY A 360 10.59 18.58 -23.34
C GLY A 360 9.65 17.57 -22.70
N ARG A 361 8.47 18.03 -22.32
CA ARG A 361 7.45 17.19 -21.70
C ARG A 361 6.24 17.10 -22.64
N TYR A 362 5.68 15.92 -22.74
CA TYR A 362 4.53 15.71 -23.60
C TYR A 362 3.62 14.59 -23.14
N GLY A 363 2.49 14.46 -23.82
CA GLY A 363 1.52 13.40 -23.62
C GLY A 363 0.96 12.98 -22.28
N LEU A 364 0.89 13.88 -21.32
CA LEU A 364 0.35 13.52 -20.02
C LEU A 364 -1.11 13.14 -20.18
N GLY A 365 -1.49 12.04 -19.56
CA GLY A 365 -2.87 11.57 -19.64
C GLY A 365 -3.33 11.37 -21.06
N SER A 366 -2.47 10.73 -21.86
CA SER A 366 -2.74 10.46 -23.26
C SER A 366 -2.98 11.70 -24.11
N LYS A 367 -2.44 12.84 -23.68
CA LYS A 367 -2.58 14.06 -24.50
C LYS A 367 -1.98 13.69 -25.84
N GLU A 368 -2.59 14.17 -26.92
CA GLU A 368 -2.09 13.89 -28.26
C GLU A 368 -0.65 14.33 -28.46
N PHE A 369 0.11 13.54 -29.18
CA PHE A 369 1.45 13.92 -29.54
C PHE A 369 1.38 13.69 -31.05
N SER A 370 0.97 14.73 -31.77
CA SER A 370 0.78 14.65 -33.21
C SER A 370 2.01 15.10 -34.02
N PRO A 371 1.97 14.89 -35.35
CA PRO A 371 3.08 15.27 -36.24
C PRO A 371 3.45 16.74 -36.11
N ALA A 372 2.43 17.60 -36.01
CA ALA A 372 2.66 19.04 -35.88
C ALA A 372 3.46 19.33 -34.60
N MET A 373 3.22 18.55 -33.56
CA MET A 373 3.94 18.74 -32.30
C MET A 373 5.39 18.30 -32.47
N VAL A 374 5.62 17.28 -33.30
CA VAL A 374 6.99 16.83 -33.52
C VAL A 374 7.69 17.95 -34.28
N LYS A 375 6.96 18.57 -35.20
CA LYS A 375 7.51 19.68 -35.98
C LYS A 375 7.90 20.76 -34.99
N SER A 376 7.03 21.06 -34.04
CA SER A 376 7.36 22.06 -33.03
C SER A 376 8.69 21.73 -32.36
N VAL A 377 8.83 20.48 -31.92
CA VAL A 377 10.05 20.06 -31.24
C VAL A 377 11.28 20.22 -32.08
N TYR A 378 11.19 19.90 -33.37
CA TYR A 378 12.35 20.05 -34.23
C TYR A 378 12.59 21.53 -34.52
N ASP A 379 11.51 22.29 -34.73
CA ASP A 379 11.68 23.70 -35.00
C ASP A 379 12.27 24.39 -33.78
N ASN A 380 11.88 23.94 -32.59
CA ASN A 380 12.44 24.56 -31.41
C ASN A 380 13.95 24.42 -31.39
N MET A 381 14.46 23.27 -31.80
CA MET A 381 15.90 23.03 -31.80
C MET A 381 16.73 23.87 -32.76
N SER A 382 16.10 24.40 -33.81
CA SER A 382 16.80 25.25 -34.75
C SER A 382 16.40 26.70 -34.53
N GLY A 383 15.40 26.90 -33.67
CA GLY A 383 14.89 28.23 -33.39
C GLY A 383 15.21 28.78 -32.00
N ALA A 384 14.17 29.09 -31.24
CA ALA A 384 14.33 29.66 -29.89
C ALA A 384 15.16 28.77 -28.96
N LYS A 385 14.90 27.47 -29.04
CA LYS A 385 15.60 26.50 -28.21
C LYS A 385 15.14 26.59 -26.77
N LYS A 386 13.83 26.79 -26.59
CA LYS A 386 13.28 26.87 -25.25
C LYS A 386 13.61 25.56 -24.54
N ASN A 387 13.93 25.64 -23.26
CA ASN A 387 14.25 24.44 -22.48
C ASN A 387 13.09 24.15 -21.53
N HIS A 388 13.03 22.93 -21.01
CA HIS A 388 11.95 22.53 -20.09
C HIS A 388 10.60 23.01 -20.61
N PHE A 389 10.31 22.66 -21.86
CA PHE A 389 9.06 23.09 -22.48
C PHE A 389 8.01 21.98 -22.37
N THR A 390 6.79 22.34 -22.69
CA THR A 390 5.70 21.39 -22.73
C THR A 390 5.17 21.54 -24.15
N VAL A 391 4.59 20.47 -24.68
CA VAL A 391 4.04 20.52 -26.02
C VAL A 391 2.75 19.71 -26.06
N GLY A 392 1.70 20.35 -26.58
CA GLY A 392 0.40 19.71 -26.65
C GLY A 392 -0.59 20.53 -25.85
N ILE A 393 -0.08 21.54 -25.13
CA ILE A 393 -0.93 22.40 -24.34
C ILE A 393 -0.50 23.83 -24.55
N GLU A 394 -1.36 24.76 -24.15
CA GLU A 394 -1.01 26.16 -24.24
C GLU A 394 -0.76 26.59 -22.79
N ASP A 395 0.49 26.75 -22.41
CA ASP A 395 0.75 27.19 -21.05
C ASP A 395 0.85 28.68 -21.01
N ASP A 396 -0.29 29.34 -20.84
CA ASP A 396 -0.31 30.79 -20.79
C ASP A 396 -0.10 31.29 -19.36
N VAL A 397 0.27 30.39 -18.45
CA VAL A 397 0.49 30.79 -17.07
C VAL A 397 1.98 30.90 -16.80
N THR A 398 2.76 29.88 -17.18
CA THR A 398 4.20 29.97 -16.96
C THR A 398 4.95 30.07 -18.27
N GLY A 399 4.22 30.02 -19.38
CA GLY A 399 4.81 30.13 -20.70
C GLY A 399 5.87 29.11 -21.07
N THR A 400 5.64 27.84 -20.75
CA THR A 400 6.60 26.76 -21.05
C THR A 400 6.25 26.00 -22.34
N SER A 401 5.08 26.27 -22.91
CA SER A 401 4.64 25.57 -24.11
C SER A 401 5.21 26.05 -25.46
N LEU A 402 5.43 25.09 -26.34
CA LEU A 402 5.92 25.36 -27.67
C LEU A 402 4.71 25.65 -28.51
N PRO A 403 4.77 26.68 -29.33
CA PRO A 403 3.59 26.96 -30.15
C PRO A 403 3.47 25.82 -31.16
N VAL A 404 2.24 25.46 -31.54
CA VAL A 404 2.03 24.37 -32.48
C VAL A 404 1.20 24.78 -33.69
N ASP A 405 1.81 24.67 -34.88
CA ASP A 405 1.14 25.03 -36.11
C ASP A 405 0.39 23.82 -36.69
N ASN A 406 -0.92 23.78 -36.49
CA ASN A 406 -1.74 22.67 -36.93
C ASN A 406 -2.01 22.56 -38.42
N ALA A 407 -1.41 23.46 -39.19
CA ALA A 407 -1.56 23.44 -40.63
C ALA A 407 -0.49 22.50 -41.18
N PHE A 408 0.27 21.89 -40.27
CA PHE A 408 1.33 20.97 -40.70
C PHE A 408 0.74 19.94 -41.65
N ALA A 409 1.51 19.59 -42.67
CA ALA A 409 1.05 18.63 -43.67
C ALA A 409 0.86 17.22 -43.13
N ASP A 410 -0.10 16.51 -43.71
CA ASP A 410 -0.38 15.13 -43.33
C ASP A 410 0.91 14.36 -43.63
N THR A 411 1.39 13.56 -42.68
CA THR A 411 2.62 12.83 -42.91
C THR A 411 2.47 11.32 -43.01
N THR A 412 1.24 10.81 -43.10
CA THR A 412 1.05 9.37 -43.21
C THR A 412 1.64 8.91 -44.54
N PRO A 413 2.21 7.70 -44.60
CA PRO A 413 2.79 7.19 -45.84
C PRO A 413 1.86 7.30 -47.05
N LYS A 414 2.46 7.32 -48.23
CA LYS A 414 1.72 7.42 -49.47
C LYS A 414 0.76 6.23 -49.61
N GLY A 415 -0.52 6.52 -49.82
CA GLY A 415 -1.48 5.44 -50.00
C GLY A 415 -2.27 5.02 -48.77
N THR A 416 -2.17 5.80 -47.69
CA THR A 416 -2.90 5.46 -46.48
C THR A 416 -4.30 6.04 -46.50
N ILE A 417 -5.29 5.21 -46.26
CA ILE A 417 -6.67 5.69 -46.22
C ILE A 417 -7.05 5.83 -44.75
N GLN A 418 -7.51 7.03 -44.37
CA GLN A 418 -7.85 7.33 -42.99
C GLN A 418 -9.34 7.53 -42.79
N CYS A 419 -9.88 6.91 -41.74
CA CYS A 419 -11.31 7.02 -41.48
C CYS A 419 -11.69 7.38 -40.06
N GLN A 420 -12.83 8.05 -39.93
CA GLN A 420 -13.36 8.44 -38.62
C GLN A 420 -14.84 8.11 -38.61
N PHE A 421 -15.31 7.50 -37.53
CA PHE A 421 -16.72 7.16 -37.39
C PHE A 421 -17.23 7.74 -36.07
N TRP A 422 -18.32 8.48 -36.16
CA TRP A 422 -18.95 9.11 -35.01
C TRP A 422 -20.16 8.26 -34.67
N GLY A 423 -20.09 7.55 -33.56
CA GLY A 423 -21.19 6.70 -33.17
C GLY A 423 -21.83 7.04 -31.86
N LEU A 424 -22.99 6.44 -31.62
CA LEU A 424 -23.74 6.63 -30.39
C LEU A 424 -23.61 5.35 -29.56
N GLY A 425 -23.61 5.52 -28.25
CA GLY A 425 -23.48 4.37 -27.37
C GLY A 425 -24.33 3.17 -27.73
N ALA A 426 -23.69 2.02 -27.83
CA ALA A 426 -24.37 0.77 -28.12
C ALA A 426 -25.09 0.67 -29.47
N ASP A 427 -24.65 1.43 -30.47
CA ASP A 427 -25.26 1.33 -31.78
C ASP A 427 -24.43 0.37 -32.65
N GLY A 428 -23.46 -0.28 -32.02
CA GLY A 428 -22.63 -1.25 -32.71
C GLY A 428 -21.59 -0.73 -33.69
N THR A 429 -21.35 0.58 -33.68
CA THR A 429 -20.39 1.17 -34.59
C THR A 429 -18.97 0.64 -34.36
N VAL A 430 -18.51 0.68 -33.10
CA VAL A 430 -17.18 0.22 -32.74
C VAL A 430 -17.00 -1.24 -33.09
N GLY A 431 -18.01 -2.05 -32.79
CA GLY A 431 -17.93 -3.47 -33.07
C GLY A 431 -17.78 -3.76 -34.55
N ALA A 432 -18.42 -2.97 -35.39
CA ALA A 432 -18.34 -3.17 -36.83
C ALA A 432 -16.98 -2.70 -37.37
N ASN A 433 -16.39 -1.70 -36.71
CA ASN A 433 -15.08 -1.20 -37.11
C ASN A 433 -14.03 -2.26 -36.80
N LYS A 434 -14.16 -2.88 -35.64
CA LYS A 434 -13.22 -3.93 -35.22
C LYS A 434 -13.38 -5.13 -36.14
N GLN A 435 -14.60 -5.36 -36.61
CA GLN A 435 -14.84 -6.47 -37.51
C GLN A 435 -14.30 -6.13 -38.89
N ALA A 436 -14.45 -4.87 -39.28
CA ALA A 436 -13.96 -4.42 -40.57
C ALA A 436 -12.44 -4.52 -40.61
N ILE A 437 -11.80 -4.25 -39.49
CA ILE A 437 -10.35 -4.33 -39.40
C ILE A 437 -9.92 -5.78 -39.54
N LYS A 438 -10.66 -6.70 -38.93
CA LYS A 438 -10.33 -8.12 -39.01
C LYS A 438 -10.51 -8.64 -40.43
N ILE A 439 -11.66 -8.32 -41.02
CA ILE A 439 -11.95 -8.75 -42.37
C ILE A 439 -10.91 -8.30 -43.39
N ILE A 440 -10.64 -6.99 -43.39
CA ILE A 440 -9.67 -6.37 -44.28
C ILE A 440 -8.24 -6.87 -44.06
N GLY A 441 -7.87 -7.09 -42.80
CA GLY A 441 -6.53 -7.56 -42.50
C GLY A 441 -6.27 -9.01 -42.85
N ASP A 442 -7.29 -9.84 -42.74
CA ASP A 442 -7.16 -11.27 -43.04
C ASP A 442 -7.29 -11.55 -44.53
N ASN A 443 -7.78 -10.58 -45.30
CA ASN A 443 -7.97 -10.79 -46.73
C ASN A 443 -7.23 -9.86 -47.68
N THR A 444 -6.25 -9.14 -47.16
CA THR A 444 -5.44 -8.24 -47.99
C THR A 444 -4.05 -8.20 -47.40
N ASP A 445 -3.14 -7.49 -48.06
CA ASP A 445 -1.76 -7.38 -47.59
C ASP A 445 -1.61 -6.05 -46.89
N LEU A 446 -2.73 -5.33 -46.79
CA LEU A 446 -2.76 -4.03 -46.16
C LEU A 446 -2.53 -4.10 -44.65
N PHE A 447 -1.89 -3.06 -44.12
CA PHE A 447 -1.68 -2.97 -42.70
C PHE A 447 -2.91 -2.24 -42.26
N ALA A 448 -3.41 -2.58 -41.08
CA ALA A 448 -4.59 -1.93 -40.55
C ALA A 448 -4.37 -1.46 -39.12
N GLN A 449 -4.97 -0.33 -38.78
CA GLN A 449 -4.86 0.23 -37.46
C GLN A 449 -6.20 0.79 -37.01
N GLY A 450 -6.53 0.55 -35.74
CA GLY A 450 -7.78 1.04 -35.20
C GLY A 450 -7.57 1.56 -33.79
N TYR A 451 -8.25 2.66 -33.47
CA TYR A 451 -8.13 3.24 -32.15
C TYR A 451 -9.49 3.86 -31.88
N PHE A 452 -9.96 3.80 -30.63
CA PHE A 452 -11.28 4.31 -30.32
C PHE A 452 -11.39 5.30 -29.17
N SER A 453 -12.09 6.41 -29.40
CA SER A 453 -12.28 7.41 -28.36
C SER A 453 -13.67 7.21 -27.80
N TYR A 454 -13.80 7.14 -26.48
CA TYR A 454 -15.11 6.96 -25.91
C TYR A 454 -15.54 8.20 -25.15
N ASP A 455 -16.70 8.10 -24.51
CA ASP A 455 -17.29 9.19 -23.77
C ASP A 455 -17.17 8.90 -22.26
N SER A 456 -17.09 9.95 -21.45
CA SER A 456 -17.03 9.76 -20.01
C SER A 456 -18.42 9.33 -19.61
N LYS A 457 -19.40 9.62 -20.47
CA LYS A 457 -20.79 9.24 -20.22
C LYS A 457 -20.93 7.73 -20.47
N LYS A 458 -21.58 7.03 -19.54
CA LYS A 458 -21.75 5.60 -19.66
C LYS A 458 -22.94 5.20 -20.53
N SER A 459 -23.85 6.14 -20.76
CA SER A 459 -25.05 5.85 -21.53
C SER A 459 -25.34 6.95 -22.55
N GLY A 460 -25.58 6.56 -23.80
CA GLY A 460 -25.86 7.52 -24.84
C GLY A 460 -24.60 8.33 -25.14
N GLY A 461 -23.45 7.73 -24.82
CA GLY A 461 -22.18 8.42 -25.03
C GLY A 461 -21.80 8.45 -26.50
N ILE A 462 -20.90 9.34 -26.87
CA ILE A 462 -20.50 9.39 -28.25
C ILE A 462 -19.16 8.70 -28.37
N THR A 463 -19.01 7.94 -29.44
CA THR A 463 -17.78 7.22 -29.72
C THR A 463 -17.23 7.75 -31.03
N ILE A 464 -15.90 7.76 -31.15
CA ILE A 464 -15.27 8.18 -32.39
C ILE A 464 -14.20 7.17 -32.74
N SER A 465 -14.36 6.52 -33.89
CA SER A 465 -13.41 5.51 -34.34
C SER A 465 -12.41 6.10 -35.31
N HIS A 466 -11.14 5.77 -35.12
CA HIS A 466 -10.11 6.22 -36.03
C HIS A 466 -9.47 4.97 -36.63
N LEU A 467 -9.64 4.79 -37.93
CA LEU A 467 -9.06 3.65 -38.64
C LEU A 467 -8.15 4.10 -39.78
N ARG A 468 -7.11 3.31 -39.99
CA ARG A 468 -6.16 3.58 -41.05
C ARG A 468 -5.82 2.26 -41.71
N PHE A 469 -5.73 2.31 -43.03
CA PHE A 469 -5.41 1.15 -43.85
C PHE A 469 -4.36 1.61 -44.83
N GLY A 470 -3.34 0.78 -45.02
CA GLY A 470 -2.30 1.16 -45.95
C GLY A 470 -1.39 0.05 -46.39
N GLU A 471 -0.66 0.31 -47.47
CA GLU A 471 0.26 -0.65 -48.03
C GLU A 471 1.59 -0.61 -47.26
N LYS A 472 1.79 0.46 -46.48
CA LYS A 472 3.01 0.65 -45.69
C LYS A 472 2.68 0.58 -44.20
N PRO A 473 3.66 0.16 -43.36
CA PRO A 473 3.42 0.08 -41.91
C PRO A 473 2.82 1.39 -41.39
N ILE A 474 1.82 1.28 -40.53
CA ILE A 474 1.17 2.46 -39.97
C ILE A 474 1.77 2.81 -38.61
N GLN A 475 2.56 3.87 -38.58
CA GLN A 475 3.24 4.35 -37.38
C GLN A 475 2.51 5.53 -36.75
N SER A 476 1.30 5.81 -37.22
CA SER A 476 0.53 6.94 -36.74
C SER A 476 -0.07 6.70 -35.38
N THR A 477 0.68 7.00 -34.31
CA THR A 477 0.13 6.81 -32.98
C THR A 477 -0.47 8.14 -32.48
N TYR A 478 -1.47 8.60 -33.21
CA TYR A 478 -2.18 9.82 -32.89
C TYR A 478 -3.49 9.68 -33.64
N LEU A 479 -4.49 10.48 -33.28
CA LEU A 479 -5.78 10.39 -33.93
C LEU A 479 -5.74 10.85 -35.39
N VAL A 480 -6.76 10.51 -36.14
CA VAL A 480 -6.85 10.92 -37.53
C VAL A 480 -7.32 12.38 -37.52
N ASN A 481 -6.66 13.27 -38.27
CA ASN A 481 -7.12 14.65 -38.29
C ASN A 481 -7.45 15.16 -39.68
N ARG A 482 -7.11 14.36 -40.70
CA ARG A 482 -7.37 14.65 -42.10
C ARG A 482 -7.88 13.35 -42.70
N ALA A 483 -9.16 13.07 -42.50
CA ALA A 483 -9.75 11.83 -42.97
C ALA A 483 -10.23 11.82 -44.42
N ASP A 484 -10.11 10.66 -45.05
CA ASP A 484 -10.55 10.46 -46.43
C ASP A 484 -12.03 10.11 -46.35
N TYR A 485 -12.38 9.38 -45.31
CA TYR A 485 -13.73 8.93 -45.11
C TYR A 485 -14.19 9.33 -43.71
N VAL A 486 -15.36 9.96 -43.63
CA VAL A 486 -15.93 10.36 -42.37
C VAL A 486 -17.38 9.90 -42.36
N ALA A 487 -17.77 9.20 -41.31
CA ALA A 487 -19.13 8.73 -41.17
C ALA A 487 -19.73 9.17 -39.83
N CYS A 488 -20.93 9.72 -39.91
CA CYS A 488 -21.66 10.16 -38.72
C CYS A 488 -22.87 9.24 -38.62
N HIS A 489 -22.86 8.36 -37.63
CA HIS A 489 -23.94 7.39 -37.44
C HIS A 489 -25.12 7.87 -36.60
N ASN A 490 -25.00 9.08 -36.07
CA ASN A 490 -26.08 9.64 -35.26
C ASN A 490 -26.40 11.01 -35.84
N PRO A 491 -27.59 11.17 -36.44
CA PRO A 491 -27.93 12.48 -37.02
C PRO A 491 -27.97 13.61 -36.00
N ALA A 492 -28.13 13.28 -34.72
CA ALA A 492 -28.16 14.31 -33.69
C ALA A 492 -26.83 15.08 -33.63
N TYR A 493 -25.73 14.40 -33.94
CA TYR A 493 -24.41 15.03 -33.89
C TYR A 493 -24.22 16.20 -34.85
N VAL A 494 -24.79 16.05 -36.05
CA VAL A 494 -24.72 17.06 -37.10
C VAL A 494 -24.66 18.53 -36.65
N GLY A 495 -25.64 18.92 -35.85
CA GLY A 495 -25.67 20.30 -35.40
C GLY A 495 -24.78 20.66 -34.24
N ILE A 496 -24.45 19.71 -33.38
CA ILE A 496 -23.63 20.02 -32.22
C ILE A 496 -22.10 19.85 -32.29
N TYR A 497 -21.59 18.83 -32.98
CA TYR A 497 -20.13 18.62 -33.06
C TYR A 497 -19.49 18.92 -34.40
N ASP A 498 -18.25 19.37 -34.38
CA ASP A 498 -17.53 19.69 -35.62
C ASP A 498 -17.12 18.38 -36.30
N ILE A 499 -18.09 17.69 -36.89
CA ILE A 499 -17.82 16.40 -37.52
C ILE A 499 -16.97 16.34 -38.77
N LEU A 500 -16.98 17.38 -39.60
CA LEU A 500 -16.19 17.35 -40.82
C LEU A 500 -14.82 18.00 -40.69
N GLU A 501 -14.44 18.37 -39.47
CA GLU A 501 -13.15 18.99 -39.25
C GLU A 501 -12.00 18.26 -39.94
N GLY A 502 -11.18 19.02 -40.66
CA GLY A 502 -10.03 18.46 -41.35
C GLY A 502 -10.25 17.42 -42.43
N ILE A 503 -11.51 17.11 -42.74
CA ILE A 503 -11.76 16.12 -43.79
C ILE A 503 -11.10 16.60 -45.08
N LYS A 504 -10.45 15.69 -45.80
CA LYS A 504 -9.78 16.05 -47.06
C LYS A 504 -10.75 16.58 -48.11
N ASP A 505 -10.21 17.26 -49.11
CA ASP A 505 -11.03 17.75 -50.20
C ASP A 505 -11.37 16.52 -51.01
N GLY A 506 -12.62 16.42 -51.48
CA GLY A 506 -13.03 15.27 -52.25
C GLY A 506 -13.27 14.04 -51.40
N GLY A 507 -13.13 14.22 -50.09
CA GLY A 507 -13.34 13.10 -49.19
C GLY A 507 -14.81 12.70 -49.17
N THR A 508 -15.07 11.50 -48.67
CA THR A 508 -16.41 10.97 -48.59
C THR A 508 -17.03 11.22 -47.22
N PHE A 509 -18.25 11.76 -47.20
CA PHE A 509 -18.96 12.02 -45.95
C PHE A 509 -20.26 11.25 -45.99
N VAL A 510 -20.35 10.20 -45.18
CA VAL A 510 -21.56 9.40 -45.12
C VAL A 510 -22.35 9.81 -43.88
N LEU A 511 -23.65 9.98 -44.03
CA LEU A 511 -24.48 10.37 -42.91
C LEU A 511 -25.71 9.51 -42.75
N ASN A 512 -26.00 9.15 -41.50
CA ASN A 512 -27.18 8.36 -41.18
C ASN A 512 -28.24 9.40 -40.78
N SER A 513 -29.33 9.47 -41.53
CA SER A 513 -30.40 10.41 -41.22
C SER A 513 -31.61 10.12 -42.09
N PRO A 514 -32.77 10.64 -41.69
CA PRO A 514 -33.99 10.43 -42.47
C PRO A 514 -34.26 11.63 -43.38
N TRP A 515 -33.26 12.49 -43.55
CA TRP A 515 -33.41 13.68 -44.38
C TRP A 515 -33.07 13.42 -45.84
N SER A 516 -33.81 12.50 -46.45
CA SER A 516 -33.62 12.10 -47.85
C SER A 516 -33.87 13.23 -48.85
N SER A 517 -34.92 14.02 -48.63
CA SER A 517 -35.29 15.11 -49.53
C SER A 517 -34.42 16.34 -49.34
N LEU A 518 -34.08 17.00 -50.45
CA LEU A 518 -33.26 18.20 -50.41
C LEU A 518 -33.81 19.25 -49.46
N GLU A 519 -35.13 19.34 -49.37
CA GLU A 519 -35.72 20.33 -48.47
C GLU A 519 -35.50 19.90 -47.03
N ASP A 520 -35.66 18.61 -46.76
CA ASP A 520 -35.45 18.11 -45.40
C ASP A 520 -33.98 18.34 -45.01
N MET A 521 -33.06 18.01 -45.91
CA MET A 521 -31.65 18.20 -45.64
C MET A 521 -31.39 19.69 -45.37
N ASP A 522 -31.76 20.55 -46.31
CA ASP A 522 -31.58 22.00 -46.16
C ASP A 522 -32.14 22.50 -44.83
N LYS A 523 -33.16 21.81 -44.33
CA LYS A 523 -33.82 22.17 -43.08
C LYS A 523 -33.04 21.78 -41.83
N HIS A 524 -32.27 20.68 -41.90
CA HIS A 524 -31.51 20.22 -40.74
C HIS A 524 -30.01 20.47 -40.80
N LEU A 525 -29.42 20.25 -41.96
CA LEU A 525 -27.98 20.44 -42.11
C LEU A 525 -27.56 21.88 -41.82
N PRO A 526 -26.73 22.08 -40.80
CA PRO A 526 -26.26 23.41 -40.44
C PRO A 526 -25.54 24.06 -41.63
N SER A 527 -25.55 25.39 -41.67
CA SER A 527 -24.90 26.11 -42.75
C SER A 527 -23.45 25.71 -42.89
N GLY A 528 -22.73 25.69 -41.77
CA GLY A 528 -21.32 25.35 -41.77
C GLY A 528 -20.99 24.07 -42.51
N ILE A 529 -21.80 23.04 -42.31
CA ILE A 529 -21.58 21.76 -42.98
C ILE A 529 -21.82 21.87 -44.47
N LYS A 530 -22.92 22.52 -44.85
CA LYS A 530 -23.25 22.71 -46.25
C LYS A 530 -22.08 23.40 -46.96
N ARG A 531 -21.58 24.47 -46.35
CA ARG A 531 -20.47 25.19 -46.93
C ARG A 531 -19.22 24.31 -47.05
N THR A 532 -18.98 23.49 -46.04
CA THR A 532 -17.83 22.59 -46.05
C THR A 532 -17.97 21.54 -47.16
N ILE A 533 -19.13 20.90 -47.22
CA ILE A 533 -19.35 19.89 -48.24
C ILE A 533 -19.15 20.53 -49.60
N ALA A 534 -19.70 21.74 -49.76
CA ALA A 534 -19.62 22.50 -51.00
C ALA A 534 -18.20 22.84 -51.40
N ASN A 535 -17.54 23.66 -50.58
CA ASN A 535 -16.19 24.08 -50.88
C ASN A 535 -15.13 22.99 -50.96
N LYS A 536 -15.45 21.78 -50.50
CA LYS A 536 -14.45 20.72 -50.56
C LYS A 536 -14.82 19.67 -51.60
N LYS A 537 -15.92 19.89 -52.30
CA LYS A 537 -16.40 18.94 -53.30
C LYS A 537 -16.45 17.57 -52.66
N LEU A 538 -17.08 17.48 -51.49
CA LEU A 538 -17.19 16.21 -50.79
C LEU A 538 -18.17 15.27 -51.46
N LYS A 539 -17.91 13.98 -51.35
CA LYS A 539 -18.79 12.97 -51.88
C LYS A 539 -19.78 12.71 -50.74
N PHE A 540 -20.79 13.56 -50.66
CA PHE A 540 -21.79 13.46 -49.61
C PHE A 540 -22.87 12.42 -49.91
N TYR A 541 -23.07 11.52 -48.96
CA TYR A 541 -24.07 10.46 -49.07
C TYR A 541 -24.98 10.52 -47.86
N ASN A 542 -26.27 10.26 -48.04
CA ASN A 542 -27.18 10.23 -46.91
C ASN A 542 -27.87 8.89 -47.01
N ILE A 543 -28.10 8.26 -45.87
CA ILE A 543 -28.76 6.97 -45.86
C ILE A 543 -29.60 6.76 -44.61
N ASP A 544 -30.89 6.55 -44.82
CA ASP A 544 -31.80 6.34 -43.72
C ASP A 544 -31.53 4.95 -43.20
N ALA A 545 -30.43 4.80 -42.47
CA ALA A 545 -30.08 3.49 -41.94
C ALA A 545 -31.24 2.92 -41.14
N VAL A 546 -31.94 3.77 -40.41
CA VAL A 546 -33.06 3.30 -39.61
C VAL A 546 -34.26 2.78 -40.40
N LYS A 547 -34.51 3.32 -41.59
CA LYS A 547 -35.65 2.84 -42.39
C LYS A 547 -35.31 1.51 -43.05
N ILE A 548 -34.08 1.39 -43.52
CA ILE A 548 -33.67 0.16 -44.16
C ILE A 548 -33.63 -0.99 -43.15
N ALA A 549 -33.05 -0.74 -41.98
CA ALA A 549 -32.97 -1.77 -40.94
C ALA A 549 -34.37 -2.23 -40.53
N THR A 550 -35.29 -1.29 -40.43
CA THR A 550 -36.66 -1.62 -40.05
C THR A 550 -37.28 -2.52 -41.12
N ASP A 551 -37.26 -2.05 -42.37
CA ASP A 551 -37.83 -2.79 -43.49
C ASP A 551 -37.29 -4.21 -43.65
N VAL A 552 -35.97 -4.38 -43.66
CA VAL A 552 -35.41 -5.72 -43.81
C VAL A 552 -35.68 -6.56 -42.57
N GLY A 553 -36.23 -5.95 -41.54
CA GLY A 553 -36.53 -6.67 -40.31
C GLY A 553 -35.56 -6.53 -39.16
N LEU A 554 -34.48 -5.77 -39.34
CA LEU A 554 -33.49 -5.59 -38.30
C LEU A 554 -33.91 -4.61 -37.21
N GLY A 555 -35.13 -4.11 -37.32
CA GLY A 555 -35.65 -3.16 -36.33
C GLY A 555 -34.77 -1.98 -35.96
N GLY A 556 -34.66 -1.01 -36.85
CA GLY A 556 -33.86 0.18 -36.57
C GLY A 556 -32.39 -0.01 -36.26
N ARG A 557 -31.94 -1.26 -36.11
CA ARG A 557 -30.55 -1.55 -35.81
C ARG A 557 -29.70 -1.24 -37.06
N ILE A 558 -28.94 -0.14 -37.00
CA ILE A 558 -28.14 0.34 -38.11
C ILE A 558 -26.73 -0.19 -38.39
N ASN A 559 -26.14 -0.95 -37.47
CA ASN A 559 -24.76 -1.38 -37.69
C ASN A 559 -24.44 -1.99 -39.05
N MET A 560 -25.27 -2.91 -39.53
CA MET A 560 -25.00 -3.56 -40.81
C MET A 560 -25.04 -2.57 -41.98
N ILE A 561 -25.99 -1.64 -41.95
CA ILE A 561 -26.11 -0.68 -43.04
C ILE A 561 -24.88 0.25 -43.12
N MET A 562 -24.45 0.77 -41.97
CA MET A 562 -23.29 1.67 -41.94
C MET A 562 -22.03 0.88 -42.26
N GLN A 563 -22.01 -0.37 -41.84
CA GLN A 563 -20.88 -1.25 -42.12
C GLN A 563 -20.75 -1.34 -43.65
N THR A 564 -21.87 -1.59 -44.31
CA THR A 564 -21.90 -1.69 -45.77
C THR A 564 -21.39 -0.40 -46.40
N ALA A 565 -21.84 0.73 -45.86
CA ALA A 565 -21.41 2.04 -46.36
C ALA A 565 -19.90 2.15 -46.37
N PHE A 566 -19.26 1.68 -45.30
CA PHE A 566 -17.81 1.73 -45.21
C PHE A 566 -17.16 0.85 -46.28
N PHE A 567 -17.57 -0.42 -46.34
CA PHE A 567 -17.02 -1.35 -47.32
C PHE A 567 -17.24 -0.94 -48.76
N LYS A 568 -18.24 -0.10 -48.99
CA LYS A 568 -18.54 0.34 -50.34
C LYS A 568 -17.87 1.68 -50.72
N LEU A 569 -17.93 2.65 -49.81
CA LEU A 569 -17.37 3.98 -50.09
C LEU A 569 -16.00 4.37 -49.57
N ALA A 570 -15.51 3.71 -48.52
CA ALA A 570 -14.21 4.08 -47.97
C ALA A 570 -13.09 3.93 -48.99
N GLY A 571 -13.27 3.00 -49.91
CA GLY A 571 -12.27 2.79 -50.94
C GLY A 571 -10.99 2.09 -50.53
N VAL A 572 -11.04 1.22 -49.53
CA VAL A 572 -9.83 0.52 -49.15
C VAL A 572 -9.81 -0.82 -49.89
N LEU A 573 -10.97 -1.18 -50.43
CA LEU A 573 -11.11 -2.41 -51.18
C LEU A 573 -12.01 -2.24 -52.39
N PRO A 574 -11.81 -3.07 -53.43
CA PRO A 574 -12.65 -2.97 -54.63
C PRO A 574 -14.05 -3.46 -54.26
N PHE A 575 -15.06 -2.83 -54.85
CA PHE A 575 -16.46 -3.17 -54.58
C PHE A 575 -16.78 -4.67 -54.56
N GLU A 576 -16.44 -5.37 -55.63
CA GLU A 576 -16.71 -6.81 -55.72
C GLU A 576 -16.21 -7.61 -54.52
N LYS A 577 -14.92 -7.51 -54.26
CA LYS A 577 -14.30 -8.23 -53.13
C LYS A 577 -14.93 -7.80 -51.80
N ALA A 578 -15.19 -6.51 -51.64
CA ALA A 578 -15.78 -5.97 -50.42
C ALA A 578 -17.12 -6.61 -50.08
N VAL A 579 -18.13 -6.32 -50.89
CA VAL A 579 -19.47 -6.87 -50.66
C VAL A 579 -19.41 -8.38 -50.52
N ASP A 580 -18.45 -8.99 -51.20
CA ASP A 580 -18.25 -10.43 -51.15
C ASP A 580 -17.79 -10.80 -49.73
N LEU A 581 -16.64 -10.27 -49.34
CA LEU A 581 -16.07 -10.51 -48.03
C LEU A 581 -17.06 -10.19 -46.91
N LEU A 582 -17.72 -9.04 -47.02
CA LEU A 582 -18.69 -8.65 -46.00
C LEU A 582 -19.75 -9.73 -45.87
N LYS A 583 -20.27 -10.20 -47.00
CA LYS A 583 -21.28 -11.23 -46.95
C LYS A 583 -20.75 -12.53 -46.37
N LYS A 584 -19.63 -13.03 -46.89
CA LYS A 584 -19.05 -14.27 -46.37
C LYS A 584 -19.00 -14.22 -44.83
N SER A 585 -18.56 -13.09 -44.31
CA SER A 585 -18.44 -12.90 -42.86
C SER A 585 -19.77 -12.92 -42.12
N ILE A 586 -20.82 -12.39 -42.75
CA ILE A 586 -22.13 -12.39 -42.11
C ILE A 586 -22.57 -13.82 -41.87
N HIS A 587 -22.18 -14.71 -42.78
CA HIS A 587 -22.51 -16.12 -42.62
C HIS A 587 -21.61 -16.67 -41.52
N LYS A 588 -20.35 -16.24 -41.53
CA LYS A 588 -19.40 -16.66 -40.50
C LYS A 588 -20.05 -16.37 -39.17
N ALA A 589 -20.11 -15.09 -38.81
CA ALA A 589 -20.75 -14.67 -37.58
C ALA A 589 -22.21 -15.05 -37.78
N TYR A 590 -23.08 -14.64 -36.87
CA TYR A 590 -24.49 -14.98 -37.00
C TYR A 590 -24.58 -16.46 -37.37
N GLY A 591 -25.22 -16.77 -38.50
CA GLY A 591 -25.36 -18.15 -38.89
C GLY A 591 -26.01 -18.97 -37.79
N LYS A 592 -26.39 -18.27 -36.71
CA LYS A 592 -27.04 -18.90 -35.57
C LYS A 592 -28.48 -19.21 -35.91
N LYS A 593 -29.40 -18.79 -35.04
CA LYS A 593 -30.82 -19.03 -35.23
C LYS A 593 -31.27 -18.92 -36.68
N GLY A 594 -31.32 -20.08 -37.34
CA GLY A 594 -31.74 -20.15 -38.73
C GLY A 594 -31.08 -19.21 -39.72
N GLU A 595 -31.44 -19.40 -40.98
CA GLU A 595 -30.93 -18.59 -42.08
C GLU A 595 -31.70 -17.28 -42.14
N LYS A 596 -32.73 -17.15 -41.31
CA LYS A 596 -33.53 -15.93 -41.33
C LYS A 596 -32.77 -14.71 -40.85
N ILE A 597 -32.01 -14.85 -39.76
CA ILE A 597 -31.25 -13.72 -39.25
C ILE A 597 -30.10 -13.40 -40.20
N VAL A 598 -29.70 -14.38 -41.00
CA VAL A 598 -28.63 -14.21 -41.97
C VAL A 598 -29.16 -13.48 -43.20
N LYS A 599 -30.39 -13.80 -43.56
CA LYS A 599 -31.07 -13.19 -44.71
C LYS A 599 -31.28 -11.70 -44.52
N MET A 600 -31.79 -11.31 -43.35
CA MET A 600 -32.04 -9.91 -43.04
C MET A 600 -30.74 -9.12 -43.19
N ASN A 601 -29.65 -9.67 -42.66
CA ASN A 601 -28.37 -9.00 -42.74
C ASN A 601 -27.85 -8.92 -44.18
N THR A 602 -27.94 -10.02 -44.90
CA THR A 602 -27.50 -10.06 -46.29
C THR A 602 -28.37 -9.08 -47.09
N ASP A 603 -29.68 -9.17 -46.89
CA ASP A 603 -30.62 -8.29 -47.56
C ASP A 603 -30.30 -6.84 -47.24
N ALA A 604 -30.08 -6.55 -45.96
CA ALA A 604 -29.77 -5.19 -45.53
C ALA A 604 -28.55 -4.67 -46.30
N VAL A 605 -27.59 -5.56 -46.58
CA VAL A 605 -26.39 -5.19 -47.31
C VAL A 605 -26.67 -4.76 -48.73
N ASP A 606 -27.48 -5.56 -49.41
CA ASP A 606 -27.86 -5.30 -50.80
C ASP A 606 -28.71 -4.04 -50.89
N GLN A 607 -29.63 -3.90 -49.93
CA GLN A 607 -30.50 -2.74 -49.90
C GLN A 607 -29.63 -1.51 -49.67
N ALA A 608 -28.60 -1.66 -48.84
CA ALA A 608 -27.68 -0.58 -48.52
C ALA A 608 -26.85 -0.21 -49.73
N VAL A 609 -26.29 -1.23 -50.38
CA VAL A 609 -25.48 -1.00 -51.57
C VAL A 609 -26.28 -0.24 -52.60
N THR A 610 -27.56 -0.60 -52.75
CA THR A 610 -28.42 0.06 -53.71
C THR A 610 -28.72 1.50 -53.32
N SER A 611 -29.30 1.66 -52.14
CA SER A 611 -29.69 2.99 -51.65
C SER A 611 -28.53 3.91 -51.37
N LEU A 612 -27.31 3.39 -51.47
CA LEU A 612 -26.11 4.18 -51.20
C LEU A 612 -25.68 4.99 -52.43
N GLN A 613 -26.45 6.03 -52.73
CA GLN A 613 -26.15 6.89 -53.87
C GLN A 613 -25.69 8.26 -53.42
N GLU A 614 -24.85 8.87 -54.24
CA GLU A 614 -24.32 10.19 -53.95
C GLU A 614 -25.41 11.27 -53.88
N PHE A 615 -25.58 11.84 -52.69
CA PHE A 615 -26.56 12.90 -52.50
C PHE A 615 -26.07 14.08 -53.30
N LYS A 616 -26.91 14.60 -54.20
CA LYS A 616 -26.48 15.74 -54.97
C LYS A 616 -26.94 17.02 -54.30
N TYR A 617 -26.09 18.02 -54.30
CA TYR A 617 -26.42 19.28 -53.66
C TYR A 617 -26.11 20.50 -54.52
N PRO A 618 -26.89 21.58 -54.32
CA PRO A 618 -26.76 22.85 -55.05
C PRO A 618 -25.47 23.62 -54.76
N ASP A 619 -24.94 24.28 -55.79
CA ASP A 619 -23.71 25.06 -55.65
C ASP A 619 -23.98 26.22 -54.69
N SER A 620 -25.26 26.44 -54.40
CA SER A 620 -25.65 27.51 -53.50
C SER A 620 -25.26 27.22 -52.05
N TRP A 621 -24.85 25.99 -51.79
CA TRP A 621 -24.42 25.62 -50.45
C TRP A 621 -23.10 26.31 -50.16
N LYS A 622 -22.40 26.70 -51.21
CA LYS A 622 -21.13 27.41 -51.09
C LYS A 622 -21.20 28.53 -50.06
N ASP A 623 -22.39 29.09 -49.89
CA ASP A 623 -22.56 30.18 -48.94
C ASP A 623 -23.91 30.22 -48.24
N ALA A 624 -24.31 29.08 -47.69
CA ALA A 624 -25.57 29.01 -46.96
C ALA A 624 -25.53 30.07 -45.87
N PRO A 625 -26.69 30.66 -45.54
CA PRO A 625 -26.79 31.70 -44.51
C PRO A 625 -26.32 31.25 -43.13
N ALA A 626 -25.20 31.82 -42.68
CA ALA A 626 -24.65 31.48 -41.36
C ALA A 626 -25.71 31.76 -40.30
N GLU A 627 -26.33 30.70 -39.79
CA GLU A 627 -27.38 30.81 -38.78
C GLU A 627 -27.03 31.74 -37.62
N THR A 628 -28.06 32.10 -36.86
CA THR A 628 -27.91 32.99 -35.73
C THR A 628 -27.23 32.29 -34.54
N LYS A 629 -27.97 32.14 -33.44
CA LYS A 629 -27.45 31.49 -32.23
C LYS A 629 -28.47 31.48 -31.11
N ALA A 630 -29.39 30.51 -31.14
CA ALA A 630 -30.42 30.38 -30.11
C ALA A 630 -29.89 29.67 -28.87
N GLU A 631 -28.79 30.19 -28.31
CA GLU A 631 -28.16 29.60 -27.12
C GLU A 631 -28.74 30.06 -25.78
N PRO A 632 -29.34 29.11 -25.03
CA PRO A 632 -29.93 29.44 -23.72
C PRO A 632 -28.95 30.07 -22.73
N MET A 633 -29.47 30.41 -21.55
CA MET A 633 -28.67 31.03 -20.50
C MET A 633 -28.09 30.00 -19.53
N THR A 634 -26.86 30.26 -19.11
CA THR A 634 -26.16 29.40 -18.16
C THR A 634 -25.28 30.32 -17.32
N ASN A 635 -24.15 29.81 -16.83
CA ASN A 635 -23.24 30.64 -16.05
C ASN A 635 -21.89 30.70 -16.74
N GLU A 636 -21.07 31.63 -16.29
CA GLU A 636 -19.75 31.85 -16.84
C GLU A 636 -18.91 30.57 -16.91
N PHE A 637 -18.94 29.78 -15.84
CA PHE A 637 -18.15 28.56 -15.82
C PHE A 637 -18.60 27.53 -16.86
N PHE A 638 -19.90 27.38 -17.03
CA PHE A 638 -20.42 26.44 -18.00
C PHE A 638 -20.14 26.95 -19.41
N LYS A 639 -20.17 28.26 -19.57
CA LYS A 639 -19.93 28.88 -20.87
C LYS A 639 -18.47 28.79 -21.27
N ASN A 640 -17.57 29.11 -20.34
CA ASN A 640 -16.15 29.12 -20.64
C ASN A 640 -15.34 27.86 -20.43
N VAL A 641 -15.85 26.92 -19.64
CA VAL A 641 -15.12 25.69 -19.39
C VAL A 641 -15.82 24.38 -19.75
N VAL A 642 -16.94 24.07 -19.11
CA VAL A 642 -17.61 22.80 -19.38
C VAL A 642 -18.22 22.63 -20.77
N LYS A 643 -18.86 23.68 -21.30
CA LYS A 643 -19.44 23.58 -22.64
C LYS A 643 -18.33 23.26 -23.64
N PRO A 644 -17.22 24.03 -23.61
CA PRO A 644 -16.11 23.76 -24.54
C PRO A 644 -15.60 22.33 -24.43
N ILE A 645 -15.57 21.79 -23.22
CA ILE A 645 -15.10 20.43 -23.02
C ILE A 645 -16.12 19.42 -23.54
N LEU A 646 -17.39 19.69 -23.29
CA LEU A 646 -18.45 18.78 -23.74
C LEU A 646 -18.58 18.75 -25.26
N THR A 647 -18.10 19.79 -25.92
CA THR A 647 -18.17 19.84 -27.37
C THR A 647 -16.83 19.42 -27.96
N GLN A 648 -16.00 18.78 -27.13
CA GLN A 648 -14.70 18.27 -27.54
C GLN A 648 -13.63 19.29 -27.85
N GLN A 649 -13.70 20.46 -27.21
CA GLN A 649 -12.73 21.52 -27.44
C GLN A 649 -11.84 21.73 -26.23
N GLY A 650 -12.00 20.86 -25.24
CA GLY A 650 -11.19 20.97 -24.03
C GLY A 650 -9.70 21.09 -24.34
N ASP A 651 -9.27 20.46 -25.42
CA ASP A 651 -7.87 20.53 -25.78
C ASP A 651 -7.41 21.94 -26.03
N LYS A 652 -8.34 22.85 -26.29
CA LYS A 652 -7.99 24.25 -26.55
C LYS A 652 -7.94 25.13 -25.31
N LEU A 653 -8.49 24.64 -24.20
CA LEU A 653 -8.46 25.41 -22.96
C LEU A 653 -7.00 25.48 -22.48
N PRO A 654 -6.51 26.71 -22.25
CA PRO A 654 -5.13 26.91 -21.79
C PRO A 654 -5.04 26.56 -20.30
N VAL A 655 -3.82 26.57 -19.79
CA VAL A 655 -3.62 26.23 -18.39
C VAL A 655 -4.31 27.23 -17.46
N SER A 656 -4.46 28.46 -17.93
CA SER A 656 -5.08 29.50 -17.12
C SER A 656 -6.53 29.22 -16.76
N ALA A 657 -7.15 28.29 -17.48
CA ALA A 657 -8.54 27.96 -17.23
C ALA A 657 -8.82 27.02 -16.05
N PHE A 658 -7.78 26.41 -15.50
CA PHE A 658 -8.00 25.47 -14.40
C PHE A 658 -7.45 25.89 -13.06
N GLU A 659 -8.08 25.42 -12.00
CA GLU A 659 -7.63 25.71 -10.66
C GLU A 659 -6.36 24.90 -10.41
N ALA A 660 -5.35 25.55 -9.87
CA ALA A 660 -4.07 24.92 -9.57
C ALA A 660 -4.21 23.59 -8.81
N ASP A 661 -5.19 23.50 -7.90
CA ASP A 661 -5.37 22.27 -7.12
C ASP A 661 -6.38 21.28 -7.73
N GLY A 662 -6.82 21.53 -8.95
CA GLY A 662 -7.74 20.64 -9.63
C GLY A 662 -9.21 20.64 -9.26
N ARG A 663 -9.63 21.54 -8.37
CA ARG A 663 -11.02 21.53 -7.96
C ARG A 663 -12.00 22.01 -9.03
N PHE A 664 -13.25 21.59 -8.86
CA PHE A 664 -14.34 21.97 -9.75
C PHE A 664 -15.50 22.45 -8.91
N PRO A 665 -16.32 23.36 -9.46
CA PRO A 665 -17.47 23.84 -8.68
C PRO A 665 -18.59 22.82 -8.80
N LEU A 666 -19.49 22.83 -7.83
CA LEU A 666 -20.63 21.93 -7.84
C LEU A 666 -21.65 22.37 -8.90
N GLY A 667 -22.53 21.45 -9.27
CA GLY A 667 -23.62 21.74 -10.19
C GLY A 667 -23.46 22.04 -11.66
N THR A 668 -22.35 21.64 -12.28
CA THR A 668 -22.20 21.93 -13.69
C THR A 668 -23.07 21.02 -14.55
N SER A 669 -23.67 20.00 -13.95
CA SER A 669 -24.50 19.08 -14.73
C SER A 669 -25.91 19.65 -14.92
N GLN A 670 -26.24 20.67 -14.15
CA GLN A 670 -27.55 21.31 -14.25
C GLN A 670 -27.84 21.76 -15.68
N PHE A 671 -26.80 22.09 -16.43
CA PHE A 671 -26.96 22.59 -17.78
C PHE A 671 -26.68 21.68 -18.96
N GLU A 672 -26.32 20.43 -18.71
CA GLU A 672 -26.04 19.53 -19.82
C GLU A 672 -27.27 19.19 -20.67
N LYS A 673 -28.38 18.88 -20.00
CA LYS A 673 -29.64 18.57 -20.68
C LYS A 673 -29.40 17.78 -21.99
N ARG A 674 -28.71 16.65 -21.89
CA ARG A 674 -28.37 15.84 -23.07
C ARG A 674 -29.54 15.36 -23.94
N GLY A 675 -30.67 15.03 -23.33
CA GLY A 675 -31.80 14.55 -24.10
C GLY A 675 -31.51 13.28 -24.88
N VAL A 676 -30.92 12.28 -24.23
CA VAL A 676 -30.61 11.05 -24.93
C VAL A 676 -31.54 9.87 -24.63
N ALA A 677 -32.59 10.09 -23.84
CA ALA A 677 -33.53 9.00 -23.57
C ALA A 677 -34.33 8.77 -24.87
N ILE A 678 -34.63 7.51 -25.17
CA ILE A 678 -35.40 7.20 -26.36
C ILE A 678 -36.86 7.42 -26.02
N ASN A 679 -37.24 6.93 -24.83
CA ASN A 679 -38.59 7.09 -24.32
C ASN A 679 -38.50 7.71 -22.93
N VAL A 680 -39.44 8.59 -22.59
CA VAL A 680 -39.47 9.22 -21.28
C VAL A 680 -40.85 9.03 -20.69
N PRO A 681 -41.00 9.24 -19.37
CA PRO A 681 -42.33 9.06 -18.81
C PRO A 681 -43.28 10.23 -19.10
N GLN A 682 -44.58 9.92 -19.07
CA GLN A 682 -45.62 10.92 -19.26
C GLN A 682 -46.57 10.81 -18.07
N TRP A 683 -46.76 11.91 -17.36
CA TRP A 683 -47.62 11.91 -16.21
C TRP A 683 -49.09 11.92 -16.63
N VAL A 684 -49.88 11.03 -16.03
CA VAL A 684 -51.31 10.92 -16.26
C VAL A 684 -51.92 11.26 -14.91
N PRO A 685 -52.07 12.56 -14.62
CA PRO A 685 -52.62 13.06 -13.35
C PRO A 685 -53.95 12.49 -12.89
N GLU A 686 -54.72 11.92 -13.81
CA GLU A 686 -56.02 11.33 -13.48
C GLU A 686 -55.88 10.05 -12.68
N ASN A 687 -54.70 9.44 -12.73
CA ASN A 687 -54.46 8.19 -12.02
C ASN A 687 -53.46 8.34 -10.87
N CYS A 688 -52.85 9.52 -10.78
CA CYS A 688 -51.86 9.78 -9.74
C CYS A 688 -52.42 9.86 -8.32
N ILE A 689 -51.86 9.07 -7.40
CA ILE A 689 -52.32 9.09 -6.02
C ILE A 689 -51.39 9.97 -5.17
N GLN A 690 -50.57 10.75 -5.84
CA GLN A 690 -49.66 11.68 -5.19
C GLN A 690 -48.72 11.11 -4.13
N CYS A 691 -48.06 10.01 -4.44
CA CYS A 691 -47.18 9.37 -3.47
C CYS A 691 -45.69 9.77 -3.44
N ASN A 692 -45.16 10.28 -4.55
CA ASN A 692 -43.76 10.69 -4.64
C ASN A 692 -42.78 9.52 -4.75
N GLN A 693 -43.27 8.32 -5.05
CA GLN A 693 -42.39 7.16 -5.18
C GLN A 693 -41.56 7.22 -6.47
N CYS A 694 -42.16 7.77 -7.53
CA CYS A 694 -41.46 7.91 -8.81
C CYS A 694 -40.20 8.79 -8.67
N ALA A 695 -40.32 9.90 -7.95
CA ALA A 695 -39.19 10.81 -7.75
C ALA A 695 -38.14 10.17 -6.84
N PHE A 696 -38.63 9.47 -5.81
CA PHE A 696 -37.76 8.80 -4.86
C PHE A 696 -36.81 7.81 -5.54
N VAL A 697 -37.35 7.08 -6.51
CA VAL A 697 -36.65 6.04 -7.26
C VAL A 697 -35.77 6.44 -8.48
N CYS A 698 -36.00 7.61 -9.06
CA CYS A 698 -35.26 8.03 -10.26
C CYS A 698 -33.74 8.07 -10.07
N PRO A 699 -32.99 7.33 -10.92
CA PRO A 699 -31.53 7.27 -10.87
C PRO A 699 -30.84 8.53 -11.35
N HIS A 700 -31.62 9.48 -11.86
CA HIS A 700 -31.02 10.72 -12.36
C HIS A 700 -31.67 12.01 -11.89
N SER A 701 -32.62 11.91 -10.96
CA SER A 701 -33.31 13.08 -10.44
C SER A 701 -34.10 13.78 -11.54
N ALA A 702 -34.59 12.99 -12.50
CA ALA A 702 -35.36 13.50 -13.63
C ALA A 702 -36.87 13.73 -13.37
N ILE A 703 -37.33 13.45 -12.16
CA ILE A 703 -38.74 13.69 -11.82
C ILE A 703 -38.80 14.76 -10.72
N LEU A 704 -39.55 15.82 -10.98
CA LEU A 704 -39.66 16.93 -10.04
C LEU A 704 -41.05 17.12 -9.44
N PRO A 705 -41.23 16.74 -8.16
CA PRO A 705 -42.55 16.93 -7.56
C PRO A 705 -42.73 18.44 -7.40
N VAL A 706 -43.95 18.92 -7.59
CA VAL A 706 -44.21 20.35 -7.42
C VAL A 706 -45.37 20.51 -6.46
N LEU A 707 -45.20 21.44 -5.54
CA LEU A 707 -46.20 21.75 -4.55
C LEU A 707 -46.20 23.27 -4.55
N ALA A 708 -47.21 23.84 -5.21
CA ALA A 708 -47.33 25.28 -5.31
C ALA A 708 -48.62 25.78 -4.69
N LYS A 709 -48.65 27.08 -4.39
CA LYS A 709 -49.84 27.71 -3.84
C LYS A 709 -50.48 28.30 -5.09
N GLU A 710 -51.75 28.67 -5.04
CA GLU A 710 -52.40 29.24 -6.23
C GLU A 710 -51.53 30.33 -6.87
N GLU A 711 -51.13 31.28 -6.06
CA GLU A 711 -50.30 32.41 -6.50
C GLU A 711 -49.05 32.02 -7.29
N GLU A 712 -48.41 30.93 -6.88
CA GLU A 712 -47.20 30.47 -7.55
C GLU A 712 -47.44 29.85 -8.93
N LEU A 713 -48.71 29.65 -9.26
CA LEU A 713 -49.09 29.04 -10.54
C LEU A 713 -49.76 29.98 -11.54
N VAL A 714 -49.72 31.28 -11.30
CA VAL A 714 -50.34 32.26 -12.18
C VAL A 714 -49.75 32.26 -13.59
N GLY A 715 -48.46 32.55 -13.72
CA GLY A 715 -47.83 32.57 -15.03
C GLY A 715 -47.50 31.21 -15.58
N ALA A 716 -48.10 30.18 -14.98
CA ALA A 716 -47.84 28.80 -15.41
C ALA A 716 -48.40 28.44 -16.78
N PRO A 717 -47.62 27.75 -17.61
CA PRO A 717 -48.10 27.36 -18.94
C PRO A 717 -49.46 26.68 -18.84
N ALA A 718 -50.25 26.78 -19.90
CA ALA A 718 -51.58 26.19 -19.94
C ALA A 718 -51.60 24.70 -19.58
N ASN A 719 -50.63 23.97 -20.13
CA ASN A 719 -50.52 22.53 -19.90
C ASN A 719 -49.91 22.12 -18.55
N PHE A 720 -49.63 23.09 -17.69
CA PHE A 720 -49.06 22.80 -16.36
C PHE A 720 -50.14 22.25 -15.43
N THR A 721 -50.77 21.17 -15.86
CA THR A 721 -51.84 20.53 -15.11
C THR A 721 -51.42 20.15 -13.69
N ALA A 722 -52.19 20.62 -12.71
CA ALA A 722 -51.88 20.31 -11.31
C ALA A 722 -53.14 19.88 -10.56
N LEU A 723 -52.99 18.88 -9.71
CA LEU A 723 -54.09 18.35 -8.91
C LEU A 723 -54.17 19.11 -7.61
N GLU A 724 -55.31 19.10 -6.96
CA GLU A 724 -55.36 19.79 -5.68
C GLU A 724 -54.69 18.77 -4.76
N ALA A 725 -53.75 19.24 -3.95
CA ALA A 725 -52.97 18.38 -3.05
C ALA A 725 -53.74 17.49 -2.08
N LYS A 726 -53.38 16.20 -2.07
CA LYS A 726 -53.99 15.24 -1.17
C LYS A 726 -53.24 15.28 0.16
N GLY A 727 -53.94 15.00 1.24
CA GLY A 727 -53.32 15.03 2.55
C GLY A 727 -53.74 16.22 3.37
N LYS A 728 -53.85 16.02 4.68
CA LYS A 728 -54.26 17.07 5.59
C LYS A 728 -53.29 18.25 5.65
N GLU A 729 -51.99 17.95 5.77
CA GLU A 729 -50.95 18.96 5.86
C GLU A 729 -50.74 19.69 4.54
N LEU A 730 -51.36 19.20 3.49
CA LEU A 730 -51.23 19.80 2.18
C LEU A 730 -52.53 20.44 1.67
N LYS A 731 -53.47 20.68 2.57
CA LYS A 731 -54.76 21.28 2.19
C LYS A 731 -54.49 22.65 1.55
N GLY A 732 -55.03 22.87 0.36
CA GLY A 732 -54.85 24.14 -0.31
C GLY A 732 -53.73 24.22 -1.33
N TYR A 733 -52.81 23.25 -1.32
CA TYR A 733 -51.70 23.24 -2.27
C TYR A 733 -52.07 22.49 -3.54
N LYS A 734 -51.42 22.87 -4.63
CA LYS A 734 -51.62 22.25 -5.93
C LYS A 734 -50.37 21.37 -6.15
N PHE A 735 -50.61 20.10 -6.43
CA PHE A 735 -49.55 19.11 -6.64
C PHE A 735 -49.34 18.76 -8.10
N ARG A 736 -48.09 18.59 -8.48
CA ARG A 736 -47.78 18.19 -9.85
C ARG A 736 -46.49 17.39 -9.90
N ILE A 737 -46.46 16.41 -10.80
CA ILE A 737 -45.28 15.61 -10.99
C ILE A 737 -44.75 16.08 -12.34
N GLN A 738 -43.67 16.85 -12.32
CA GLN A 738 -43.05 17.38 -13.53
C GLN A 738 -41.91 16.50 -14.05
N ILE A 739 -42.07 15.94 -15.24
CA ILE A 739 -41.03 15.10 -15.83
C ILE A 739 -39.98 15.95 -16.54
N ASN A 740 -38.72 15.76 -16.16
CA ASN A 740 -37.60 16.48 -16.77
C ASN A 740 -37.17 15.63 -17.96
N THR A 741 -37.84 15.77 -19.09
CA THR A 741 -37.55 14.95 -20.26
C THR A 741 -36.14 14.98 -20.82
N LEU A 742 -35.41 16.08 -20.68
CA LEU A 742 -34.05 16.10 -21.26
C LEU A 742 -32.99 15.45 -20.37
N ASP A 743 -33.26 15.36 -19.08
CA ASP A 743 -32.33 14.74 -18.14
C ASP A 743 -32.70 13.30 -17.87
N CYS A 744 -33.85 12.88 -18.37
CA CYS A 744 -34.29 11.51 -18.18
C CYS A 744 -33.41 10.62 -19.03
N MET A 745 -33.14 9.41 -18.54
CA MET A 745 -32.31 8.48 -19.29
C MET A 745 -33.20 7.39 -19.87
N GLY A 746 -34.50 7.51 -19.59
CA GLY A 746 -35.47 6.57 -20.10
C GLY A 746 -35.37 5.13 -19.68
N CYS A 747 -35.05 4.89 -18.41
CA CYS A 747 -34.92 3.54 -17.90
C CYS A 747 -36.26 2.86 -17.61
N GLY A 748 -37.23 3.66 -17.16
CA GLY A 748 -38.56 3.13 -16.87
C GLY A 748 -38.86 2.71 -15.45
N ASN A 749 -37.92 2.88 -14.52
CA ASN A 749 -38.15 2.48 -13.14
C ASN A 749 -39.39 3.17 -12.51
N CYS A 750 -39.52 4.48 -12.72
CA CYS A 750 -40.62 5.24 -12.15
C CYS A 750 -41.95 4.64 -12.60
N ALA A 751 -42.13 4.59 -13.91
CA ALA A 751 -43.33 4.06 -14.50
C ALA A 751 -43.55 2.63 -14.02
N ASP A 752 -42.45 1.89 -13.86
CA ASP A 752 -42.56 0.50 -13.43
C ASP A 752 -43.09 0.31 -12.03
N ILE A 753 -42.83 1.25 -11.13
CA ILE A 753 -43.29 1.08 -9.77
C ILE A 753 -44.47 1.96 -9.36
N CYS A 754 -44.89 2.85 -10.24
CA CYS A 754 -46.02 3.74 -9.99
C CYS A 754 -47.16 2.82 -9.49
N PRO A 755 -47.56 2.97 -8.21
CA PRO A 755 -48.61 2.17 -7.55
C PRO A 755 -49.90 1.78 -8.31
N PRO A 756 -50.70 2.77 -8.75
CA PRO A 756 -51.95 2.47 -9.45
C PRO A 756 -51.91 1.52 -10.64
N LYS A 757 -52.86 0.59 -10.66
CA LYS A 757 -53.03 -0.41 -11.72
C LYS A 757 -53.11 0.34 -13.04
N GLU A 758 -53.85 1.44 -13.00
CA GLU A 758 -54.02 2.34 -14.13
C GLU A 758 -52.88 3.33 -13.91
N LYS A 759 -51.71 3.00 -14.45
CA LYS A 759 -50.51 3.82 -14.28
C LYS A 759 -50.66 5.33 -14.47
N ALA A 760 -50.01 6.08 -13.58
CA ALA A 760 -50.02 7.54 -13.68
C ALA A 760 -48.78 7.95 -14.49
N LEU A 761 -47.95 6.98 -14.82
CA LEU A 761 -46.75 7.25 -15.62
C LEU A 761 -46.66 6.22 -16.74
N VAL A 762 -46.59 6.73 -17.97
CA VAL A 762 -46.50 5.86 -19.14
C VAL A 762 -45.36 6.35 -20.02
N MET A 763 -44.53 5.43 -20.50
CA MET A 763 -43.38 5.77 -21.35
C MET A 763 -43.83 6.18 -22.75
N GLN A 764 -43.22 7.24 -23.29
CA GLN A 764 -43.57 7.73 -24.62
C GLN A 764 -42.31 8.25 -25.27
N PRO A 765 -42.27 8.31 -26.61
CA PRO A 765 -41.10 8.80 -27.35
C PRO A 765 -40.76 10.22 -26.91
N LEU A 766 -39.47 10.47 -26.70
CA LEU A 766 -39.00 11.78 -26.27
C LEU A 766 -39.60 12.94 -27.06
N ASP A 767 -39.64 12.82 -28.39
CA ASP A 767 -40.20 13.89 -29.23
C ASP A 767 -41.67 14.22 -28.92
N THR A 768 -42.44 13.21 -28.52
CA THR A 768 -43.85 13.46 -28.22
C THR A 768 -43.98 14.19 -26.89
N GLN A 769 -42.87 14.33 -26.16
CA GLN A 769 -42.91 14.97 -24.85
C GLN A 769 -42.10 16.23 -24.63
N ARG A 770 -40.99 16.40 -25.33
CA ARG A 770 -40.15 17.57 -25.08
C ARG A 770 -40.76 18.95 -25.30
N ASP A 771 -41.44 19.17 -26.42
CA ASP A 771 -42.01 20.50 -26.65
C ASP A 771 -42.89 21.00 -25.50
N ALA A 772 -43.71 20.11 -24.94
CA ALA A 772 -44.56 20.50 -23.83
C ALA A 772 -43.81 20.58 -22.50
N GLN A 773 -43.03 19.55 -22.20
CA GLN A 773 -42.30 19.48 -20.93
C GLN A 773 -41.03 20.34 -20.72
N VAL A 774 -40.31 20.66 -21.78
CA VAL A 774 -39.12 21.48 -21.58
C VAL A 774 -39.48 22.81 -20.93
N PRO A 775 -40.41 23.57 -21.52
CA PRO A 775 -40.79 24.84 -20.91
C PRO A 775 -41.48 24.63 -19.56
N ASN A 776 -42.06 23.45 -19.37
CA ASN A 776 -42.74 23.07 -18.14
C ASN A 776 -41.79 22.82 -16.97
N LEU A 777 -40.72 22.09 -17.22
CA LEU A 777 -39.73 21.80 -16.19
C LEU A 777 -39.09 23.14 -15.85
N GLU A 778 -38.78 23.91 -16.88
CA GLU A 778 -38.17 25.23 -16.73
C GLU A 778 -39.01 26.07 -15.77
N TYR A 779 -40.32 26.10 -15.98
CA TYR A 779 -41.19 26.87 -15.13
C TYR A 779 -41.26 26.32 -13.72
N ALA A 780 -41.44 25.00 -13.62
CA ALA A 780 -41.54 24.35 -12.32
C ALA A 780 -40.26 24.55 -11.51
N ALA A 781 -39.11 24.52 -12.17
CA ALA A 781 -37.82 24.68 -11.51
C ALA A 781 -37.73 25.96 -10.70
N ARG A 782 -38.47 26.98 -11.13
CA ARG A 782 -38.46 28.26 -10.44
C ARG A 782 -39.47 28.34 -9.31
N ILE A 783 -40.17 27.25 -9.06
CA ILE A 783 -41.14 27.24 -7.98
C ILE A 783 -40.44 26.78 -6.70
N PRO A 784 -40.51 27.58 -5.62
CA PRO A 784 -39.87 27.19 -4.38
C PRO A 784 -40.19 25.75 -3.98
N VAL A 785 -39.16 25.01 -3.56
CA VAL A 785 -39.34 23.64 -3.13
C VAL A 785 -39.91 23.70 -1.70
N LYS A 786 -41.03 23.02 -1.48
CA LYS A 786 -41.68 23.06 -0.17
C LYS A 786 -41.13 22.04 0.80
N SER A 787 -39.91 22.30 1.26
CA SER A 787 -39.22 21.41 2.20
C SER A 787 -39.74 21.44 3.63
N GLU A 788 -40.49 22.49 3.99
CA GLU A 788 -40.99 22.61 5.36
C GLU A 788 -42.38 22.06 5.64
N VAL A 789 -43.02 21.50 4.62
CA VAL A 789 -44.37 20.99 4.82
C VAL A 789 -44.46 19.63 5.49
N LEU A 790 -43.69 18.66 5.00
CA LEU A 790 -43.75 17.33 5.58
C LEU A 790 -42.41 16.95 6.16
N PRO A 791 -42.40 15.92 7.03
CA PRO A 791 -41.14 15.46 7.66
C PRO A 791 -40.12 15.14 6.57
N ARG A 792 -38.92 15.65 6.77
CA ARG A 792 -37.84 15.48 5.83
C ARG A 792 -37.50 14.02 5.53
N ASP A 793 -37.59 13.17 6.55
CA ASP A 793 -37.27 11.76 6.40
C ASP A 793 -38.49 10.85 6.18
N SER A 794 -39.60 11.43 5.78
CA SER A 794 -40.78 10.61 5.49
C SER A 794 -40.69 10.36 3.98
N LEU A 795 -41.25 9.23 3.53
CA LEU A 795 -41.21 8.90 2.10
C LEU A 795 -41.62 10.12 1.28
N LYS A 796 -42.88 10.53 1.41
CA LYS A 796 -43.37 11.68 0.65
C LYS A 796 -42.60 12.97 0.91
N GLY A 797 -42.37 13.30 2.17
CA GLY A 797 -41.66 14.52 2.51
C GLY A 797 -40.23 14.65 1.97
N SER A 798 -39.54 13.54 1.77
CA SER A 798 -38.16 13.58 1.29
C SER A 798 -38.10 14.13 -0.12
N GLN A 799 -39.14 13.83 -0.89
CA GLN A 799 -39.18 14.29 -2.28
C GLN A 799 -39.58 15.75 -2.38
N PHE A 800 -39.78 16.37 -1.22
CA PHE A 800 -40.14 17.78 -1.15
C PHE A 800 -38.90 18.53 -0.66
N GLN A 801 -37.77 17.83 -0.63
CA GLN A 801 -36.49 18.41 -0.25
C GLN A 801 -35.71 18.59 -1.55
N GLU A 802 -34.70 19.44 -1.54
CA GLU A 802 -33.90 19.63 -2.74
C GLU A 802 -32.92 18.48 -2.93
N PRO A 803 -32.94 17.81 -4.09
CA PRO A 803 -31.99 16.71 -4.29
C PRO A 803 -30.65 17.35 -4.61
N LEU A 804 -29.59 16.94 -3.93
CA LEU A 804 -28.29 17.56 -4.16
C LEU A 804 -27.27 16.76 -4.99
N MET A 805 -27.79 15.87 -5.82
CA MET A 805 -26.97 15.06 -6.72
C MET A 805 -27.91 14.72 -7.88
N GLU A 806 -27.73 15.41 -9.02
CA GLU A 806 -28.62 15.22 -10.17
C GLU A 806 -27.94 15.09 -11.51
N PHE A 807 -28.64 14.44 -12.45
CA PHE A 807 -28.15 14.29 -13.81
C PHE A 807 -26.70 13.83 -13.92
N SER A 808 -26.37 12.76 -13.19
CA SER A 808 -25.02 12.22 -13.21
C SER A 808 -24.80 11.41 -14.49
N GLY A 809 -23.56 11.00 -14.71
CA GLY A 809 -23.27 10.22 -15.90
C GLY A 809 -23.45 8.74 -15.68
N ALA A 810 -24.15 8.36 -14.62
CA ALA A 810 -24.38 6.95 -14.36
C ALA A 810 -25.25 6.35 -15.49
N CYS A 811 -25.20 5.03 -15.65
CA CYS A 811 -26.00 4.36 -16.68
C CYS A 811 -27.48 4.60 -16.44
N SER A 812 -28.27 4.44 -17.49
CA SER A 812 -29.70 4.59 -17.38
C SER A 812 -30.15 3.50 -16.41
N GLY A 813 -30.97 3.86 -15.43
CA GLY A 813 -31.45 2.88 -14.48
C GLY A 813 -30.47 2.40 -13.44
N CYS A 814 -29.33 3.08 -13.30
CA CYS A 814 -28.29 2.71 -12.32
C CYS A 814 -28.88 2.48 -10.92
N GLY A 815 -28.45 1.39 -10.30
CA GLY A 815 -28.94 1.07 -8.98
C GLY A 815 -28.27 1.77 -7.83
N GLU A 816 -27.20 2.55 -8.08
CA GLU A 816 -26.50 3.23 -6.96
C GLU A 816 -27.00 4.66 -6.68
N THR A 817 -27.21 5.42 -7.75
CA THR A 817 -27.61 6.82 -7.63
C THR A 817 -28.94 7.13 -6.92
N PRO A 818 -29.93 6.23 -6.99
CA PRO A 818 -31.18 6.56 -6.28
C PRO A 818 -30.90 6.71 -4.79
N TYR A 819 -30.06 5.81 -4.26
CA TYR A 819 -29.71 5.84 -2.84
C TYR A 819 -29.00 7.11 -2.47
N VAL A 820 -28.02 7.49 -3.28
CA VAL A 820 -27.24 8.66 -2.97
C VAL A 820 -28.09 9.93 -3.03
N ARG A 821 -28.93 10.03 -4.05
CA ARG A 821 -29.79 11.20 -4.20
C ARG A 821 -30.62 11.38 -2.95
N VAL A 822 -31.22 10.29 -2.47
CA VAL A 822 -32.03 10.40 -1.27
C VAL A 822 -31.17 10.78 -0.08
N ILE A 823 -30.00 10.19 0.06
CA ILE A 823 -29.14 10.55 1.18
C ILE A 823 -28.92 12.07 1.22
N THR A 824 -28.67 12.69 0.06
CA THR A 824 -28.45 14.14 0.04
C THR A 824 -29.72 14.90 0.46
N GLN A 825 -30.89 14.38 0.11
CA GLN A 825 -32.14 15.03 0.49
C GLN A 825 -32.30 15.03 2.01
N LEU A 826 -31.60 14.14 2.69
CA LEU A 826 -31.66 14.09 4.13
C LEU A 826 -30.54 14.83 4.87
N PHE A 827 -29.32 14.83 4.32
CA PHE A 827 -28.18 15.45 4.98
C PHE A 827 -27.31 16.34 4.07
N GLY A 828 -27.60 16.31 2.78
CA GLY A 828 -26.82 17.07 1.81
C GLY A 828 -26.21 18.38 2.25
N GLU A 829 -27.01 19.24 2.87
CA GLU A 829 -26.53 20.54 3.30
C GLU A 829 -25.42 20.54 4.34
N ARG A 830 -25.16 19.40 4.99
CA ARG A 830 -24.09 19.39 5.99
C ARG A 830 -23.18 18.17 5.91
N MET A 831 -23.04 17.59 4.73
CA MET A 831 -22.17 16.43 4.63
C MET A 831 -20.82 16.57 3.92
N PHE A 832 -19.90 15.71 4.33
CA PHE A 832 -18.59 15.60 3.71
C PHE A 832 -18.71 14.22 3.09
N ILE A 833 -18.25 14.08 1.86
CA ILE A 833 -18.27 12.79 1.21
C ILE A 833 -16.86 12.42 0.77
N ALA A 834 -16.36 11.33 1.33
CA ALA A 834 -15.04 10.79 1.00
C ALA A 834 -15.47 9.62 0.13
N ASN A 835 -15.37 9.79 -1.18
CA ASN A 835 -15.81 8.79 -2.13
C ASN A 835 -14.70 7.88 -2.65
N ALA A 836 -14.89 6.57 -2.53
CA ALA A 836 -13.90 5.63 -3.01
C ALA A 836 -13.97 5.65 -4.52
N THR A 837 -12.82 5.43 -5.15
CA THR A 837 -12.74 5.36 -6.60
C THR A 837 -13.62 4.20 -7.01
N GLY A 838 -14.42 4.42 -8.04
CA GLY A 838 -15.32 3.38 -8.53
C GLY A 838 -16.40 4.04 -9.35
N CYS A 839 -17.46 3.32 -9.62
CA CYS A 839 -18.53 3.93 -10.39
C CYS A 839 -19.02 5.22 -9.76
N SER A 840 -19.14 5.22 -8.43
CA SER A 840 -19.65 6.38 -7.71
C SER A 840 -18.73 7.60 -7.78
N SER A 841 -17.45 7.37 -8.03
CA SER A 841 -16.54 8.50 -8.15
C SER A 841 -16.57 8.91 -9.63
N ILE A 842 -16.79 7.94 -10.51
CA ILE A 842 -16.83 8.20 -11.93
C ILE A 842 -18.14 8.90 -12.36
N TRP A 843 -19.30 8.44 -11.91
CA TRP A 843 -20.50 9.16 -12.29
C TRP A 843 -20.55 10.37 -11.37
N GLY A 844 -19.90 10.24 -10.22
CA GLY A 844 -19.88 11.31 -9.25
C GLY A 844 -19.06 12.51 -9.64
N ALA A 845 -17.97 12.32 -10.39
CA ALA A 845 -17.15 13.48 -10.70
C ALA A 845 -16.21 13.38 -11.91
N SER A 846 -16.75 12.95 -13.04
CA SER A 846 -15.96 12.89 -14.25
C SER A 846 -16.02 14.28 -14.86
N ALA A 847 -14.92 15.01 -14.80
CA ALA A 847 -14.87 16.36 -15.37
C ALA A 847 -15.35 16.27 -16.83
N PRO A 848 -16.06 17.28 -17.31
CA PRO A 848 -16.40 18.46 -16.52
C PRO A 848 -17.80 18.39 -15.91
N SER A 849 -18.41 17.21 -15.91
CA SER A 849 -19.75 17.10 -15.37
C SER A 849 -19.81 16.83 -13.86
N MET A 850 -20.43 17.75 -13.13
CA MET A 850 -20.54 17.61 -11.68
C MET A 850 -22.00 17.55 -11.28
N PRO A 851 -22.48 16.35 -10.92
CA PRO A 851 -23.86 16.10 -10.52
C PRO A 851 -24.21 16.62 -9.11
N TYR A 852 -23.27 16.57 -8.17
CA TYR A 852 -23.53 17.09 -6.83
C TYR A 852 -23.68 18.60 -6.99
N LYS A 853 -24.62 19.19 -6.26
CA LYS A 853 -24.88 20.62 -6.35
C LYS A 853 -25.24 21.19 -5.01
N THR A 854 -25.41 22.50 -4.96
CA THR A 854 -25.76 23.20 -3.74
C THR A 854 -27.27 23.46 -3.71
N ASN A 855 -27.81 23.69 -2.51
CA ASN A 855 -29.23 23.98 -2.35
C ASN A 855 -29.38 25.47 -2.54
N ARG A 856 -30.58 25.99 -2.32
CA ARG A 856 -30.84 27.40 -2.50
C ARG A 856 -29.99 28.31 -1.61
N LEU A 857 -29.49 27.79 -0.50
CA LEU A 857 -28.66 28.61 0.38
C LEU A 857 -27.16 28.49 0.09
N GLY A 858 -26.81 27.76 -0.96
CA GLY A 858 -25.40 27.58 -1.30
C GLY A 858 -24.70 26.45 -0.55
N GLN A 859 -25.46 25.66 0.18
CA GLN A 859 -24.90 24.54 0.93
C GLN A 859 -25.00 23.27 0.10
N GLY A 860 -24.01 22.40 0.22
CA GLY A 860 -24.06 21.17 -0.54
C GLY A 860 -22.98 20.21 -0.09
N PRO A 861 -23.00 18.97 -0.57
CA PRO A 861 -21.98 18.00 -0.16
C PRO A 861 -20.56 18.46 -0.53
N ALA A 862 -19.64 18.43 0.43
CA ALA A 862 -18.24 18.77 0.18
C ALA A 862 -17.76 17.39 -0.22
N TRP A 863 -17.45 17.23 -1.51
CA TRP A 863 -17.09 15.95 -2.12
C TRP A 863 -15.64 15.76 -2.55
N GLY A 864 -15.10 14.59 -2.19
CA GLY A 864 -13.73 14.30 -2.55
C GLY A 864 -13.40 12.84 -2.78
N ASN A 865 -12.59 12.62 -3.81
CA ASN A 865 -12.12 11.29 -4.15
C ASN A 865 -10.62 11.33 -3.89
N SER A 866 -10.17 10.51 -2.96
CA SER A 866 -8.74 10.44 -2.69
C SER A 866 -8.25 9.32 -3.60
N LEU A 867 -8.24 8.11 -3.08
CA LEU A 867 -7.81 6.95 -3.84
C LEU A 867 -8.89 5.86 -3.78
N PHE A 868 -8.57 4.69 -4.31
CA PHE A 868 -9.52 3.60 -4.32
C PHE A 868 -9.42 2.85 -3.00
N GLU A 869 -8.19 2.74 -2.51
CA GLU A 869 -7.92 2.00 -1.31
C GLU A 869 -8.06 2.70 0.03
N ASP A 870 -8.21 4.02 0.03
CA ASP A 870 -8.23 4.76 1.30
C ASP A 870 -9.46 5.57 1.67
N ALA A 871 -10.58 5.33 1.00
CA ALA A 871 -11.79 6.10 1.28
C ALA A 871 -12.15 6.25 2.75
N ALA A 872 -12.13 5.15 3.50
CA ALA A 872 -12.45 5.20 4.92
C ALA A 872 -11.48 6.11 5.69
N GLU A 873 -10.19 5.88 5.53
CA GLU A 873 -9.20 6.67 6.22
C GLU A 873 -9.29 8.14 5.81
N TYR A 874 -9.67 8.38 4.56
CA TYR A 874 -9.81 9.72 4.04
C TYR A 874 -10.96 10.42 4.82
N GLY A 875 -12.09 9.72 4.94
CA GLY A 875 -13.24 10.28 5.66
C GLY A 875 -12.94 10.42 7.14
N PHE A 876 -12.16 9.49 7.67
CA PHE A 876 -11.80 9.52 9.08
C PHE A 876 -10.93 10.77 9.32
N GLY A 877 -10.14 11.15 8.31
CA GLY A 877 -9.30 12.34 8.43
C GLY A 877 -10.16 13.60 8.48
N MET A 878 -11.16 13.68 7.61
CA MET A 878 -12.05 14.82 7.59
C MET A 878 -12.70 14.90 8.98
N ASN A 879 -13.05 13.75 9.52
CA ASN A 879 -13.65 13.70 10.84
C ASN A 879 -12.66 14.17 11.91
N MET A 880 -11.37 13.86 11.74
CA MET A 880 -10.39 14.31 12.71
C MET A 880 -10.30 15.83 12.64
N SER A 881 -10.33 16.36 11.43
CA SER A 881 -10.27 17.79 11.27
C SER A 881 -11.43 18.48 12.00
N MET A 882 -12.63 17.97 11.77
CA MET A 882 -13.80 18.55 12.42
C MET A 882 -13.66 18.43 13.92
N PHE A 883 -13.17 17.30 14.39
CA PHE A 883 -13.01 17.15 15.83
C PHE A 883 -12.06 18.23 16.36
N ALA A 884 -10.89 18.36 15.73
CA ALA A 884 -9.93 19.33 16.19
C ALA A 884 -10.38 20.77 16.08
N ARG A 885 -10.91 21.16 14.92
CA ARG A 885 -11.35 22.52 14.71
C ARG A 885 -12.58 22.89 15.53
N ARG A 886 -13.50 21.94 15.71
CA ARG A 886 -14.70 22.22 16.49
C ARG A 886 -14.41 22.18 17.98
N THR A 887 -13.36 21.46 18.35
CA THR A 887 -12.94 21.41 19.74
C THR A 887 -12.29 22.77 20.01
N HIS A 888 -11.64 23.34 19.00
CA HIS A 888 -10.98 24.62 19.17
C HIS A 888 -12.08 25.68 19.38
N LEU A 889 -13.13 25.57 18.58
CA LEU A 889 -14.26 26.48 18.68
C LEU A 889 -14.89 26.37 20.06
N ALA A 890 -15.15 25.14 20.50
CA ALA A 890 -15.74 24.92 21.82
C ALA A 890 -14.92 25.61 22.90
N ASP A 891 -13.59 25.46 22.82
CA ASP A 891 -12.69 26.08 23.78
C ASP A 891 -12.83 27.60 23.74
N LEU A 892 -12.88 28.17 22.54
CA LEU A 892 -13.06 29.63 22.43
C LEU A 892 -14.40 30.04 23.05
N ALA A 893 -15.44 29.26 22.78
CA ALA A 893 -16.77 29.53 23.32
C ALA A 893 -16.78 29.55 24.85
N ALA A 894 -16.30 28.49 25.48
CA ALA A 894 -16.25 28.42 26.94
C ALA A 894 -15.45 29.61 27.46
N LYS A 895 -14.38 29.91 26.74
CA LYS A 895 -13.51 31.01 27.10
C LYS A 895 -14.29 32.32 27.10
N ALA A 896 -15.06 32.55 26.03
CA ALA A 896 -15.86 33.76 25.89
C ALA A 896 -17.02 33.80 26.89
N LEU A 897 -17.36 32.66 27.48
CA LEU A 897 -18.42 32.62 28.49
C LEU A 897 -17.88 33.29 29.75
N GLU A 898 -16.56 33.24 29.91
CA GLU A 898 -15.87 33.85 31.04
C GLU A 898 -15.30 35.21 30.65
N SER A 899 -16.11 36.05 30.02
CA SER A 899 -15.68 37.38 29.61
C SER A 899 -16.89 38.28 29.67
N ASP A 900 -16.70 39.54 29.31
CA ASP A 900 -17.79 40.50 29.33
C ASP A 900 -18.66 40.45 28.07
N ALA A 901 -18.70 39.30 27.40
CA ALA A 901 -19.55 39.20 26.22
C ALA A 901 -21.00 39.40 26.69
N SER A 902 -21.85 39.97 25.83
CA SER A 902 -23.24 40.24 26.16
C SER A 902 -24.04 39.00 26.54
N GLY A 903 -25.11 39.23 27.31
CA GLY A 903 -25.97 38.16 27.74
C GLY A 903 -26.50 37.33 26.60
N ASP A 904 -26.85 38.00 25.50
CA ASP A 904 -27.36 37.31 24.33
C ASP A 904 -26.28 36.41 23.74
N VAL A 905 -25.11 37.00 23.48
CA VAL A 905 -24.00 36.23 22.95
C VAL A 905 -23.73 35.01 23.86
N LYS A 906 -23.67 35.23 25.17
CA LYS A 906 -23.42 34.15 26.11
C LYS A 906 -24.49 33.09 26.12
N GLU A 907 -25.74 33.50 25.95
CA GLU A 907 -26.84 32.57 25.91
C GLU A 907 -26.62 31.67 24.71
N ALA A 908 -26.32 32.29 23.58
CA ALA A 908 -26.09 31.57 22.34
C ALA A 908 -24.91 30.60 22.45
N LEU A 909 -23.80 31.08 23.00
CA LEU A 909 -22.64 30.23 23.17
C LEU A 909 -22.99 29.03 24.06
N GLN A 910 -23.65 29.31 25.18
CA GLN A 910 -24.01 28.25 26.09
C GLN A 910 -24.94 27.27 25.38
N GLY A 911 -25.78 27.79 24.50
CA GLY A 911 -26.70 26.94 23.77
C GLY A 911 -25.98 26.08 22.76
N TRP A 912 -25.04 26.69 22.04
CA TRP A 912 -24.30 25.94 21.04
C TRP A 912 -23.47 24.85 21.72
N LEU A 913 -22.78 25.22 22.79
CA LEU A 913 -21.95 24.26 23.50
C LEU A 913 -22.76 23.05 23.95
N ALA A 914 -23.96 23.27 24.45
CA ALA A 914 -24.79 22.18 24.93
C ALA A 914 -25.30 21.33 23.78
N GLY A 915 -25.55 21.94 22.63
CA GLY A 915 -26.05 21.20 21.48
C GLY A 915 -25.04 21.03 20.35
N LYS A 916 -23.77 21.17 20.71
CA LYS A 916 -22.62 21.07 19.81
C LYS A 916 -22.69 19.93 18.79
N ASN A 917 -23.10 18.75 19.24
CA ASN A 917 -23.16 17.62 18.33
C ASN A 917 -24.55 17.26 17.86
N ASP A 918 -25.50 18.16 18.05
CA ASP A 918 -26.86 17.96 17.63
C ASP A 918 -27.09 18.84 16.42
N PRO A 919 -27.49 18.24 15.29
CA PRO A 919 -27.75 18.93 14.03
C PRO A 919 -28.79 20.05 14.19
N ILE A 920 -29.86 19.78 14.93
CA ILE A 920 -30.91 20.77 15.14
C ILE A 920 -30.43 21.94 16.03
N LYS A 921 -29.93 21.64 17.22
CA LYS A 921 -29.47 22.66 18.15
C LYS A 921 -28.22 23.40 17.76
N SER A 922 -27.23 22.69 17.23
CA SER A 922 -26.00 23.36 16.84
C SER A 922 -26.31 24.39 15.77
N LYS A 923 -27.28 24.08 14.91
CA LYS A 923 -27.65 25.03 13.86
C LYS A 923 -28.48 26.16 14.44
N GLU A 924 -29.39 25.80 15.35
CA GLU A 924 -30.23 26.80 15.97
C GLU A 924 -29.37 27.88 16.63
N TYR A 925 -28.45 27.48 17.49
CA TYR A 925 -27.61 28.45 18.16
C TYR A 925 -26.49 29.03 17.31
N GLY A 926 -26.00 28.26 16.35
CA GLY A 926 -24.95 28.74 15.47
C GLY A 926 -25.55 29.86 14.64
N ASP A 927 -26.77 29.67 14.17
CA ASP A 927 -27.41 30.70 13.37
C ASP A 927 -27.62 32.00 14.17
N LYS A 928 -27.74 31.88 15.50
CA LYS A 928 -27.93 33.06 16.34
C LYS A 928 -26.59 33.78 16.46
N LEU A 929 -25.53 32.99 16.57
CA LEU A 929 -24.19 33.54 16.69
C LEU A 929 -23.82 34.23 15.38
N LYS A 930 -24.19 33.65 14.24
CA LYS A 930 -23.89 34.30 12.97
C LYS A 930 -24.50 35.69 13.01
N LYS A 931 -25.75 35.78 13.46
CA LYS A 931 -26.41 37.09 13.54
C LYS A 931 -25.75 37.98 14.60
N LEU A 932 -25.65 37.47 15.82
CA LEU A 932 -25.08 38.20 16.96
C LEU A 932 -23.64 38.70 16.82
N LEU A 933 -22.80 37.96 16.11
CA LEU A 933 -21.39 38.32 15.94
C LEU A 933 -21.08 38.91 14.59
N ALA A 934 -22.11 39.18 13.81
CA ALA A 934 -21.93 39.75 12.49
C ALA A 934 -21.02 40.98 12.60
N GLY A 935 -20.00 41.04 11.76
CA GLY A 935 -19.08 42.18 11.79
C GLY A 935 -17.93 42.11 12.79
N GLN A 936 -18.15 41.46 13.93
CA GLN A 936 -17.13 41.31 14.97
C GLN A 936 -15.81 40.81 14.35
N LYS A 937 -14.76 41.62 14.46
CA LYS A 937 -13.45 41.26 13.90
C LYS A 937 -12.31 41.14 14.92
N ASP A 938 -12.53 41.59 16.15
CA ASP A 938 -11.43 41.53 17.11
C ASP A 938 -11.58 40.56 18.27
N GLY A 939 -10.43 40.20 18.82
CA GLY A 939 -10.40 39.30 19.94
C GLY A 939 -11.15 37.99 19.76
N LEU A 940 -11.42 37.37 20.90
CA LEU A 940 -12.12 36.10 21.06
C LEU A 940 -13.42 35.99 20.25
N LEU A 941 -14.29 36.98 20.38
CA LEU A 941 -15.57 36.98 19.67
C LEU A 941 -15.29 37.08 18.19
N GLY A 942 -14.13 37.62 17.85
CA GLY A 942 -13.75 37.75 16.46
C GLY A 942 -13.33 36.42 15.86
N GLN A 943 -12.62 35.61 16.64
CA GLN A 943 -12.18 34.29 16.16
C GLN A 943 -13.40 33.39 16.02
N ILE A 944 -14.34 33.52 16.96
CA ILE A 944 -15.54 32.72 16.94
C ILE A 944 -16.38 33.08 15.75
N ALA A 945 -16.46 34.37 15.46
CA ALA A 945 -17.26 34.83 14.33
C ALA A 945 -16.70 34.34 12.99
N ALA A 946 -15.40 34.09 12.96
CA ALA A 946 -14.74 33.64 11.74
C ALA A 946 -14.80 32.13 11.58
N MET A 947 -15.42 31.44 12.53
CA MET A 947 -15.52 29.98 12.45
C MET A 947 -16.95 29.48 12.23
N SER A 948 -17.81 30.35 11.72
CA SER A 948 -19.22 30.00 11.50
C SER A 948 -19.43 28.74 10.65
N ASP A 949 -18.53 28.47 9.70
CA ASP A 949 -18.72 27.27 8.89
C ASP A 949 -18.46 25.99 9.70
N LEU A 950 -18.27 26.16 11.00
CA LEU A 950 -18.05 25.02 11.90
C LEU A 950 -19.17 24.96 12.96
N TYR A 951 -20.08 25.92 12.96
CA TYR A 951 -21.17 25.93 13.95
C TYR A 951 -22.06 24.69 13.92
N THR A 952 -22.72 24.43 12.80
CA THR A 952 -23.58 23.27 12.77
C THR A 952 -22.86 21.94 12.55
N LYS A 953 -23.28 20.95 13.34
CA LYS A 953 -22.73 19.60 13.32
C LYS A 953 -22.73 19.03 11.91
N LYS A 954 -21.55 18.64 11.43
CA LYS A 954 -21.41 18.10 10.10
C LYS A 954 -21.63 16.58 10.07
N SER A 955 -21.92 16.07 8.88
CA SER A 955 -22.16 14.66 8.72
C SER A 955 -21.11 14.09 7.75
N VAL A 956 -20.21 13.28 8.28
CA VAL A 956 -19.17 12.68 7.45
C VAL A 956 -19.57 11.33 6.89
N TRP A 957 -19.63 11.25 5.57
CA TRP A 957 -19.99 10.01 4.92
C TRP A 957 -18.84 9.51 4.05
N ILE A 958 -18.75 8.19 3.95
CA ILE A 958 -17.75 7.52 3.14
C ILE A 958 -18.56 6.68 2.17
N PHE A 959 -18.49 6.99 0.86
CA PHE A 959 -19.22 6.25 -0.17
C PHE A 959 -18.26 5.31 -0.89
N GLY A 960 -18.70 4.09 -1.14
CA GLY A 960 -17.82 3.17 -1.85
C GLY A 960 -18.57 1.95 -2.34
N GLY A 961 -18.01 1.26 -3.32
CA GLY A 961 -18.63 0.06 -3.86
C GLY A 961 -18.20 -1.13 -3.06
N ASP A 962 -18.68 -2.31 -3.45
CA ASP A 962 -18.32 -3.55 -2.75
C ASP A 962 -16.85 -3.91 -2.94
N GLY A 963 -16.32 -3.66 -4.13
CA GLY A 963 -14.92 -3.94 -4.38
C GLY A 963 -14.05 -3.20 -3.38
N TRP A 964 -14.43 -1.95 -3.10
CA TRP A 964 -13.72 -1.13 -2.14
C TRP A 964 -13.86 -1.68 -0.70
N ALA A 965 -15.11 -1.87 -0.28
CA ALA A 965 -15.43 -2.28 1.07
C ALA A 965 -15.10 -3.71 1.45
N TYR A 966 -15.24 -4.64 0.51
CA TYR A 966 -14.96 -6.03 0.81
C TYR A 966 -13.52 -6.41 0.46
N ASP A 967 -12.89 -5.64 -0.42
CA ASP A 967 -11.54 -6.01 -0.84
C ASP A 967 -10.39 -5.07 -0.49
N ILE A 968 -10.05 -4.18 -1.42
CA ILE A 968 -8.93 -3.28 -1.25
C ILE A 968 -8.98 -2.31 -0.06
N GLY A 969 -10.17 -1.86 0.29
CA GLY A 969 -10.28 -0.93 1.39
C GLY A 969 -10.81 -1.52 2.68
N TYR A 970 -11.02 -2.83 2.67
CA TYR A 970 -11.55 -3.52 3.82
C TYR A 970 -10.72 -3.27 5.08
N GLY A 971 -9.40 -3.34 4.98
CA GLY A 971 -8.56 -3.10 6.14
C GLY A 971 -8.77 -1.69 6.70
N GLY A 972 -8.89 -0.73 5.80
CA GLY A 972 -9.10 0.65 6.20
C GLY A 972 -10.46 0.79 6.81
N LEU A 973 -11.47 0.24 6.14
CA LEU A 973 -12.86 0.30 6.60
C LEU A 973 -12.96 -0.27 8.01
N ASP A 974 -12.39 -1.46 8.17
CA ASP A 974 -12.38 -2.16 9.43
C ASP A 974 -11.79 -1.28 10.54
N HIS A 975 -10.62 -0.70 10.29
CA HIS A 975 -9.98 0.13 11.31
C HIS A 975 -10.81 1.38 11.68
N VAL A 976 -11.35 2.05 10.68
CA VAL A 976 -12.13 3.24 10.94
C VAL A 976 -13.38 2.93 11.77
N LEU A 977 -14.08 1.86 11.41
CA LEU A 977 -15.26 1.48 12.16
C LEU A 977 -14.87 1.07 13.59
N ALA A 978 -13.69 0.48 13.74
CA ALA A 978 -13.24 0.05 15.05
C ALA A 978 -12.81 1.21 15.94
N SER A 979 -12.65 2.39 15.34
CA SER A 979 -12.21 3.58 16.10
C SER A 979 -13.32 4.11 17.01
N GLY A 980 -14.56 3.78 16.67
CA GLY A 980 -15.67 4.25 17.47
C GLY A 980 -15.98 5.70 17.17
N GLU A 981 -15.35 6.28 16.15
CA GLU A 981 -15.63 7.68 15.83
C GLU A 981 -16.93 7.82 15.04
N ASP A 982 -17.48 9.03 15.01
CA ASP A 982 -18.73 9.29 14.33
C ASP A 982 -18.65 9.43 12.82
N VAL A 983 -18.58 8.32 12.09
CA VAL A 983 -18.55 8.44 10.64
C VAL A 983 -19.66 7.54 10.11
N ASN A 984 -20.03 7.76 8.85
CA ASN A 984 -21.09 6.99 8.23
C ASN A 984 -20.56 6.36 6.96
N VAL A 985 -20.63 5.04 6.87
CA VAL A 985 -20.15 4.36 5.67
C VAL A 985 -21.33 3.86 4.87
N PHE A 986 -21.41 4.27 3.61
CA PHE A 986 -22.48 3.80 2.76
C PHE A 986 -21.89 2.99 1.62
N VAL A 987 -22.10 1.68 1.68
CA VAL A 987 -21.60 0.77 0.68
C VAL A 987 -22.68 0.42 -0.36
N MET A 988 -22.38 0.69 -1.63
CA MET A 988 -23.28 0.40 -2.73
C MET A 988 -22.80 -0.93 -3.29
N ASP A 989 -23.39 -2.02 -2.82
CA ASP A 989 -23.00 -3.35 -3.26
C ASP A 989 -23.57 -3.78 -4.63
N THR A 990 -22.69 -3.83 -5.65
CA THR A 990 -23.09 -4.26 -6.99
C THR A 990 -22.63 -5.71 -7.19
N GLU A 991 -22.02 -6.26 -6.16
CA GLU A 991 -21.55 -7.65 -6.18
C GLU A 991 -20.49 -7.98 -7.24
N VAL A 992 -19.81 -6.93 -7.70
CA VAL A 992 -18.72 -7.01 -8.67
C VAL A 992 -18.03 -5.65 -8.72
N TYR A 993 -16.87 -5.62 -9.36
CA TYR A 993 -16.14 -4.39 -9.58
C TYR A 993 -16.81 -3.92 -10.87
N SER A 994 -17.77 -3.01 -10.76
CA SER A 994 -18.53 -2.55 -11.93
C SER A 994 -17.79 -1.70 -12.93
N ASN A 995 -17.29 -0.58 -12.45
CA ASN A 995 -16.60 0.38 -13.29
C ASN A 995 -15.52 -0.16 -14.19
N THR A 996 -14.72 -1.08 -13.67
CA THR A 996 -13.61 -1.65 -14.40
C THR A 996 -13.97 -2.78 -15.34
N GLY A 997 -15.23 -3.19 -15.35
CA GLY A 997 -15.60 -4.26 -16.27
C GLY A 997 -16.12 -5.56 -15.69
N GLY A 998 -16.84 -5.47 -14.59
CA GLY A 998 -17.43 -6.65 -13.98
C GLY A 998 -16.56 -7.76 -13.43
N GLN A 999 -15.47 -7.41 -12.75
CA GLN A 999 -14.60 -8.43 -12.16
C GLN A 999 -15.20 -8.88 -10.83
N SER A 1000 -14.96 -10.12 -10.48
CA SER A 1000 -15.45 -10.67 -9.23
C SER A 1000 -14.79 -9.96 -8.04
N SER A 1001 -15.55 -9.86 -6.94
CA SER A 1001 -15.06 -9.26 -5.70
C SER A 1001 -15.53 -10.25 -4.62
N LYS A 1002 -15.04 -10.10 -3.38
CA LYS A 1002 -15.48 -11.03 -2.34
C LYS A 1002 -16.95 -10.85 -2.02
N ALA A 1003 -17.56 -9.82 -2.61
CA ALA A 1003 -18.99 -9.54 -2.44
C ALA A 1003 -19.81 -10.30 -3.51
N THR A 1004 -19.12 -10.86 -4.49
CA THR A 1004 -19.79 -11.61 -5.54
C THR A 1004 -20.35 -12.88 -4.90
N PRO A 1005 -21.62 -13.22 -5.19
CA PRO A 1005 -22.28 -14.40 -4.63
C PRO A 1005 -21.86 -15.73 -5.25
N THR A 1006 -22.15 -16.82 -4.53
CA THR A 1006 -21.86 -18.16 -5.01
C THR A 1006 -22.54 -18.36 -6.37
N GLY A 1007 -21.81 -18.88 -7.34
CA GLY A 1007 -22.39 -19.15 -8.64
C GLY A 1007 -22.63 -18.00 -9.59
N ALA A 1008 -22.31 -16.78 -9.18
CA ALA A 1008 -22.50 -15.64 -10.08
C ALA A 1008 -21.37 -15.64 -11.10
N VAL A 1009 -21.67 -15.29 -12.35
CA VAL A 1009 -20.64 -15.25 -13.36
C VAL A 1009 -20.08 -13.83 -13.45
N ALA A 1010 -18.76 -13.70 -13.39
CA ALA A 1010 -18.09 -12.40 -13.46
C ALA A 1010 -16.66 -12.69 -13.82
N LYS A 1011 -15.90 -11.68 -14.21
CA LYS A 1011 -14.50 -11.90 -14.58
C LYS A 1011 -13.74 -12.49 -13.39
N PHE A 1012 -12.95 -13.53 -13.67
CA PHE A 1012 -12.18 -14.28 -12.66
C PHE A 1012 -13.06 -15.18 -11.82
N ALA A 1013 -14.27 -15.41 -12.33
CA ALA A 1013 -15.25 -16.31 -11.71
C ALA A 1013 -16.19 -16.67 -12.87
N ALA A 1014 -15.60 -16.90 -14.03
CA ALA A 1014 -16.32 -17.20 -15.27
C ALA A 1014 -16.98 -18.58 -15.38
N ALA A 1015 -16.91 -19.37 -14.32
CA ALA A 1015 -17.54 -20.67 -14.30
C ALA A 1015 -18.47 -20.59 -13.10
N GLY A 1016 -18.69 -19.36 -12.64
CA GLY A 1016 -19.53 -19.13 -11.47
C GLY A 1016 -18.61 -19.10 -10.27
N LYS A 1017 -18.72 -18.07 -9.43
CA LYS A 1017 -17.85 -17.98 -8.26
C LYS A 1017 -18.08 -19.19 -7.35
N ARG A 1018 -16.97 -19.81 -6.93
CA ARG A 1018 -17.00 -21.00 -6.12
C ARG A 1018 -16.77 -20.85 -4.61
N THR A 1019 -16.94 -19.62 -4.12
CA THR A 1019 -16.84 -19.33 -2.69
C THR A 1019 -18.07 -18.46 -2.42
N GLY A 1020 -18.64 -18.57 -1.23
CA GLY A 1020 -19.81 -17.75 -0.92
C GLY A 1020 -19.46 -16.28 -0.80
N LYS A 1021 -20.48 -15.43 -0.74
CA LYS A 1021 -20.29 -13.99 -0.61
C LYS A 1021 -19.79 -13.68 0.82
N LYS A 1022 -18.69 -12.94 0.92
CA LYS A 1022 -18.14 -12.58 2.22
C LYS A 1022 -19.22 -11.87 3.04
N ASP A 1023 -19.33 -12.20 4.32
CA ASP A 1023 -20.36 -11.60 5.16
C ASP A 1023 -19.85 -10.36 5.89
N LEU A 1024 -19.71 -9.27 5.16
CA LEU A 1024 -19.20 -8.03 5.77
C LEU A 1024 -20.03 -7.57 6.97
N ALA A 1025 -21.36 -7.60 6.83
CA ALA A 1025 -22.25 -7.15 7.91
C ALA A 1025 -22.02 -7.90 9.21
N ARG A 1026 -22.05 -9.21 9.15
CA ARG A 1026 -21.86 -9.99 10.36
C ARG A 1026 -20.44 -9.84 10.92
N MET A 1027 -19.47 -9.57 10.07
CA MET A 1027 -18.11 -9.40 10.58
C MET A 1027 -18.00 -8.10 11.41
N VAL A 1028 -18.62 -7.04 10.90
CA VAL A 1028 -18.60 -5.76 11.57
C VAL A 1028 -19.44 -5.79 12.85
N MET A 1029 -20.51 -6.57 12.85
CA MET A 1029 -21.35 -6.65 14.04
C MET A 1029 -20.66 -7.25 15.26
N THR A 1030 -19.56 -7.99 15.07
CA THR A 1030 -18.87 -8.59 16.22
C THR A 1030 -18.26 -7.53 17.11
N TYR A 1031 -18.17 -6.29 16.62
CA TYR A 1031 -17.60 -5.22 17.43
C TYR A 1031 -18.57 -4.85 18.55
N GLY A 1032 -19.86 -4.88 18.23
CA GLY A 1032 -20.86 -4.54 19.21
C GLY A 1032 -21.15 -3.05 19.29
N TYR A 1033 -20.16 -2.20 19.01
CA TYR A 1033 -20.38 -0.76 19.08
C TYR A 1033 -20.51 -0.04 17.76
N VAL A 1034 -20.74 -0.78 16.69
CA VAL A 1034 -20.89 -0.16 15.38
C VAL A 1034 -22.31 -0.41 14.89
N TYR A 1035 -22.99 0.64 14.44
CA TYR A 1035 -24.33 0.49 13.92
C TYR A 1035 -24.16 -0.14 12.55
N VAL A 1036 -24.80 -1.28 12.32
CA VAL A 1036 -24.71 -1.97 11.03
C VAL A 1036 -26.14 -2.23 10.52
N ALA A 1037 -26.37 -2.00 9.23
CA ALA A 1037 -27.68 -2.22 8.65
C ALA A 1037 -27.60 -2.48 7.15
N THR A 1038 -28.59 -3.21 6.64
CA THR A 1038 -28.68 -3.50 5.23
C THR A 1038 -29.98 -2.88 4.71
N VAL A 1039 -29.98 -2.47 3.45
CA VAL A 1039 -31.16 -1.84 2.86
C VAL A 1039 -31.34 -2.28 1.42
N SER A 1040 -32.55 -2.08 0.91
CA SER A 1040 -32.92 -2.42 -0.46
C SER A 1040 -34.11 -1.54 -0.80
N MET A 1041 -33.87 -0.49 -1.56
CA MET A 1041 -34.92 0.46 -1.89
C MET A 1041 -36.21 -0.17 -2.42
N GLY A 1042 -36.08 -1.02 -3.43
CA GLY A 1042 -37.24 -1.66 -4.02
C GLY A 1042 -38.09 -2.47 -3.05
N TYR A 1043 -37.49 -2.90 -1.96
CA TYR A 1043 -38.24 -3.67 -0.97
C TYR A 1043 -38.96 -2.75 0.03
N SER A 1044 -38.25 -1.75 0.53
CA SER A 1044 -38.85 -0.81 1.48
C SER A 1044 -38.12 0.52 1.54
N LYS A 1045 -38.77 1.55 1.01
CA LYS A 1045 -38.22 2.88 1.01
C LYS A 1045 -38.22 3.38 2.45
N GLN A 1046 -39.26 3.03 3.19
CA GLN A 1046 -39.37 3.45 4.57
C GLN A 1046 -38.23 2.90 5.42
N GLN A 1047 -37.94 1.61 5.26
CA GLN A 1047 -36.88 1.01 6.03
C GLN A 1047 -35.55 1.69 5.67
N PHE A 1048 -35.41 2.08 4.40
CA PHE A 1048 -34.19 2.74 3.94
C PHE A 1048 -34.05 4.07 4.67
N LEU A 1049 -35.13 4.85 4.68
CA LEU A 1049 -35.12 6.14 5.34
C LEU A 1049 -34.88 5.96 6.85
N LYS A 1050 -35.49 4.93 7.44
CA LYS A 1050 -35.33 4.68 8.86
C LYS A 1050 -33.86 4.38 9.16
N VAL A 1051 -33.24 3.58 8.30
CA VAL A 1051 -31.83 3.24 8.45
C VAL A 1051 -30.95 4.50 8.32
N LEU A 1052 -31.22 5.32 7.33
CA LEU A 1052 -30.44 6.53 7.15
C LEU A 1052 -30.47 7.37 8.41
N LYS A 1053 -31.66 7.62 8.94
CA LYS A 1053 -31.81 8.41 10.16
C LYS A 1053 -31.13 7.80 11.38
N GLU A 1054 -31.27 6.49 11.56
CA GLU A 1054 -30.65 5.82 12.70
C GLU A 1054 -29.13 5.73 12.57
N ALA A 1055 -28.63 5.46 11.37
CA ALA A 1055 -27.19 5.32 11.18
C ALA A 1055 -26.51 6.65 11.41
N GLU A 1056 -27.05 7.69 10.79
CA GLU A 1056 -26.48 9.02 10.90
C GLU A 1056 -26.54 9.60 12.32
N SER A 1057 -27.63 9.32 13.03
CA SER A 1057 -27.78 9.86 14.39
C SER A 1057 -27.00 9.06 15.42
N PHE A 1058 -26.52 7.88 15.03
CA PHE A 1058 -25.76 7.06 15.95
C PHE A 1058 -24.45 7.80 16.24
N PRO A 1059 -24.12 8.00 17.53
CA PRO A 1059 -22.88 8.71 17.87
C PRO A 1059 -21.72 7.73 17.97
N GLY A 1060 -21.35 7.19 16.83
CA GLY A 1060 -20.27 6.22 16.75
C GLY A 1060 -20.19 5.89 15.27
N PRO A 1061 -19.53 4.79 14.90
CA PRO A 1061 -19.42 4.38 13.49
C PRO A 1061 -20.67 3.68 12.97
N SER A 1062 -21.02 3.98 11.73
CA SER A 1062 -22.18 3.37 11.09
C SER A 1062 -21.81 2.82 9.71
N LEU A 1063 -22.31 1.62 9.44
CA LEU A 1063 -22.12 0.94 8.17
C LEU A 1063 -23.48 0.55 7.57
N VAL A 1064 -23.75 1.05 6.39
CA VAL A 1064 -25.00 0.75 5.70
C VAL A 1064 -24.66 0.13 4.36
N ILE A 1065 -25.10 -1.11 4.16
CA ILE A 1065 -24.84 -1.82 2.92
C ILE A 1065 -26.13 -1.91 2.11
N ALA A 1066 -26.12 -1.32 0.92
CA ALA A 1066 -27.29 -1.30 0.04
C ALA A 1066 -27.19 -2.22 -1.19
N TYR A 1067 -28.28 -2.90 -1.54
CA TYR A 1067 -28.28 -3.75 -2.73
C TYR A 1067 -28.38 -2.82 -3.94
N ALA A 1068 -27.34 -2.78 -4.77
CA ALA A 1068 -27.36 -1.91 -5.95
C ALA A 1068 -27.35 -2.72 -7.25
N THR A 1069 -28.39 -2.50 -8.06
CA THR A 1069 -28.49 -3.21 -9.32
C THR A 1069 -27.49 -2.59 -10.25
N CYS A 1070 -27.09 -3.33 -11.26
CA CYS A 1070 -26.09 -2.82 -12.17
C CYS A 1070 -26.18 -3.54 -13.49
N ILE A 1071 -25.90 -2.84 -14.58
CA ILE A 1071 -25.94 -3.45 -15.90
C ILE A 1071 -25.11 -4.76 -15.96
N ASN A 1072 -24.04 -4.86 -15.16
CA ASN A 1072 -23.18 -6.06 -15.14
C ASN A 1072 -23.95 -7.31 -14.68
N GLN A 1073 -25.02 -7.12 -13.92
CA GLN A 1073 -25.77 -8.27 -13.43
C GLN A 1073 -26.67 -8.82 -14.53
N GLY A 1074 -26.84 -8.02 -15.57
CA GLY A 1074 -27.66 -8.41 -16.70
C GLY A 1074 -29.11 -8.69 -16.36
N LEU A 1075 -29.83 -7.68 -15.89
CA LEU A 1075 -31.25 -7.83 -15.56
C LEU A 1075 -31.98 -8.11 -16.88
N ARG A 1076 -32.59 -9.30 -16.96
CA ARG A 1076 -33.30 -9.80 -18.15
C ARG A 1076 -34.36 -8.92 -18.80
N LYS A 1077 -35.14 -8.19 -18.00
CA LYS A 1077 -36.19 -7.34 -18.57
C LYS A 1077 -35.84 -5.85 -18.58
N GLY A 1078 -34.56 -5.53 -18.38
CA GLY A 1078 -34.12 -4.15 -18.40
C GLY A 1078 -33.86 -3.61 -17.01
N MET A 1079 -33.09 -2.52 -16.94
CA MET A 1079 -32.76 -1.91 -15.65
C MET A 1079 -33.97 -1.19 -15.06
N GLY A 1080 -35.00 -0.97 -15.88
CA GLY A 1080 -36.20 -0.32 -15.39
C GLY A 1080 -36.93 -1.23 -14.41
N LYS A 1081 -36.38 -2.42 -14.16
CA LYS A 1081 -36.98 -3.38 -13.22
C LYS A 1081 -36.13 -3.48 -11.95
N SER A 1082 -35.18 -2.56 -11.79
CA SER A 1082 -34.30 -2.55 -10.63
C SER A 1082 -35.04 -2.55 -9.33
N GLN A 1083 -35.98 -1.61 -9.20
CA GLN A 1083 -36.75 -1.54 -7.98
C GLN A 1083 -37.40 -2.90 -7.69
N ASP A 1084 -38.05 -3.48 -8.68
CA ASP A 1084 -38.69 -4.79 -8.52
C ASP A 1084 -37.66 -5.87 -8.19
N VAL A 1085 -36.49 -5.81 -8.82
CA VAL A 1085 -35.42 -6.78 -8.56
C VAL A 1085 -34.93 -6.61 -7.10
N MET A 1086 -34.81 -5.37 -6.65
CA MET A 1086 -34.40 -5.09 -5.28
C MET A 1086 -35.46 -5.66 -4.34
N ASN A 1087 -36.72 -5.55 -4.76
CA ASN A 1087 -37.85 -6.06 -3.97
C ASN A 1087 -37.72 -7.59 -3.81
N THR A 1088 -37.56 -8.28 -4.93
CA THR A 1088 -37.39 -9.74 -4.94
C THR A 1088 -36.13 -10.18 -4.19
N ALA A 1089 -35.06 -9.40 -4.33
CA ALA A 1089 -33.80 -9.73 -3.67
C ALA A 1089 -34.04 -9.96 -2.20
N VAL A 1090 -34.93 -9.14 -1.63
CA VAL A 1090 -35.23 -9.26 -0.22
C VAL A 1090 -36.28 -10.33 0.05
N LYS A 1091 -37.37 -10.34 -0.72
CA LYS A 1091 -38.40 -11.34 -0.49
C LYS A 1091 -37.88 -12.78 -0.59
N SER A 1092 -36.99 -13.03 -1.55
CA SER A 1092 -36.42 -14.36 -1.76
C SER A 1092 -35.50 -14.78 -0.62
N GLY A 1093 -35.10 -13.80 0.19
CA GLY A 1093 -34.22 -14.10 1.31
C GLY A 1093 -32.77 -14.00 0.89
N TYR A 1094 -32.57 -13.58 -0.35
CA TYR A 1094 -31.23 -13.41 -0.94
C TYR A 1094 -30.51 -12.25 -0.24
N TRP A 1095 -31.26 -11.18 0.00
CA TRP A 1095 -30.75 -9.97 0.64
C TRP A 1095 -31.62 -9.60 1.84
N PRO A 1096 -31.44 -10.32 2.96
CA PRO A 1096 -32.25 -9.99 4.13
C PRO A 1096 -31.91 -8.62 4.69
N LEU A 1097 -32.94 -7.92 5.19
CA LEU A 1097 -32.74 -6.59 5.76
C LEU A 1097 -32.76 -6.64 7.28
N PHE A 1098 -31.87 -5.89 7.88
CA PHE A 1098 -31.78 -5.87 9.33
C PHE A 1098 -31.07 -4.59 9.80
N ARG A 1099 -31.03 -4.43 11.11
CA ARG A 1099 -30.37 -3.29 11.71
C ARG A 1099 -29.77 -3.74 13.01
N TYR A 1100 -28.52 -3.33 13.23
CA TYR A 1100 -27.84 -3.66 14.46
C TYR A 1100 -27.60 -2.30 15.09
N ASP A 1101 -28.33 -2.00 16.16
CA ASP A 1101 -28.20 -0.71 16.84
C ASP A 1101 -27.67 -0.85 18.26
N PRO A 1102 -26.39 -0.49 18.48
CA PRO A 1102 -25.77 -0.59 19.81
C PRO A 1102 -26.46 0.16 20.94
N ARG A 1103 -27.22 1.21 20.64
CA ARG A 1103 -27.82 1.94 21.73
C ARG A 1103 -28.99 1.21 22.38
N LEU A 1104 -29.62 0.31 21.63
CA LEU A 1104 -30.70 -0.49 22.21
C LEU A 1104 -30.10 -1.38 23.33
N ALA A 1105 -28.91 -1.92 23.07
CA ALA A 1105 -28.23 -2.76 24.06
C ALA A 1105 -27.87 -1.93 25.28
N ALA A 1106 -27.53 -0.66 25.05
CA ALA A 1106 -27.20 0.23 26.14
C ALA A 1106 -28.43 0.44 27.02
N GLN A 1107 -29.60 0.06 26.52
CA GLN A 1107 -30.83 0.20 27.29
C GLN A 1107 -31.48 -1.16 27.49
N GLY A 1108 -30.64 -2.19 27.57
CA GLY A 1108 -31.12 -3.54 27.79
C GLY A 1108 -31.78 -4.36 26.70
N LYS A 1109 -32.18 -3.73 25.58
CA LYS A 1109 -32.82 -4.46 24.47
C LYS A 1109 -31.81 -5.01 23.46
N ASN A 1110 -32.22 -6.02 22.70
CA ASN A 1110 -31.37 -6.66 21.69
C ASN A 1110 -31.05 -5.68 20.55
N PRO A 1111 -29.76 -5.39 20.33
CA PRO A 1111 -29.37 -4.46 19.27
C PRO A 1111 -29.74 -4.92 17.87
N PHE A 1112 -29.81 -6.23 17.66
CA PHE A 1112 -30.12 -6.80 16.36
C PHE A 1112 -31.62 -6.95 16.04
N GLN A 1113 -32.05 -6.43 14.90
CA GLN A 1113 -33.45 -6.55 14.53
C GLN A 1113 -33.60 -6.93 13.08
N LEU A 1114 -34.40 -7.95 12.80
CA LEU A 1114 -34.64 -8.36 11.42
C LEU A 1114 -35.73 -7.44 10.85
N ASP A 1115 -35.58 -7.01 9.59
CA ASP A 1115 -36.56 -6.14 8.98
C ASP A 1115 -37.27 -6.80 7.80
N SER A 1116 -36.90 -8.04 7.51
CA SER A 1116 -37.53 -8.76 6.41
C SER A 1116 -37.95 -10.17 6.85
N LYS A 1117 -38.73 -10.85 6.02
CA LYS A 1117 -39.23 -12.18 6.38
C LYS A 1117 -38.47 -13.34 5.77
N ALA A 1118 -38.70 -14.54 6.30
CA ALA A 1118 -38.01 -15.74 5.82
C ALA A 1118 -38.14 -15.88 4.31
N PRO A 1119 -37.17 -16.54 3.65
CA PRO A 1119 -37.20 -16.74 2.20
C PRO A 1119 -38.57 -17.26 1.74
N ASP A 1120 -39.14 -16.64 0.71
CA ASP A 1120 -40.44 -17.04 0.20
C ASP A 1120 -40.39 -18.07 -0.93
N GLY A 1121 -39.23 -18.66 -1.17
CA GLY A 1121 -39.10 -19.67 -2.22
C GLY A 1121 -38.93 -19.19 -3.64
N SER A 1122 -38.79 -17.89 -3.83
CA SER A 1122 -38.64 -17.34 -5.17
C SER A 1122 -37.19 -17.10 -5.65
N VAL A 1123 -36.20 -17.54 -4.87
CA VAL A 1123 -34.82 -17.30 -5.24
C VAL A 1123 -34.46 -17.78 -6.65
N GLU A 1124 -34.93 -18.96 -7.04
CA GLU A 1124 -34.64 -19.50 -8.36
C GLU A 1124 -35.06 -18.56 -9.49
N GLU A 1125 -36.27 -18.03 -9.45
CA GLU A 1125 -36.67 -17.13 -10.53
C GLU A 1125 -35.89 -15.81 -10.43
N PHE A 1126 -35.50 -15.47 -9.20
CA PHE A 1126 -34.72 -14.26 -8.93
C PHE A 1126 -33.37 -14.37 -9.64
N LEU A 1127 -32.69 -15.50 -9.44
CA LEU A 1127 -31.40 -15.73 -10.06
C LEU A 1127 -31.52 -15.84 -11.58
N MET A 1128 -32.41 -16.72 -12.03
CA MET A 1128 -32.61 -16.96 -13.46
C MET A 1128 -33.02 -15.72 -14.26
N ALA A 1129 -33.45 -14.67 -13.58
CA ALA A 1129 -33.85 -13.43 -14.23
C ALA A 1129 -32.66 -12.48 -14.42
N GLN A 1130 -31.46 -12.95 -14.09
CA GLN A 1130 -30.25 -12.14 -14.25
C GLN A 1130 -29.25 -12.97 -15.07
N ASN A 1131 -28.68 -12.37 -16.10
CA ASN A 1131 -27.75 -13.09 -16.95
C ASN A 1131 -26.53 -13.61 -16.20
N ARG A 1132 -26.06 -12.84 -15.21
CA ARG A 1132 -24.89 -13.27 -14.43
C ARG A 1132 -25.13 -14.66 -13.82
N PHE A 1133 -26.38 -15.11 -13.82
CA PHE A 1133 -26.70 -16.44 -13.31
C PHE A 1133 -27.20 -17.33 -14.45
N ALA A 1134 -28.04 -16.76 -15.30
CA ALA A 1134 -28.60 -17.49 -16.44
C ALA A 1134 -27.53 -18.00 -17.43
N VAL A 1135 -26.48 -17.22 -17.71
CA VAL A 1135 -25.45 -17.69 -18.65
C VAL A 1135 -24.82 -18.98 -18.20
N LEU A 1136 -24.64 -19.12 -16.89
CA LEU A 1136 -24.05 -20.32 -16.36
C LEU A 1136 -24.98 -21.50 -16.64
N ASP A 1137 -26.29 -21.29 -16.44
CA ASP A 1137 -27.27 -22.35 -16.67
C ASP A 1137 -27.25 -22.83 -18.10
N ARG A 1138 -27.13 -21.91 -19.05
CA ARG A 1138 -27.08 -22.27 -20.46
C ARG A 1138 -25.75 -22.91 -20.84
N SER A 1139 -24.68 -22.54 -20.16
CA SER A 1139 -23.37 -23.09 -20.53
C SER A 1139 -22.93 -24.30 -19.73
N PHE A 1140 -23.24 -24.29 -18.43
CA PHE A 1140 -22.87 -25.40 -17.55
C PHE A 1140 -24.07 -25.69 -16.65
N PRO A 1141 -25.18 -26.14 -17.27
CA PRO A 1141 -26.44 -26.47 -16.61
C PRO A 1141 -26.28 -27.37 -15.41
N GLU A 1142 -25.39 -28.34 -15.53
CA GLU A 1142 -25.14 -29.28 -14.44
C GLU A 1142 -24.60 -28.53 -13.18
N ASP A 1143 -23.50 -27.78 -13.33
CA ASP A 1143 -22.92 -27.01 -12.21
C ASP A 1143 -23.81 -25.83 -11.80
N ALA A 1144 -24.40 -25.16 -12.79
CA ALA A 1144 -25.29 -24.03 -12.51
C ALA A 1144 -26.44 -24.46 -11.59
N LYS A 1145 -27.04 -25.62 -11.86
CA LYS A 1145 -28.13 -26.10 -11.01
C LYS A 1145 -27.59 -26.25 -9.60
N ARG A 1146 -26.45 -26.93 -9.47
CA ARG A 1146 -25.80 -27.15 -8.18
C ARG A 1146 -25.54 -25.81 -7.46
N LEU A 1147 -24.97 -24.85 -8.18
CA LEU A 1147 -24.65 -23.57 -7.57
C LEU A 1147 -25.89 -22.79 -7.14
N ARG A 1148 -26.98 -22.89 -7.90
CA ARG A 1148 -28.18 -22.17 -7.50
C ARG A 1148 -28.77 -22.86 -6.28
N ALA A 1149 -28.63 -24.16 -6.18
CA ALA A 1149 -29.16 -24.85 -5.01
C ALA A 1149 -28.31 -24.48 -3.80
N GLN A 1150 -27.00 -24.29 -4.01
CA GLN A 1150 -26.10 -23.92 -2.92
C GLN A 1150 -26.44 -22.54 -2.40
N VAL A 1151 -26.77 -21.63 -3.30
CA VAL A 1151 -27.15 -20.28 -2.93
C VAL A 1151 -28.43 -20.32 -2.11
N ALA A 1152 -29.39 -21.13 -2.53
CA ALA A 1152 -30.64 -21.22 -1.79
C ALA A 1152 -30.37 -21.77 -0.40
N HIS A 1153 -29.44 -22.73 -0.32
CA HIS A 1153 -29.09 -23.31 0.97
C HIS A 1153 -28.34 -22.29 1.82
N GLU A 1154 -27.41 -21.55 1.23
CA GLU A 1154 -26.66 -20.55 1.98
C GLU A 1154 -27.62 -19.53 2.58
N LEU A 1155 -28.47 -18.92 1.75
CA LEU A 1155 -29.40 -17.91 2.27
C LEU A 1155 -30.35 -18.48 3.32
N ASP A 1156 -30.76 -19.74 3.16
CA ASP A 1156 -31.63 -20.36 4.14
C ASP A 1156 -30.90 -20.46 5.47
N VAL A 1157 -29.63 -20.88 5.45
CA VAL A 1157 -28.90 -20.97 6.70
C VAL A 1157 -28.69 -19.58 7.29
N ARG A 1158 -28.19 -18.67 6.47
CA ARG A 1158 -27.95 -17.32 6.94
C ARG A 1158 -29.20 -16.73 7.61
N PHE A 1159 -30.35 -16.82 6.97
CA PHE A 1159 -31.55 -16.25 7.58
C PHE A 1159 -31.85 -16.88 8.94
N LYS A 1160 -31.66 -18.18 9.06
CA LYS A 1160 -31.88 -18.85 10.34
C LYS A 1160 -30.92 -18.35 11.41
N GLU A 1161 -29.71 -17.97 11.00
CA GLU A 1161 -28.71 -17.46 11.94
C GLU A 1161 -29.13 -16.07 12.38
N LEU A 1162 -29.69 -15.30 11.46
CA LEU A 1162 -30.15 -13.95 11.74
C LEU A 1162 -31.35 -14.05 12.67
N GLU A 1163 -32.25 -15.01 12.39
CA GLU A 1163 -33.42 -15.19 13.24
C GLU A 1163 -32.97 -15.45 14.67
N HIS A 1164 -31.97 -16.32 14.86
CA HIS A 1164 -31.51 -16.57 16.22
C HIS A 1164 -30.84 -15.34 16.81
N MET A 1165 -30.13 -14.58 15.98
CA MET A 1165 -29.50 -13.37 16.50
C MET A 1165 -30.60 -12.47 17.08
N ALA A 1166 -31.70 -12.34 16.35
CA ALA A 1166 -32.81 -11.50 16.78
C ALA A 1166 -33.56 -12.10 17.97
N ALA A 1167 -33.40 -13.40 18.18
CA ALA A 1167 -34.06 -14.05 19.30
C ALA A 1167 -33.18 -14.08 20.54
N THR A 1168 -31.86 -13.94 20.35
CA THR A 1168 -30.92 -13.99 21.45
C THR A 1168 -31.27 -13.09 22.63
N ASN A 1169 -30.74 -13.45 23.79
CA ASN A 1169 -30.96 -12.69 25.00
C ASN A 1169 -29.59 -12.23 25.49
N ILE A 1170 -28.56 -12.85 24.92
CA ILE A 1170 -27.18 -12.54 25.25
C ILE A 1170 -26.66 -11.57 24.19
N PHE A 1171 -26.23 -10.39 24.62
CA PHE A 1171 -25.70 -9.40 23.69
C PHE A 1171 -24.73 -8.41 24.34
N GLU A 1172 -23.76 -7.96 23.53
CA GLU A 1172 -22.73 -7.03 23.96
C GLU A 1172 -23.32 -5.66 24.34
N SER A 1173 -23.07 -5.24 25.57
CA SER A 1173 -23.59 -3.97 26.07
C SER A 1173 -22.50 -3.04 26.54
N PHE A 1174 -22.72 -1.73 26.41
CA PHE A 1174 -21.76 -0.72 26.84
C PHE A 1174 -22.17 0.74 26.60
N ALA A 1175 -21.58 1.64 27.39
CA ALA A 1175 -21.85 3.07 27.33
C ALA A 1175 -21.10 3.77 26.19
N PRO A 1176 -21.53 5.01 25.83
CA PRO A 1176 -20.90 5.79 24.76
C PRO A 1176 -19.47 6.26 25.03
N ALA A 1177 -19.14 6.47 26.31
CA ALA A 1177 -17.81 6.92 26.69
C ALA A 1177 -17.62 6.94 28.21
N GLY A 1178 -16.93 7.96 28.70
CA GLY A 1178 -16.67 8.08 30.12
C GLY A 1178 -15.21 7.84 30.43
N GLY A 1179 -14.53 8.86 30.95
CA GLY A 1179 -13.12 8.70 31.27
C GLY A 1179 -12.29 9.90 30.82
N LYS A 1180 -11.27 9.64 30.00
CA LYS A 1180 -10.38 10.69 29.50
C LYS A 1180 -9.45 11.13 30.61
N ALA A 1181 -9.74 12.28 31.22
CA ALA A 1181 -8.91 12.80 32.32
C ALA A 1181 -7.47 13.04 31.91
N ASP A 1182 -7.08 14.31 31.91
CA ASP A 1182 -5.74 14.73 31.53
C ASP A 1182 -4.63 13.85 32.16
N GLY A 1183 -3.66 13.43 31.35
CA GLY A 1183 -2.57 12.62 31.87
C GLY A 1183 -2.21 11.40 31.05
N SER A 1184 -0.97 10.93 31.20
CA SER A 1184 -0.52 9.75 30.46
C SER A 1184 0.37 8.91 31.34
N VAL A 1185 0.56 7.67 30.93
CA VAL A 1185 1.42 6.79 31.69
C VAL A 1185 1.99 5.73 30.75
N ASP A 1186 3.27 5.44 30.91
CA ASP A 1186 3.96 4.47 30.09
C ASP A 1186 3.72 3.08 30.65
N PHE A 1187 3.53 2.12 29.75
CA PHE A 1187 3.26 0.75 30.17
C PHE A 1187 4.37 0.12 31.00
N GLY A 1188 5.53 0.76 31.03
CA GLY A 1188 6.63 0.20 31.79
C GLY A 1188 6.83 0.81 33.16
N GLU A 1189 6.16 1.90 33.44
CA GLU A 1189 6.33 2.54 34.74
C GLU A 1189 6.08 1.59 35.91
N GLY A 1190 7.08 1.54 36.79
CA GLY A 1190 7.04 0.71 37.99
C GLY A 1190 6.97 -0.78 37.80
N ALA A 1191 7.25 -1.29 36.60
CA ALA A 1191 7.19 -2.72 36.37
C ALA A 1191 8.28 -3.41 37.18
N GLU A 1192 8.03 -4.65 37.59
CA GLU A 1192 9.02 -5.37 38.40
C GLU A 1192 10.19 -5.92 37.59
N PHE A 1193 9.96 -6.16 36.31
CA PHE A 1193 11.00 -6.68 35.44
C PHE A 1193 11.11 -5.79 34.21
N CYS A 1194 12.21 -5.91 33.48
CA CYS A 1194 12.37 -5.13 32.28
C CYS A 1194 11.14 -5.33 31.40
N THR A 1195 10.70 -4.24 30.83
CA THR A 1195 9.51 -4.21 30.01
C THR A 1195 9.83 -3.90 28.53
N ARG A 1196 11.10 -3.64 28.25
CA ARG A 1196 11.56 -3.34 26.89
C ARG A 1196 12.87 -4.14 26.71
N ASP A 1197 13.24 -4.40 25.46
CA ASP A 1197 14.45 -5.21 25.19
C ASP A 1197 15.72 -4.39 24.95
N ASP A 1198 16.81 -5.07 24.60
CA ASP A 1198 18.15 -4.45 24.34
C ASP A 1198 18.36 -3.96 22.90
N THR A 1199 17.28 -3.95 22.14
CA THR A 1199 17.26 -3.59 20.74
C THR A 1199 17.25 -2.10 20.38
N PRO A 1200 17.71 -1.74 19.18
CA PRO A 1200 17.70 -0.33 18.76
C PRO A 1200 16.23 0.06 18.57
N MET A 1201 15.40 -0.93 18.29
CA MET A 1201 13.97 -0.72 18.07
C MET A 1201 13.17 -0.22 19.26
N MET A 1202 13.54 -0.64 20.48
CA MET A 1202 12.79 -0.19 21.65
C MET A 1202 13.43 0.98 22.35
N ALA A 1203 14.65 1.33 21.96
CA ALA A 1203 15.36 2.45 22.59
C ALA A 1203 14.54 3.72 22.47
N ARG A 1204 14.39 4.42 23.59
CA ARG A 1204 13.64 5.65 23.61
C ARG A 1204 14.50 6.62 24.41
N PRO A 1205 14.22 7.91 24.31
CA PRO A 1205 14.99 8.93 25.04
C PRO A 1205 15.14 8.60 26.53
N ASP A 1206 14.06 8.12 27.14
CA ASP A 1206 14.11 7.82 28.56
C ASP A 1206 14.46 6.37 28.89
N SER A 1207 14.73 5.54 27.89
CA SER A 1207 15.08 4.16 28.18
C SER A 1207 16.54 4.05 28.63
N GLY A 1208 16.89 2.91 29.20
CA GLY A 1208 18.26 2.73 29.63
C GLY A 1208 18.50 2.44 31.09
N GLU A 1209 17.47 2.55 31.93
CA GLU A 1209 17.63 2.27 33.34
C GLU A 1209 17.85 0.78 33.58
N ALA A 1210 18.51 0.44 34.68
CA ALA A 1210 18.74 -0.97 35.00
C ALA A 1210 17.40 -1.61 35.40
N CYS A 1211 17.22 -2.89 35.10
CA CYS A 1211 16.01 -3.61 35.46
C CYS A 1211 16.30 -5.11 35.37
N ASP A 1212 15.41 -5.92 35.93
CA ASP A 1212 15.56 -7.38 35.91
C ASP A 1212 15.09 -7.85 34.54
N GLN A 1213 16.01 -8.41 33.78
CA GLN A 1213 15.74 -8.86 32.43
C GLN A 1213 15.32 -10.32 32.31
N ASN A 1214 14.85 -10.90 33.40
CA ASN A 1214 14.38 -12.29 33.40
C ASN A 1214 15.41 -13.36 33.07
N ARG A 1215 16.67 -13.10 33.37
CA ARG A 1215 17.71 -14.11 33.11
C ARG A 1215 18.05 -14.87 34.38
N ALA A 1216 17.42 -14.48 35.49
CA ALA A 1216 17.66 -15.08 36.80
C ALA A 1216 16.44 -15.82 37.31
N GLY A 1217 15.45 -16.01 36.45
CA GLY A 1217 14.27 -16.72 36.85
C GLY A 1217 13.22 -15.85 37.50
N THR A 1218 12.20 -16.52 37.98
CA THR A 1218 11.06 -15.92 38.65
C THR A 1218 11.38 -15.20 39.98
N SER A 1219 10.48 -14.33 40.40
CA SER A 1219 10.67 -13.62 41.67
C SER A 1219 10.75 -14.64 42.80
N GLU A 1220 9.93 -15.69 42.70
CA GLU A 1220 9.93 -16.74 43.71
C GLU A 1220 11.18 -17.60 43.62
N GLN A 1221 11.61 -17.91 42.40
CA GLN A 1221 12.80 -18.74 42.23
C GLN A 1221 14.01 -18.01 42.75
N GLN A 1222 14.08 -16.71 42.48
CA GLN A 1222 15.20 -15.92 42.97
C GLN A 1222 15.13 -15.82 44.50
N GLY A 1223 13.91 -15.75 45.04
CA GLY A 1223 13.77 -15.65 46.47
C GLY A 1223 14.23 -16.96 47.11
N ASP A 1224 13.68 -18.06 46.61
CA ASP A 1224 14.03 -19.37 47.11
C ASP A 1224 15.50 -19.63 46.97
N LEU A 1225 16.09 -19.17 45.88
CA LEU A 1225 17.51 -19.37 45.69
C LEU A 1225 18.28 -18.58 46.76
N SER A 1226 17.72 -17.43 47.13
CA SER A 1226 18.35 -16.57 48.13
C SER A 1226 18.32 -17.24 49.51
N LYS A 1227 17.21 -17.87 49.84
CA LYS A 1227 17.14 -18.55 51.13
C LYS A 1227 18.10 -19.72 51.10
N ARG A 1228 18.11 -20.47 50.00
CA ARG A 1228 18.99 -21.63 49.87
C ARG A 1228 20.47 -21.25 49.91
N THR A 1229 20.78 -20.03 49.49
CA THR A 1229 22.17 -19.57 49.49
C THR A 1229 22.46 -18.71 50.72
N LYS A 1230 21.57 -18.74 51.71
CA LYS A 1230 21.71 -17.97 52.94
C LYS A 1230 23.15 -17.55 53.24
N LYS A 1231 23.98 -18.52 53.62
CA LYS A 1231 25.38 -18.29 53.95
C LYS A 1231 25.51 -17.31 55.11
N GLY B 1 11.13 33.14 23.43
CA GLY B 1 12.41 32.79 24.07
C GLY B 1 13.07 31.52 23.53
N LYS B 2 14.34 31.35 23.85
CA LYS B 2 15.11 30.18 23.44
C LYS B 2 15.29 29.34 24.70
N LYS B 3 15.42 28.03 24.52
CA LYS B 3 15.62 27.16 25.66
C LYS B 3 16.68 26.12 25.34
N MET B 4 17.68 26.03 26.21
CA MET B 4 18.76 25.07 26.02
C MET B 4 18.37 23.70 26.52
N MET B 5 18.30 22.73 25.63
CA MET B 5 18.00 21.38 26.07
C MET B 5 18.88 20.33 25.41
N THR B 6 19.02 19.22 26.11
CA THR B 6 19.81 18.11 25.63
C THR B 6 18.82 16.99 25.22
N THR B 7 18.69 16.76 23.92
CA THR B 7 17.79 15.73 23.37
C THR B 7 18.28 15.23 22.02
N ASP B 8 17.54 14.30 21.45
CA ASP B 8 17.90 13.73 20.18
C ASP B 8 17.10 14.35 19.04
N GLY B 9 17.43 13.93 17.81
CA GLY B 9 16.77 14.46 16.62
C GLY B 9 15.27 14.27 16.57
N ASN B 10 14.80 13.09 17.02
CA ASN B 10 13.37 12.82 17.02
C ASN B 10 12.65 13.81 17.89
N THR B 11 13.11 13.97 19.12
CA THR B 11 12.51 14.89 20.05
C THR B 11 12.58 16.34 19.57
N ALA B 12 13.73 16.78 19.10
CA ALA B 12 13.88 18.14 18.61
C ALA B 12 12.85 18.41 17.51
N THR B 13 12.64 17.44 16.63
CA THR B 13 11.67 17.59 15.53
C THR B 13 10.25 17.57 16.09
N ALA B 14 9.95 16.55 16.88
CA ALA B 14 8.63 16.39 17.49
C ALA B 14 8.23 17.62 18.27
N HIS B 15 9.21 18.24 18.92
CA HIS B 15 8.98 19.46 19.68
C HIS B 15 8.23 20.49 18.81
N VAL B 16 8.75 20.67 17.60
CA VAL B 16 8.17 21.62 16.64
C VAL B 16 6.86 21.13 15.99
N ALA B 17 6.88 19.91 15.46
CA ALA B 17 5.73 19.32 14.80
C ALA B 17 4.46 19.42 15.66
N TYR B 18 4.62 19.19 16.95
CA TYR B 18 3.48 19.26 17.88
C TYR B 18 2.92 20.68 17.92
N ALA B 19 3.82 21.66 18.02
CA ALA B 19 3.42 23.03 18.10
C ALA B 19 2.68 23.54 16.86
N MET B 20 3.12 23.08 15.69
CA MET B 20 2.57 23.54 14.43
C MET B 20 1.41 22.74 13.85
N SER B 21 0.98 21.66 14.49
CA SER B 21 -0.09 20.84 13.93
C SER B 21 -1.34 20.79 14.78
N GLU B 22 -2.46 20.52 14.14
CA GLU B 22 -3.69 20.40 14.89
C GLU B 22 -4.06 18.93 14.94
N VAL B 23 -3.70 18.24 13.86
CA VAL B 23 -3.97 16.83 13.68
C VAL B 23 -2.76 15.99 13.26
N ALA B 24 -2.74 14.74 13.73
CA ALA B 24 -1.68 13.81 13.38
C ALA B 24 -2.24 12.39 13.28
N ALA B 25 -1.97 11.74 12.16
CA ALA B 25 -2.39 10.35 11.96
C ALA B 25 -1.05 9.63 11.91
N ILE B 26 -0.85 8.68 12.81
CA ILE B 26 0.42 7.99 12.92
C ILE B 26 0.36 6.48 12.80
N TYR B 27 1.56 5.91 12.60
CA TYR B 27 1.76 4.47 12.53
C TYR B 27 3.19 4.24 12.99
N PRO B 28 3.40 3.25 13.84
CA PRO B 28 4.76 2.98 14.31
C PRO B 28 5.75 2.33 13.35
N ILE B 29 6.95 2.88 13.27
CA ILE B 29 8.00 2.27 12.48
C ILE B 29 9.32 2.88 12.91
N THR B 30 10.25 2.01 13.28
CA THR B 30 11.58 2.42 13.69
C THR B 30 12.24 3.07 12.46
N PRO B 31 13.04 4.12 12.66
CA PRO B 31 13.39 4.79 13.91
C PRO B 31 12.60 6.04 14.20
N SER B 32 11.42 6.19 13.60
CA SER B 32 10.61 7.39 13.81
C SER B 32 9.53 7.28 14.89
N SER B 33 9.33 6.07 15.39
CA SER B 33 8.31 5.84 16.41
C SER B 33 8.33 6.83 17.57
N THR B 34 9.54 7.18 18.03
CA THR B 34 9.66 8.09 19.15
C THR B 34 8.87 9.36 18.95
N MET B 35 8.84 9.87 17.73
CA MET B 35 8.13 11.11 17.48
C MET B 35 6.63 11.01 17.73
N GLY B 36 5.99 10.02 17.14
CA GLY B 36 4.57 9.88 17.33
C GLY B 36 4.22 9.57 18.78
N GLU B 37 5.05 8.76 19.43
CA GLU B 37 4.81 8.44 20.83
C GLU B 37 4.91 9.71 21.67
N GLU B 38 5.89 10.57 21.38
CA GLU B 38 6.02 11.81 22.15
C GLU B 38 4.81 12.70 21.91
N ALA B 39 4.39 12.82 20.66
CA ALA B 39 3.26 13.65 20.35
C ALA B 39 2.03 13.15 21.12
N ASP B 40 1.86 11.83 21.17
CA ASP B 40 0.71 11.24 21.83
C ASP B 40 0.70 11.47 23.33
N ASP B 41 1.86 11.30 23.96
CA ASP B 41 1.99 11.53 25.40
C ASP B 41 1.76 12.99 25.73
N TRP B 42 2.30 13.87 24.90
CA TRP B 42 2.14 15.28 25.17
C TRP B 42 0.68 15.71 25.07
N ALA B 43 -0.03 15.18 24.10
CA ALA B 43 -1.44 15.51 23.91
C ALA B 43 -2.22 15.00 25.12
N ALA B 44 -1.89 13.79 25.55
CA ALA B 44 -2.54 13.19 26.69
C ALA B 44 -2.18 13.96 27.96
N GLN B 45 -1.02 14.62 27.96
CA GLN B 45 -0.63 15.42 29.13
C GLN B 45 -1.21 16.82 29.03
N GLY B 46 -1.93 17.08 27.95
CA GLY B 46 -2.54 18.39 27.78
C GLY B 46 -1.64 19.49 27.23
N ARG B 47 -0.57 19.14 26.52
CA ARG B 47 0.30 20.17 25.94
C ARG B 47 -0.45 20.96 24.87
N LYS B 48 -0.28 22.27 24.86
CA LYS B 48 -0.94 23.10 23.87
C LYS B 48 -0.04 23.45 22.68
N ASN B 49 -0.65 23.44 21.51
CA ASN B 49 0.06 23.78 20.30
C ASN B 49 -0.06 25.29 20.19
N ILE B 50 0.33 25.85 19.05
CA ILE B 50 0.28 27.29 18.88
C ILE B 50 -1.12 27.88 18.87
N PHE B 51 -2.13 27.03 18.84
CA PHE B 51 -3.49 27.51 18.84
C PHE B 51 -4.09 27.31 20.22
N GLY B 52 -3.24 26.95 21.17
CA GLY B 52 -3.70 26.73 22.53
C GLY B 52 -4.50 25.45 22.68
N GLN B 53 -4.40 24.56 21.68
CA GLN B 53 -5.12 23.30 21.66
C GLN B 53 -4.22 22.08 21.80
N THR B 54 -4.75 21.00 22.37
CA THR B 54 -3.95 19.78 22.48
C THR B 54 -4.12 19.10 21.11
N LEU B 55 -3.09 18.40 20.68
CA LEU B 55 -3.10 17.74 19.38
C LEU B 55 -4.09 16.59 19.28
N THR B 56 -4.71 16.46 18.11
CA THR B 56 -5.65 15.37 17.85
C THR B 56 -4.85 14.33 17.05
N ILE B 57 -4.44 13.27 17.76
CA ILE B 57 -3.62 12.18 17.22
C ILE B 57 -4.33 10.84 17.25
N ARG B 58 -4.28 10.12 16.13
CA ARG B 58 -4.91 8.81 16.06
C ARG B 58 -3.95 7.84 15.37
N GLU B 59 -4.01 6.59 15.80
CA GLU B 59 -3.18 5.56 15.22
C GLU B 59 -4.02 4.83 14.17
N MET B 60 -3.50 4.72 12.96
CA MET B 60 -4.21 4.06 11.87
C MET B 60 -3.84 2.57 11.79
N GLN B 61 -4.34 1.85 10.78
CA GLN B 61 -4.01 0.44 10.64
C GLN B 61 -2.67 0.20 9.94
N SER B 62 -2.18 1.24 9.27
CA SER B 62 -0.92 1.17 8.52
C SER B 62 -0.57 2.60 8.09
N GLU B 63 0.59 2.77 7.45
CA GLU B 63 0.96 4.11 6.98
C GLU B 63 0.11 4.57 5.81
N ALA B 64 -0.46 3.63 5.06
CA ALA B 64 -1.31 4.02 3.94
C ALA B 64 -2.56 4.64 4.53
N GLY B 65 -3.05 4.03 5.61
CA GLY B 65 -4.24 4.55 6.25
C GLY B 65 -3.90 5.87 6.90
N ALA B 66 -2.70 5.95 7.45
CA ALA B 66 -2.28 7.19 8.10
C ALA B 66 -2.17 8.33 7.08
N ALA B 67 -1.71 7.99 5.87
CA ALA B 67 -1.55 9.00 4.82
C ALA B 67 -2.88 9.42 4.23
N GLY B 68 -3.82 8.49 4.17
CA GLY B 68 -5.14 8.82 3.67
C GLY B 68 -5.86 9.69 4.70
N ALA B 69 -5.64 9.42 6.00
CA ALA B 69 -6.25 10.24 7.06
C ALA B 69 -5.65 11.64 7.01
N VAL B 70 -4.34 11.70 6.80
CA VAL B 70 -3.64 12.98 6.73
C VAL B 70 -4.19 13.80 5.57
N HIS B 71 -4.41 13.13 4.44
CA HIS B 71 -4.94 13.81 3.26
C HIS B 71 -6.35 14.34 3.59
N GLY B 72 -7.20 13.50 4.19
CA GLY B 72 -8.54 13.94 4.55
C GLY B 72 -8.56 15.10 5.53
N ALA B 73 -7.71 15.04 6.57
CA ALA B 73 -7.65 16.12 7.56
C ALA B 73 -7.21 17.44 6.91
N LEU B 74 -6.19 17.38 6.05
CA LEU B 74 -5.71 18.58 5.36
C LEU B 74 -6.79 19.12 4.43
N ALA B 75 -7.45 18.22 3.68
CA ALA B 75 -8.49 18.62 2.76
C ALA B 75 -9.64 19.28 3.52
N ALA B 76 -9.80 18.91 4.79
CA ALA B 76 -10.85 19.48 5.60
C ALA B 76 -10.34 20.67 6.43
N GLY B 77 -9.19 21.22 6.04
CA GLY B 77 -8.67 22.40 6.73
C GLY B 77 -7.96 22.37 8.07
N ALA B 78 -7.37 21.24 8.43
CA ALA B 78 -6.63 21.16 9.69
C ALA B 78 -5.17 21.00 9.37
N LEU B 79 -4.31 21.78 10.03
CA LEU B 79 -2.87 21.64 9.84
C LEU B 79 -2.54 20.24 10.34
N THR B 80 -1.93 19.44 9.47
CA THR B 80 -1.67 18.07 9.81
C THR B 80 -0.23 17.58 9.63
N THR B 81 0.16 16.62 10.45
CA THR B 81 1.51 16.09 10.35
C THR B 81 1.52 14.57 10.58
N THR B 82 2.64 13.94 10.25
CA THR B 82 2.80 12.52 10.45
C THR B 82 4.28 12.23 10.50
N PHE B 83 4.65 11.09 11.10
CA PHE B 83 6.04 10.68 11.25
C PHE B 83 6.26 9.30 10.64
N THR B 84 7.31 9.10 9.86
CA THR B 84 7.48 7.79 9.26
C THR B 84 8.88 7.56 8.71
N ALA B 85 9.03 6.47 7.99
CA ALA B 85 10.31 6.12 7.44
C ALA B 85 10.19 4.87 6.62
N SER B 86 11.17 4.64 5.77
CA SER B 86 11.26 3.40 5.02
C SER B 86 9.95 2.82 4.44
N GLN B 87 9.69 1.55 4.76
CA GLN B 87 8.51 0.82 4.29
C GLN B 87 7.23 1.62 4.49
N GLY B 88 7.20 2.40 5.55
CA GLY B 88 6.02 3.20 5.84
C GLY B 88 5.89 4.34 4.86
N LEU B 89 7.00 4.98 4.52
CA LEU B 89 6.95 6.06 3.57
C LEU B 89 6.49 5.50 2.23
N LEU B 90 6.97 4.32 1.85
CA LEU B 90 6.54 3.75 0.58
C LEU B 90 5.02 3.64 0.53
N LEU B 91 4.41 3.23 1.63
CA LEU B 91 2.96 3.09 1.66
C LEU B 91 2.23 4.41 1.54
N MET B 92 2.90 5.50 1.86
CA MET B 92 2.29 6.81 1.80
C MET B 92 2.41 7.48 0.43
N ILE B 93 3.25 6.93 -0.43
CA ILE B 93 3.46 7.50 -1.76
C ILE B 93 2.17 7.80 -2.57
N PRO B 94 1.22 6.85 -2.67
CA PRO B 94 -0.01 7.18 -3.45
C PRO B 94 -0.66 8.48 -2.94
N ASN B 95 -0.85 8.56 -1.63
CA ASN B 95 -1.43 9.79 -1.07
C ASN B 95 -0.54 11.01 -1.22
N MET B 96 0.78 10.82 -1.25
CA MET B 96 1.68 11.97 -1.41
C MET B 96 1.42 12.71 -2.72
N TYR B 97 1.16 11.97 -3.80
CA TYR B 97 0.86 12.58 -5.10
C TYR B 97 -0.42 13.42 -5.00
N LYS B 98 -1.39 12.93 -4.22
CA LYS B 98 -2.67 13.62 -4.04
C LYS B 98 -2.54 14.88 -3.16
N ILE B 99 -1.79 14.75 -2.08
CA ILE B 99 -1.57 15.85 -1.16
C ILE B 99 -0.86 17.02 -1.84
N SER B 100 0.19 16.72 -2.58
CA SER B 100 0.90 17.77 -3.29
C SER B 100 0.03 18.19 -4.47
N GLY B 101 -0.59 17.23 -5.14
CA GLY B 101 -1.45 17.52 -6.27
C GLY B 101 -2.58 18.48 -5.94
N GLU B 102 -3.07 18.45 -4.70
CA GLU B 102 -4.14 19.33 -4.27
C GLU B 102 -3.58 20.51 -3.49
N LEU B 103 -2.27 20.71 -3.59
CA LEU B 103 -1.58 21.81 -2.92
C LEU B 103 -2.01 21.97 -1.46
N LEU B 104 -1.71 20.96 -0.67
CA LEU B 104 -2.07 20.94 0.75
C LEU B 104 -0.82 21.15 1.59
N PRO B 105 -0.93 21.95 2.66
CA PRO B 105 0.19 22.24 3.55
C PRO B 105 0.55 21.14 4.55
N GLY B 106 0.72 19.93 4.04
CA GLY B 106 1.07 18.84 4.91
C GLY B 106 2.56 18.82 5.17
N VAL B 107 2.95 18.24 6.32
CA VAL B 107 4.34 18.11 6.68
C VAL B 107 4.62 16.72 7.24
N PHE B 108 5.47 15.98 6.54
CA PHE B 108 5.86 14.65 6.95
C PHE B 108 7.26 14.78 7.52
N HIS B 109 7.46 14.24 8.73
CA HIS B 109 8.78 14.24 9.31
C HIS B 109 9.23 12.79 9.17
N VAL B 110 10.31 12.62 8.42
CA VAL B 110 10.84 11.30 8.12
C VAL B 110 12.26 11.02 8.63
N THR B 111 12.43 9.93 9.33
CA THR B 111 13.76 9.57 9.78
C THR B 111 14.22 8.63 8.66
N ALA B 112 15.02 9.15 7.74
CA ALA B 112 15.48 8.38 6.59
C ALA B 112 16.06 7.01 6.92
N ARG B 113 15.39 5.96 6.43
CA ARG B 113 15.81 4.60 6.68
C ARG B 113 15.82 3.73 5.44
N ALA B 114 16.74 2.77 5.41
CA ALA B 114 16.90 1.83 4.33
C ALA B 114 15.61 1.08 3.98
N ILE B 115 15.49 0.74 2.70
CA ILE B 115 14.35 0.00 2.20
C ILE B 115 14.75 -1.47 2.20
N ALA B 116 13.80 -2.34 2.53
CA ALA B 116 14.09 -3.77 2.54
C ALA B 116 14.18 -4.32 1.12
N ALA B 117 15.36 -4.84 0.78
CA ALA B 117 15.59 -5.42 -0.54
C ALA B 117 16.14 -6.84 -0.36
N HIS B 118 17.46 -7.04 -0.40
CA HIS B 118 18.03 -8.37 -0.20
C HIS B 118 17.88 -8.66 1.29
N ALA B 119 17.62 -7.62 2.07
CA ALA B 119 17.42 -7.74 3.51
C ALA B 119 16.71 -6.51 4.05
N LEU B 120 16.12 -6.63 5.24
CA LEU B 120 15.49 -5.48 5.87
C LEU B 120 16.54 -4.82 6.77
N SER B 121 16.42 -3.52 6.95
CA SER B 121 17.32 -2.79 7.82
C SER B 121 16.56 -1.61 8.38
N ILE B 122 16.68 -1.41 9.68
CA ILE B 122 16.00 -0.32 10.37
C ILE B 122 16.90 0.91 10.40
N PHE B 123 18.09 0.77 9.84
CA PHE B 123 19.07 1.83 9.89
C PHE B 123 19.03 2.87 8.79
N GLY B 124 19.82 3.92 8.99
CA GLY B 124 19.78 5.05 8.08
C GLY B 124 20.49 5.21 6.77
N ASP B 125 19.70 5.66 5.79
CA ASP B 125 20.19 6.00 4.48
C ASP B 125 19.03 6.72 3.79
N HIS B 126 19.24 7.24 2.60
CA HIS B 126 18.20 8.02 1.93
C HIS B 126 17.39 7.26 0.91
N GLN B 127 17.50 5.93 0.93
CA GLN B 127 16.76 5.12 -0.02
C GLN B 127 15.28 5.47 -0.01
N ASP B 128 14.70 5.59 1.18
CA ASP B 128 13.29 5.89 1.26
C ASP B 128 12.90 7.28 0.78
N ILE B 129 13.60 8.33 1.24
CA ILE B 129 13.21 9.67 0.81
C ILE B 129 13.38 9.87 -0.69
N TYR B 130 14.38 9.21 -1.27
CA TYR B 130 14.58 9.32 -2.70
C TYR B 130 13.46 8.64 -3.47
N ALA B 131 12.86 7.60 -2.87
CA ALA B 131 11.77 6.91 -3.54
C ALA B 131 10.51 7.78 -3.65
N ALA B 132 10.45 8.86 -2.87
CA ALA B 132 9.31 9.74 -2.89
C ALA B 132 9.60 11.08 -3.56
N ARG B 133 10.77 11.20 -4.20
CA ARG B 133 11.13 12.48 -4.79
C ARG B 133 10.26 12.98 -5.93
N GLN B 134 9.52 12.10 -6.58
CA GLN B 134 8.66 12.51 -7.69
C GLN B 134 7.23 12.77 -7.26
N THR B 135 6.96 12.68 -5.96
CA THR B 135 5.61 12.87 -5.46
C THR B 135 5.16 14.33 -5.47
N GLY B 136 6.10 15.25 -5.57
CA GLY B 136 5.72 16.65 -5.58
C GLY B 136 5.88 17.30 -4.23
N PHE B 137 6.36 16.55 -3.26
CA PHE B 137 6.59 17.11 -1.93
C PHE B 137 7.90 17.88 -1.98
N ALA B 138 7.98 19.01 -1.29
CA ALA B 138 9.25 19.70 -1.20
C ALA B 138 10.01 18.81 -0.19
N MET B 139 11.34 18.77 -0.26
CA MET B 139 12.12 17.94 0.61
C MET B 139 13.25 18.78 1.17
N LEU B 140 13.23 18.89 2.49
CA LEU B 140 14.18 19.69 3.21
C LEU B 140 14.94 18.80 4.19
N ALA B 141 16.26 18.75 4.02
CA ALA B 141 17.17 17.95 4.83
C ALA B 141 17.80 18.69 6.01
N SER B 142 17.99 17.97 7.10
CA SER B 142 18.65 18.53 8.27
C SER B 142 19.77 17.54 8.54
N SER B 143 20.97 18.06 8.76
CA SER B 143 22.14 17.22 8.97
C SER B 143 22.64 17.12 10.40
N SER B 144 21.87 17.62 11.35
CA SER B 144 22.27 17.55 12.76
C SER B 144 21.06 17.68 13.68
N VAL B 145 21.23 17.32 14.94
CA VAL B 145 20.13 17.43 15.89
C VAL B 145 19.64 18.87 15.95
N GLN B 146 20.57 19.83 15.90
CA GLN B 146 20.16 21.24 15.93
C GLN B 146 19.39 21.64 14.67
N GLU B 147 19.84 21.19 13.50
CA GLU B 147 19.12 21.53 12.26
C GLU B 147 17.78 20.83 12.17
N ALA B 148 17.66 19.67 12.81
CA ALA B 148 16.39 18.95 12.76
C ALA B 148 15.31 19.87 13.33
N HIS B 149 15.65 20.57 14.42
CA HIS B 149 14.71 21.46 15.05
C HIS B 149 14.39 22.63 14.12
N ASP B 150 15.44 23.27 13.62
CA ASP B 150 15.30 24.42 12.74
C ASP B 150 14.61 24.13 11.41
N MET B 151 14.97 23.06 10.73
CA MET B 151 14.35 22.75 9.44
C MET B 151 12.90 22.33 9.64
N ALA B 152 12.64 21.62 10.74
CA ALA B 152 11.28 21.20 11.06
C ALA B 152 10.39 22.43 11.11
N LEU B 153 10.87 23.49 11.76
CA LEU B 153 10.11 24.73 11.89
C LEU B 153 9.94 25.41 10.55
N VAL B 154 11.02 25.46 9.79
CA VAL B 154 11.00 26.06 8.46
C VAL B 154 10.00 25.30 7.57
N ALA B 155 10.08 23.96 7.59
CA ALA B 155 9.17 23.14 6.79
C ALA B 155 7.71 23.49 7.07
N HIS B 156 7.33 23.60 8.34
CA HIS B 156 5.94 23.93 8.69
C HIS B 156 5.56 25.33 8.21
N LEU B 157 6.36 26.32 8.57
CA LEU B 157 6.12 27.70 8.14
C LEU B 157 5.98 27.80 6.63
N ALA B 158 6.91 27.18 5.90
CA ALA B 158 6.91 27.21 4.43
C ALA B 158 5.76 26.45 3.79
N ALA B 159 5.36 25.32 4.39
CA ALA B 159 4.25 24.58 3.82
C ALA B 159 2.96 25.40 3.96
N ILE B 160 2.78 26.06 5.09
CA ILE B 160 1.58 26.85 5.28
C ILE B 160 1.51 27.99 4.24
N GLU B 161 2.59 28.75 4.09
CA GLU B 161 2.58 29.85 3.16
C GLU B 161 2.61 29.44 1.68
N SER B 162 3.24 28.31 1.37
CA SER B 162 3.35 27.92 -0.04
C SER B 162 2.30 26.99 -0.62
N ASN B 163 1.59 26.29 0.26
CA ASN B 163 0.58 25.32 -0.15
C ASN B 163 1.18 24.08 -0.78
N VAL B 164 2.49 23.91 -0.61
CA VAL B 164 3.16 22.72 -1.13
C VAL B 164 3.55 21.88 0.08
N PRO B 165 3.11 20.62 0.13
CA PRO B 165 3.48 19.81 1.31
C PRO B 165 5.00 19.68 1.42
N PHE B 166 5.47 19.51 2.64
CA PHE B 166 6.89 19.36 2.88
C PHE B 166 7.25 18.04 3.53
N MET B 167 8.43 17.55 3.15
CA MET B 167 8.95 16.36 3.77
C MET B 167 10.27 16.78 4.43
N HIS B 168 10.24 16.88 5.76
CA HIS B 168 11.42 17.22 6.54
C HIS B 168 12.06 15.89 6.92
N PHE B 169 13.30 15.69 6.50
CA PHE B 169 13.95 14.43 6.82
C PHE B 169 15.34 14.56 7.42
N PHE B 170 15.72 13.54 8.19
CA PHE B 170 17.03 13.50 8.82
C PHE B 170 17.44 12.04 8.93
N ASP B 171 18.73 11.79 9.07
CA ASP B 171 19.24 10.42 9.12
C ASP B 171 18.79 9.53 10.27
N GLY B 172 18.21 8.40 9.88
CA GLY B 172 17.74 7.42 10.84
C GLY B 172 18.88 7.06 11.79
N PHE B 173 18.60 7.12 13.09
CA PHE B 173 19.60 6.84 14.12
C PHE B 173 20.73 7.86 14.20
N ARG B 174 21.51 8.01 13.12
CA ARG B 174 22.65 8.94 13.12
C ARG B 174 22.26 10.36 13.51
N THR B 175 21.03 10.77 13.25
CA THR B 175 20.58 12.07 13.69
C THR B 175 19.37 11.85 14.57
N SER B 176 18.41 11.02 14.11
CA SER B 176 17.20 10.81 14.90
C SER B 176 17.47 10.41 16.34
N HIS B 177 18.50 9.59 16.55
CA HIS B 177 18.83 9.12 17.89
C HIS B 177 20.08 9.70 18.51
N GLU B 178 20.75 10.62 17.82
CA GLU B 178 21.95 11.18 18.40
C GLU B 178 21.53 12.20 19.44
N ILE B 179 22.19 12.24 20.59
CA ILE B 179 21.83 13.24 21.59
C ILE B 179 22.79 14.40 21.51
N GLN B 180 22.26 15.61 21.51
CA GLN B 180 23.08 16.80 21.44
C GLN B 180 22.45 17.89 22.26
N LYS B 181 23.30 18.77 22.79
CA LYS B 181 22.84 19.90 23.57
C LYS B 181 22.57 20.93 22.47
N ILE B 182 21.32 21.37 22.37
CA ILE B 182 20.93 22.32 21.32
C ILE B 182 19.99 23.37 21.91
N GLU B 183 19.53 24.28 21.07
CA GLU B 183 18.59 25.31 21.49
C GLU B 183 17.28 25.10 20.73
N VAL B 184 16.16 25.20 21.45
CA VAL B 184 14.86 25.08 20.82
C VAL B 184 14.10 26.37 21.12
N LEU B 185 13.09 26.67 20.31
CA LEU B 185 12.31 27.88 20.52
C LEU B 185 11.03 27.60 21.26
N ASP B 186 10.52 28.63 21.94
CA ASP B 186 9.26 28.52 22.66
C ASP B 186 8.20 28.45 21.59
N TYR B 187 7.07 27.87 21.95
CA TYR B 187 5.97 27.76 21.02
C TYR B 187 5.49 29.15 20.61
N ALA B 188 5.56 30.11 21.54
CA ALA B 188 5.12 31.46 21.24
C ALA B 188 5.90 32.01 20.08
N ASP B 189 7.22 31.80 20.10
CA ASP B 189 8.07 32.30 19.04
C ASP B 189 7.69 31.67 17.70
N MET B 190 7.40 30.38 17.72
CA MET B 190 7.02 29.72 16.47
C MET B 190 5.73 30.31 15.92
N ALA B 191 4.75 30.53 16.82
CA ALA B 191 3.47 31.09 16.46
C ALA B 191 3.57 32.47 15.81
N SER B 192 4.52 33.28 16.26
CA SER B 192 4.69 34.62 15.72
C SER B 192 5.29 34.62 14.31
N LEU B 193 5.77 33.47 13.87
CA LEU B 193 6.36 33.39 12.54
C LEU B 193 5.35 32.93 11.49
N VAL B 194 4.17 32.50 11.95
CA VAL B 194 3.14 31.97 11.06
C VAL B 194 2.46 33.00 10.19
N ASN B 195 2.29 32.67 8.91
CA ASN B 195 1.60 33.60 8.02
C ASN B 195 0.10 33.42 8.30
N GLN B 196 -0.45 34.31 9.13
CA GLN B 196 -1.85 34.26 9.51
C GLN B 196 -2.83 34.35 8.34
N LYS B 197 -2.49 35.10 7.30
CA LYS B 197 -3.38 35.21 6.16
C LYS B 197 -3.35 33.94 5.32
N ALA B 198 -2.17 33.37 5.12
CA ALA B 198 -2.10 32.12 4.34
C ALA B 198 -2.93 31.06 5.06
N LEU B 199 -2.81 31.01 6.38
CA LEU B 199 -3.53 30.05 7.20
C LEU B 199 -5.04 30.22 7.08
N ALA B 200 -5.50 31.46 7.17
CA ALA B 200 -6.94 31.74 7.06
C ALA B 200 -7.41 31.30 5.69
N GLU B 201 -6.57 31.58 4.69
CA GLU B 201 -6.87 31.22 3.31
C GLU B 201 -6.92 29.70 3.12
N PHE B 202 -6.09 28.98 3.86
CA PHE B 202 -6.07 27.53 3.78
C PHE B 202 -7.39 26.98 4.35
N ARG B 203 -7.88 27.59 5.41
CA ARG B 203 -9.11 27.11 5.99
C ARG B 203 -10.32 27.47 5.14
N ALA B 204 -10.31 28.66 4.55
CA ALA B 204 -11.40 29.12 3.69
C ALA B 204 -11.56 28.27 2.40
N LYS B 205 -10.46 27.74 1.87
CA LYS B 205 -10.55 26.92 0.64
C LYS B 205 -10.77 25.44 0.93
N SER B 206 -10.78 25.07 2.20
CA SER B 206 -10.96 23.68 2.56
C SER B 206 -12.39 23.19 2.40
N MET B 207 -12.52 21.87 2.38
CA MET B 207 -13.79 21.19 2.27
C MET B 207 -14.75 21.60 3.39
N ASN B 208 -15.93 22.03 3.01
CA ASN B 208 -16.96 22.38 3.96
C ASN B 208 -18.32 22.47 3.25
N PRO B 209 -19.33 21.74 3.74
CA PRO B 209 -20.65 21.78 3.11
C PRO B 209 -21.27 23.18 3.04
N GLU B 210 -20.81 24.06 3.92
CA GLU B 210 -21.30 25.44 3.93
C GLU B 210 -20.84 26.21 2.67
N HIS B 211 -19.82 25.72 1.99
CA HIS B 211 -19.32 26.36 0.76
C HIS B 211 -18.52 25.30 0.02
N PRO B 212 -19.22 24.26 -0.46
CA PRO B 212 -18.62 23.15 -1.18
C PRO B 212 -17.96 23.35 -2.53
N HIS B 213 -17.16 22.34 -2.87
CA HIS B 213 -16.47 22.23 -4.16
C HIS B 213 -16.21 20.73 -4.33
N VAL B 214 -15.85 20.33 -5.54
CA VAL B 214 -15.54 18.94 -5.81
C VAL B 214 -14.02 18.84 -5.97
N ARG B 215 -13.40 17.87 -5.33
CA ARG B 215 -11.96 17.68 -5.47
C ARG B 215 -11.73 16.22 -5.85
N GLY B 216 -10.68 15.96 -6.64
CA GLY B 216 -10.41 14.60 -7.07
C GLY B 216 -11.32 14.16 -8.22
N THR B 217 -11.45 14.99 -9.25
CA THR B 217 -12.25 14.61 -10.41
C THR B 217 -11.46 13.59 -11.22
N ALA B 218 -12.10 13.03 -12.25
CA ALA B 218 -11.46 12.09 -13.15
C ALA B 218 -11.46 12.91 -14.42
N GLN B 219 -10.30 13.02 -15.08
CA GLN B 219 -10.19 13.85 -16.28
C GLN B 219 -9.65 13.14 -17.51
N ASN B 220 -10.18 13.51 -18.67
CA ASN B 220 -9.78 12.93 -19.93
C ASN B 220 -8.52 13.56 -20.52
N PRO B 221 -8.08 13.08 -21.68
CA PRO B 221 -6.87 13.64 -22.30
C PRO B 221 -7.02 15.11 -22.73
N ASP B 222 -8.25 15.59 -22.86
CA ASP B 222 -8.46 16.98 -23.28
C ASP B 222 -7.93 18.01 -22.28
N ILE B 223 -8.01 17.68 -21.00
CA ILE B 223 -7.60 18.63 -19.96
C ILE B 223 -6.64 18.19 -18.86
N TYR B 224 -6.34 16.89 -18.76
CA TYR B 224 -5.46 16.43 -17.70
C TYR B 224 -4.12 17.17 -17.67
N PHE B 225 -3.43 17.19 -18.80
CA PHE B 225 -2.11 17.82 -18.92
C PHE B 225 -2.15 19.27 -18.46
N GLN B 226 -3.09 20.05 -18.98
CA GLN B 226 -3.19 21.45 -18.55
C GLN B 226 -3.35 21.50 -17.03
N GLY B 227 -4.24 20.64 -16.52
CA GLY B 227 -4.51 20.60 -15.09
C GLY B 227 -3.31 20.26 -14.21
N ARG B 228 -2.37 19.52 -14.77
CA ARG B 228 -1.18 19.10 -14.05
C ARG B 228 -0.14 20.23 -14.04
N GLU B 229 -0.14 21.05 -15.07
CA GLU B 229 0.82 22.15 -15.15
C GLU B 229 0.33 23.38 -14.42
N ALA B 230 -0.94 23.40 -14.04
CA ALA B 230 -1.52 24.57 -13.35
C ALA B 230 -0.88 24.95 -12.02
N ALA B 231 -0.22 24.00 -11.36
CA ALA B 231 0.41 24.27 -10.07
C ALA B 231 1.81 24.87 -10.16
N ASN B 232 2.35 25.03 -11.37
CA ASN B 232 3.70 25.58 -11.53
C ASN B 232 3.97 26.84 -10.71
N PRO B 233 3.04 27.82 -10.73
CA PRO B 233 3.24 29.05 -9.96
C PRO B 233 3.54 28.78 -8.48
N TYR B 234 2.99 27.71 -7.94
CA TYR B 234 3.22 27.37 -6.54
C TYR B 234 4.61 26.81 -6.33
N TYR B 235 5.02 25.89 -7.19
CA TYR B 235 6.35 25.32 -7.04
C TYR B 235 7.43 26.37 -7.30
N LEU B 236 7.13 27.37 -8.13
CA LEU B 236 8.11 28.43 -8.42
C LEU B 236 8.38 29.33 -7.22
N LYS B 237 7.39 29.49 -6.34
CA LYS B 237 7.52 30.33 -5.16
C LYS B 237 8.12 29.61 -3.95
N VAL B 238 8.10 28.28 -3.97
CA VAL B 238 8.59 27.47 -2.86
C VAL B 238 9.99 27.85 -2.41
N PRO B 239 10.94 27.86 -3.34
CA PRO B 239 12.32 28.19 -2.98
C PRO B 239 12.47 29.53 -2.25
N GLY B 240 11.84 30.57 -2.78
CA GLY B 240 11.91 31.88 -2.16
C GLY B 240 11.29 31.87 -0.76
N ILE B 241 10.23 31.08 -0.59
CA ILE B 241 9.55 30.99 0.70
C ILE B 241 10.43 30.24 1.74
N VAL B 242 11.11 29.19 1.34
CA VAL B 242 11.95 28.47 2.27
C VAL B 242 13.10 29.37 2.70
N ALA B 243 13.68 30.07 1.73
CA ALA B 243 14.80 30.98 2.00
C ALA B 243 14.36 32.03 3.02
N GLU B 244 13.19 32.61 2.78
CA GLU B 244 12.66 33.63 3.69
C GLU B 244 12.49 33.11 5.11
N TYR B 245 11.95 31.92 5.25
CA TYR B 245 11.75 31.41 6.59
C TYR B 245 13.03 31.01 7.26
N MET B 246 14.04 30.63 6.48
CA MET B 246 15.30 30.29 7.11
C MET B 246 15.80 31.56 7.77
N GLN B 247 15.62 32.67 7.06
CA GLN B 247 16.04 33.97 7.54
C GLN B 247 15.22 34.41 8.74
N LYS B 248 13.90 34.25 8.70
CA LYS B 248 13.07 34.65 9.83
C LYS B 248 13.45 33.83 11.06
N VAL B 249 13.57 32.52 10.90
CA VAL B 249 13.92 31.71 12.04
C VAL B 249 15.30 32.14 12.51
N ALA B 250 16.20 32.42 11.57
CA ALA B 250 17.55 32.81 11.91
C ALA B 250 17.61 34.10 12.73
N SER B 251 16.77 35.08 12.40
CA SER B 251 16.80 36.34 13.13
C SER B 251 16.33 36.12 14.57
N LEU B 252 15.79 34.94 14.85
CA LEU B 252 15.34 34.60 16.20
C LEU B 252 16.34 33.71 16.90
N THR B 253 16.90 32.76 16.16
CA THR B 253 17.86 31.81 16.72
C THR B 253 19.33 32.15 16.48
N GLY B 254 19.59 32.92 15.42
CA GLY B 254 20.95 33.29 15.08
C GLY B 254 21.68 32.28 14.24
N ARG B 255 21.00 31.20 13.85
CA ARG B 255 21.63 30.18 13.01
C ARG B 255 21.07 30.35 11.58
N SER B 256 21.93 30.71 10.64
CA SER B 256 21.52 30.91 9.25
C SER B 256 21.66 29.70 8.34
N TYR B 257 20.80 29.62 7.32
CA TYR B 257 20.85 28.52 6.37
C TYR B 257 20.49 29.05 4.99
N LYS B 258 20.93 28.35 3.95
CA LYS B 258 20.56 28.74 2.59
C LYS B 258 20.03 27.44 1.99
N LEU B 259 19.46 27.52 0.79
CA LEU B 259 18.95 26.32 0.14
C LEU B 259 20.13 25.37 -0.02
N PHE B 260 21.32 25.94 -0.20
CA PHE B 260 22.58 25.19 -0.31
C PHE B 260 23.60 26.07 0.41
N ASP B 261 24.38 25.50 1.33
CA ASP B 261 25.38 26.27 2.03
C ASP B 261 26.74 25.73 1.73
N TYR B 262 27.70 26.63 1.61
CA TYR B 262 29.05 26.20 1.34
C TYR B 262 29.98 26.41 2.54
N VAL B 263 30.82 25.43 2.81
CA VAL B 263 31.80 25.57 3.86
C VAL B 263 33.13 25.14 3.27
N GLY B 264 34.23 25.74 3.71
CA GLY B 264 35.53 25.35 3.21
C GLY B 264 36.35 26.48 2.62
N ALA B 265 37.42 26.11 1.92
CA ALA B 265 38.33 27.08 1.32
C ALA B 265 37.64 27.87 0.24
N PRO B 266 37.66 29.21 0.36
CA PRO B 266 37.01 30.01 -0.68
C PRO B 266 37.66 29.75 -2.05
N ASP B 267 38.84 29.14 -2.05
CA ASP B 267 39.52 28.83 -3.31
C ASP B 267 39.72 27.32 -3.51
N ALA B 268 38.89 26.53 -2.83
CA ALA B 268 38.93 25.08 -2.92
C ALA B 268 38.91 24.60 -4.37
N GLU B 269 39.69 23.57 -4.67
CA GLU B 269 39.71 23.04 -6.03
C GLU B 269 38.91 21.75 -6.07
N ARG B 270 38.77 21.12 -4.91
CA ARG B 270 38.05 19.86 -4.77
C ARG B 270 36.86 20.06 -3.81
N VAL B 271 35.66 19.96 -4.35
CA VAL B 271 34.46 20.16 -3.56
C VAL B 271 33.55 18.95 -3.49
N ILE B 272 32.99 18.73 -2.31
CA ILE B 272 32.07 17.62 -2.12
C ILE B 272 30.67 18.20 -1.99
N VAL B 273 29.69 17.47 -2.52
CA VAL B 273 28.29 17.88 -2.43
C VAL B 273 27.65 16.73 -1.66
N SER B 274 26.99 17.02 -0.55
CA SER B 274 26.40 15.95 0.23
C SER B 274 25.14 16.37 0.97
N MET B 275 24.43 15.39 1.52
CA MET B 275 23.19 15.69 2.20
C MET B 275 23.03 14.89 3.48
N GLY B 276 22.51 15.53 4.52
CA GLY B 276 22.30 14.81 5.77
C GLY B 276 23.47 14.88 6.73
N SER B 277 23.46 14.01 7.74
CA SER B 277 24.47 13.99 8.78
C SER B 277 25.90 13.88 8.30
N SER B 278 26.10 13.33 7.12
CA SER B 278 27.46 13.23 6.60
C SER B 278 28.09 14.63 6.51
N CYS B 279 27.29 15.66 6.24
CA CYS B 279 27.84 17.02 6.13
C CYS B 279 28.63 17.49 7.35
N GLU B 280 28.19 17.08 8.53
CA GLU B 280 28.87 17.44 9.77
C GLU B 280 30.28 16.88 9.80
N THR B 281 30.39 15.58 9.57
CA THR B 281 31.69 14.91 9.54
C THR B 281 32.61 15.48 8.46
N ILE B 282 32.08 15.76 7.29
CA ILE B 282 32.87 16.34 6.21
C ILE B 282 33.42 17.73 6.61
N GLU B 283 32.58 18.58 7.19
CA GLU B 283 33.03 19.90 7.62
C GLU B 283 34.12 19.78 8.69
N GLU B 284 33.97 18.81 9.59
CA GLU B 284 34.97 18.61 10.64
C GLU B 284 36.31 18.28 10.00
N VAL B 285 36.28 17.40 9.01
CA VAL B 285 37.50 17.02 8.33
C VAL B 285 38.02 18.23 7.54
N ILE B 286 37.11 18.98 6.93
CA ILE B 286 37.54 20.15 6.17
C ILE B 286 38.30 21.11 7.09
N ASN B 287 37.74 21.41 8.27
CA ASN B 287 38.43 22.32 9.17
C ASN B 287 39.84 21.80 9.46
N HIS B 288 39.95 20.49 9.64
CA HIS B 288 41.23 19.86 9.92
C HIS B 288 42.21 19.93 8.76
N LEU B 289 41.77 19.56 7.56
CA LEU B 289 42.65 19.58 6.39
C LEU B 289 42.97 20.98 5.88
N ALA B 290 41.98 21.87 5.92
CA ALA B 290 42.19 23.24 5.46
C ALA B 290 43.28 23.91 6.31
N ALA B 291 43.35 23.52 7.58
CA ALA B 291 44.35 24.08 8.50
C ALA B 291 45.75 23.75 8.03
N LYS B 292 45.88 22.62 7.32
CA LYS B 292 47.17 22.20 6.81
C LYS B 292 47.39 22.67 5.38
N GLY B 293 46.54 23.57 4.92
CA GLY B 293 46.69 24.11 3.58
C GLY B 293 45.97 23.43 2.43
N GLU B 294 45.14 22.42 2.69
CA GLU B 294 44.44 21.77 1.59
C GLU B 294 43.27 22.64 1.08
N LYS B 295 43.15 22.80 -0.23
CA LYS B 295 42.06 23.62 -0.80
C LYS B 295 40.82 22.78 -1.08
N ILE B 296 39.98 22.61 -0.06
CA ILE B 296 38.77 21.81 -0.18
C ILE B 296 37.52 22.49 0.37
N GLY B 297 36.37 22.04 -0.14
CA GLY B 297 35.10 22.59 0.27
C GLY B 297 33.96 21.59 0.29
N LEU B 298 32.82 22.03 0.78
CA LEU B 298 31.66 21.18 0.88
C LEU B 298 30.40 21.99 0.65
N ILE B 299 29.54 21.49 -0.22
CA ILE B 299 28.27 22.14 -0.46
C ILE B 299 27.24 21.26 0.26
N LYS B 300 26.57 21.86 1.24
CA LYS B 300 25.55 21.16 2.01
C LYS B 300 24.19 21.40 1.36
N VAL B 301 23.48 20.31 1.03
CA VAL B 301 22.18 20.43 0.42
C VAL B 301 21.09 20.51 1.47
N ARG B 302 20.37 21.63 1.49
CA ARG B 302 19.27 21.79 2.43
C ARG B 302 17.96 21.46 1.73
N LEU B 303 17.62 22.24 0.71
CA LEU B 303 16.38 22.00 -0.03
C LEU B 303 16.71 21.17 -1.24
N TYR B 304 16.37 19.88 -1.16
CA TYR B 304 16.62 18.95 -2.25
C TYR B 304 15.54 19.09 -3.33
N ARG B 305 14.31 19.34 -2.91
CA ARG B 305 13.21 19.55 -3.85
C ARG B 305 12.35 20.71 -3.35
N PRO B 306 12.09 21.72 -4.20
CA PRO B 306 12.54 21.83 -5.59
C PRO B 306 14.06 22.06 -5.60
N PHE B 307 14.73 21.54 -6.61
CA PHE B 307 16.18 21.69 -6.74
C PHE B 307 16.41 22.97 -7.54
N VAL B 308 17.00 23.97 -6.87
CA VAL B 308 17.25 25.27 -7.47
C VAL B 308 18.73 25.38 -7.82
N SER B 309 19.03 25.28 -9.11
CA SER B 309 20.42 25.33 -9.60
C SER B 309 21.10 26.64 -9.30
N GLU B 310 20.38 27.75 -9.37
CA GLU B 310 20.95 29.07 -9.10
C GLU B 310 21.57 29.11 -7.71
N ALA B 311 20.84 28.55 -6.74
CA ALA B 311 21.32 28.52 -5.37
C ALA B 311 22.44 27.51 -5.24
N PHE B 312 22.47 26.50 -6.11
CA PHE B 312 23.55 25.53 -6.04
C PHE B 312 24.85 26.24 -6.45
N PHE B 313 24.79 26.92 -7.58
CA PHE B 313 25.96 27.64 -8.07
C PHE B 313 26.34 28.80 -7.18
N ALA B 314 25.40 29.33 -6.38
CA ALA B 314 25.76 30.44 -5.51
C ALA B 314 26.65 29.90 -4.40
N ALA B 315 26.74 28.58 -4.27
CA ALA B 315 27.56 27.99 -3.21
C ALA B 315 28.83 27.34 -3.75
N LEU B 316 28.91 27.23 -5.05
CA LEU B 316 30.05 26.59 -5.66
C LEU B 316 31.21 27.57 -5.88
N PRO B 317 32.42 27.22 -5.39
CA PRO B 317 33.58 28.11 -5.58
C PRO B 317 33.94 28.10 -7.07
N ALA B 318 34.32 29.26 -7.61
CA ALA B 318 34.69 29.33 -9.03
C ALA B 318 35.95 28.49 -9.28
N SER B 319 36.75 28.32 -8.23
CA SER B 319 37.99 27.55 -8.29
C SER B 319 37.84 26.02 -8.32
N ALA B 320 36.64 25.53 -8.02
CA ALA B 320 36.40 24.10 -8.00
C ALA B 320 36.71 23.43 -9.34
N LYS B 321 37.64 22.48 -9.35
CA LYS B 321 38.00 21.80 -10.61
C LYS B 321 37.46 20.38 -10.58
N VAL B 322 37.26 19.86 -9.38
CA VAL B 322 36.71 18.53 -9.25
C VAL B 322 35.65 18.56 -8.17
N ILE B 323 34.50 17.97 -8.48
CA ILE B 323 33.38 17.92 -7.54
C ILE B 323 32.88 16.49 -7.40
N THR B 324 32.82 16.01 -6.16
CA THR B 324 32.30 14.67 -5.92
C THR B 324 30.90 14.77 -5.27
N VAL B 325 29.91 14.12 -5.87
CA VAL B 325 28.56 14.13 -5.32
C VAL B 325 28.31 12.82 -4.60
N LEU B 326 28.05 12.89 -3.30
CA LEU B 326 27.81 11.71 -2.50
C LEU B 326 26.31 11.43 -2.31
N ASP B 327 25.86 10.25 -2.72
CA ASP B 327 24.45 9.85 -2.56
C ASP B 327 24.35 8.75 -1.50
N ARG B 328 23.45 8.90 -0.55
CA ARG B 328 23.31 7.88 0.46
C ARG B 328 22.19 6.90 0.04
N THR B 329 22.36 6.32 -1.13
CA THR B 329 21.36 5.38 -1.63
C THR B 329 21.97 4.60 -2.77
N LYS B 330 21.17 3.69 -3.32
CA LYS B 330 21.59 2.87 -4.45
C LYS B 330 20.39 2.60 -5.33
N GLU B 331 20.42 3.05 -6.58
CA GLU B 331 19.34 2.79 -7.51
C GLU B 331 19.98 1.86 -8.55
N PRO B 332 19.85 0.53 -8.37
CA PRO B 332 20.44 -0.44 -9.29
C PRO B 332 20.13 -0.19 -10.76
N GLY B 333 21.17 -0.20 -11.59
CA GLY B 333 20.97 0.00 -13.00
C GLY B 333 20.85 1.44 -13.47
N ALA B 334 20.73 2.39 -12.54
CA ALA B 334 20.60 3.79 -12.92
C ALA B 334 21.97 4.32 -13.40
N PRO B 335 21.96 5.33 -14.27
CA PRO B 335 23.24 5.86 -14.75
C PRO B 335 23.96 6.61 -13.63
N GLY B 336 23.21 6.88 -12.56
CA GLY B 336 23.76 7.56 -11.40
C GLY B 336 22.71 7.75 -10.33
N ASP B 337 23.13 8.01 -9.10
CA ASP B 337 22.16 8.22 -8.04
C ASP B 337 21.52 9.60 -8.14
N PRO B 338 20.38 9.82 -7.44
CA PRO B 338 19.64 11.09 -7.48
C PRO B 338 20.35 12.44 -7.35
N LEU B 339 21.12 12.64 -6.30
CA LEU B 339 21.79 13.91 -6.13
C LEU B 339 22.81 14.14 -7.27
N TYR B 340 23.54 13.11 -7.62
CA TYR B 340 24.52 13.19 -8.69
C TYR B 340 23.82 13.60 -9.97
N LEU B 341 22.70 12.95 -10.26
CA LEU B 341 22.00 13.29 -11.49
C LEU B 341 21.53 14.72 -11.49
N ASP B 342 21.06 15.22 -10.34
CA ASP B 342 20.58 16.59 -10.26
C ASP B 342 21.73 17.59 -10.49
N VAL B 343 22.89 17.30 -9.91
CA VAL B 343 24.08 18.16 -10.03
C VAL B 343 24.58 18.17 -11.49
N CYS B 344 24.63 17.01 -12.11
CA CYS B 344 25.04 16.94 -13.48
C CYS B 344 24.14 17.85 -14.32
N SER B 345 22.84 17.73 -14.12
CA SER B 345 21.92 18.52 -14.92
C SER B 345 22.20 20.00 -14.75
N ALA B 346 22.59 20.41 -13.55
CA ALA B 346 22.90 21.81 -13.28
C ALA B 346 24.06 22.29 -14.15
N PHE B 347 25.12 21.50 -14.20
CA PHE B 347 26.27 21.87 -15.00
C PHE B 347 25.96 21.82 -16.49
N VAL B 348 25.12 20.89 -16.92
CA VAL B 348 24.79 20.80 -18.33
C VAL B 348 23.96 21.99 -18.80
N GLU B 349 22.97 22.36 -18.02
CA GLU B 349 22.15 23.48 -18.40
C GLU B 349 22.88 24.82 -18.35
N ARG B 350 23.86 24.96 -17.45
CA ARG B 350 24.63 26.20 -17.34
C ARG B 350 25.38 26.48 -18.65
N GLY B 351 25.86 25.42 -19.29
CA GLY B 351 26.57 25.56 -20.55
C GLY B 351 27.95 26.18 -20.49
N GLU B 352 28.48 26.36 -19.28
CA GLU B 352 29.80 26.94 -19.14
C GLU B 352 30.84 25.90 -18.82
N ALA B 353 31.71 26.27 -17.87
CA ALA B 353 32.80 25.44 -17.40
C ALA B 353 32.24 24.12 -16.88
N MET B 354 32.93 23.03 -17.20
CA MET B 354 32.50 21.72 -16.75
C MET B 354 33.61 21.07 -15.96
N PRO B 355 33.62 21.23 -14.63
CA PRO B 355 34.69 20.56 -13.89
C PRO B 355 34.42 19.06 -13.93
N LYS B 356 35.35 18.27 -13.39
CA LYS B 356 35.15 16.83 -13.36
C LYS B 356 34.08 16.55 -12.30
N ILE B 357 33.07 15.76 -12.65
CA ILE B 357 32.03 15.43 -11.67
C ILE B 357 32.14 13.95 -11.32
N LEU B 358 32.35 13.64 -10.05
CA LEU B 358 32.46 12.26 -9.61
C LEU B 358 31.28 11.86 -8.73
N ALA B 359 30.81 10.62 -8.87
CA ALA B 359 29.70 10.12 -8.06
C ALA B 359 30.19 9.11 -7.02
N GLY B 360 29.78 9.29 -5.78
CA GLY B 360 30.18 8.37 -4.72
C GLY B 360 29.03 7.91 -3.86
N ARG B 361 29.08 6.64 -3.46
CA ARG B 361 28.03 6.07 -2.64
C ARG B 361 28.57 5.74 -1.25
N TYR B 362 27.79 6.10 -0.23
CA TYR B 362 28.20 5.84 1.15
C TYR B 362 27.00 5.64 2.07
N GLY B 363 27.31 5.24 3.30
CA GLY B 363 26.33 5.11 4.35
C GLY B 363 25.06 4.28 4.29
N LEU B 364 24.96 3.29 3.42
CA LEU B 364 23.75 2.50 3.40
C LEU B 364 23.56 1.78 4.74
N GLY B 365 22.33 1.83 5.25
CA GLY B 365 22.05 1.16 6.51
C GLY B 365 22.95 1.60 7.65
N SER B 366 23.11 2.90 7.80
CA SER B 366 23.94 3.46 8.85
C SER B 366 25.38 3.01 8.78
N LYS B 367 25.85 2.63 7.61
CA LYS B 367 27.26 2.26 7.50
C LYS B 367 28.06 3.48 7.94
N GLU B 368 29.12 3.26 8.70
CA GLU B 368 29.96 4.36 9.14
C GLU B 368 30.43 5.21 7.96
N PHE B 369 30.47 6.52 8.18
CA PHE B 369 31.04 7.45 7.21
C PHE B 369 31.95 8.29 8.11
N SER B 370 33.18 7.83 8.24
CA SER B 370 34.18 8.46 9.13
C SER B 370 35.15 9.42 8.48
N PRO B 371 35.93 10.15 9.30
CA PRO B 371 36.89 11.11 8.75
C PRO B 371 37.83 10.44 7.73
N ALA B 372 38.32 9.26 8.06
CA ALA B 372 39.20 8.56 7.15
C ALA B 372 38.51 8.39 5.79
N MET B 373 37.20 8.14 5.81
CA MET B 373 36.48 7.94 4.56
C MET B 373 36.33 9.27 3.81
N VAL B 374 36.21 10.38 4.54
CA VAL B 374 36.09 11.67 3.87
C VAL B 374 37.43 11.94 3.23
N LYS B 375 38.49 11.58 3.95
CA LYS B 375 39.84 11.78 3.46
C LYS B 375 40.02 11.05 2.12
N SER B 376 39.52 9.82 2.05
CA SER B 376 39.59 9.02 0.83
C SER B 376 38.85 9.69 -0.30
N VAL B 377 37.69 10.26 0.00
CA VAL B 377 36.92 10.95 -1.03
C VAL B 377 37.73 12.13 -1.58
N TYR B 378 38.34 12.92 -0.70
CA TYR B 378 39.12 14.07 -1.16
C TYR B 378 40.37 13.62 -1.93
N ASP B 379 41.03 12.58 -1.42
CA ASP B 379 42.22 12.05 -2.08
C ASP B 379 41.91 11.48 -3.45
N ASN B 380 40.74 10.87 -3.60
CA ASN B 380 40.38 10.29 -4.88
C ASN B 380 40.31 11.42 -5.92
N MET B 381 39.80 12.59 -5.51
CA MET B 381 39.70 13.71 -6.44
C MET B 381 41.04 14.30 -6.86
N SER B 382 42.12 13.98 -6.15
CA SER B 382 43.40 14.52 -6.56
C SER B 382 44.24 13.38 -7.12
N GLY B 383 43.80 12.14 -6.88
CA GLY B 383 44.49 10.97 -7.37
C GLY B 383 43.81 10.29 -8.55
N ALA B 384 43.42 9.03 -8.35
CA ALA B 384 42.78 8.24 -9.40
C ALA B 384 41.50 8.81 -10.01
N LYS B 385 40.78 9.64 -9.27
CA LYS B 385 39.51 10.18 -9.75
C LYS B 385 38.56 9.04 -10.19
N LYS B 386 38.41 8.05 -9.32
CA LYS B 386 37.54 6.92 -9.59
C LYS B 386 36.09 7.41 -9.52
N ASN B 387 35.28 7.04 -10.50
CA ASN B 387 33.89 7.48 -10.54
C ASN B 387 32.97 6.34 -10.10
N HIS B 388 31.73 6.67 -9.74
CA HIS B 388 30.77 5.65 -9.31
C HIS B 388 31.36 4.67 -8.32
N PHE B 389 32.04 5.21 -7.30
CA PHE B 389 32.65 4.39 -6.26
C PHE B 389 31.75 4.28 -5.04
N THR B 390 32.14 3.39 -4.13
CA THR B 390 31.46 3.20 -2.88
C THR B 390 32.58 3.46 -1.88
N VAL B 391 32.25 3.88 -0.67
CA VAL B 391 33.27 4.07 0.35
C VAL B 391 32.69 3.60 1.68
N GLY B 392 33.49 2.83 2.42
CA GLY B 392 33.01 2.28 3.67
C GLY B 392 32.89 0.75 3.59
N ILE B 393 33.08 0.21 2.39
CA ILE B 393 33.04 -1.24 2.23
C ILE B 393 34.19 -1.68 1.36
N GLU B 394 34.45 -2.98 1.36
CA GLU B 394 35.50 -3.53 0.53
C GLU B 394 34.78 -4.26 -0.59
N ASP B 395 34.69 -3.62 -1.74
CA ASP B 395 34.02 -4.25 -2.86
C ASP B 395 35.02 -5.03 -3.67
N ASP B 396 35.23 -6.28 -3.28
CA ASP B 396 36.17 -7.13 -3.98
C ASP B 396 35.49 -7.91 -5.09
N VAL B 397 34.23 -7.59 -5.38
CA VAL B 397 33.53 -8.31 -6.43
C VAL B 397 33.50 -7.47 -7.70
N THR B 398 33.16 -6.21 -7.60
CA THR B 398 33.14 -5.37 -8.78
C THR B 398 34.10 -4.19 -8.65
N GLY B 399 35.01 -4.27 -7.68
CA GLY B 399 36.00 -3.22 -7.46
C GLY B 399 35.54 -1.77 -7.56
N THR B 400 34.48 -1.39 -6.86
CA THR B 400 34.00 -0.02 -6.92
C THR B 400 34.37 0.78 -5.67
N SER B 401 34.97 0.15 -4.67
CA SER B 401 35.28 0.87 -3.44
C SER B 401 36.63 1.57 -3.40
N LEU B 402 36.70 2.60 -2.56
CA LEU B 402 37.92 3.38 -2.38
C LEU B 402 38.71 2.79 -1.23
N PRO B 403 40.04 2.82 -1.32
CA PRO B 403 40.80 2.28 -0.20
C PRO B 403 40.67 3.31 0.92
N VAL B 404 40.66 2.87 2.17
CA VAL B 404 40.54 3.79 3.29
C VAL B 404 41.62 3.53 4.33
N ASP B 405 42.43 4.55 4.57
CA ASP B 405 43.54 4.51 5.51
C ASP B 405 43.08 4.99 6.87
N ASN B 406 42.84 4.06 7.77
CA ASN B 406 42.36 4.41 9.09
C ASN B 406 43.39 4.90 10.08
N ALA B 407 44.59 5.22 9.59
CA ALA B 407 45.60 5.75 10.48
C ALA B 407 45.37 7.26 10.51
N PHE B 408 44.50 7.73 9.61
CA PHE B 408 44.16 9.15 9.52
C PHE B 408 43.93 9.67 10.92
N ALA B 409 44.58 10.79 11.23
CA ALA B 409 44.52 11.41 12.55
C ALA B 409 43.12 11.74 13.03
N ASP B 410 42.99 11.96 14.35
CA ASP B 410 41.73 12.35 14.94
C ASP B 410 41.48 13.77 14.46
N THR B 411 40.26 14.05 14.02
CA THR B 411 39.91 15.38 13.52
C THR B 411 38.93 16.13 14.41
N THR B 412 38.57 15.59 15.57
CA THR B 412 37.63 16.32 16.42
C THR B 412 38.32 17.62 16.86
N PRO B 413 37.53 18.67 17.15
CA PRO B 413 38.10 19.96 17.58
C PRO B 413 39.02 19.79 18.80
N LYS B 414 39.97 20.70 18.96
CA LYS B 414 40.90 20.65 20.08
C LYS B 414 40.13 20.69 21.39
N GLY B 415 40.54 19.87 22.36
CA GLY B 415 39.86 19.86 23.66
C GLY B 415 38.75 18.84 23.87
N THR B 416 38.19 18.29 22.78
CA THR B 416 37.10 17.31 22.89
C THR B 416 37.49 16.01 23.60
N ILE B 417 36.65 15.57 24.51
CA ILE B 417 36.90 14.34 25.23
C ILE B 417 35.94 13.27 24.69
N GLN B 418 36.49 12.11 24.35
CA GLN B 418 35.68 11.04 23.78
C GLN B 418 35.69 9.80 24.67
N CYS B 419 34.50 9.27 24.94
CA CYS B 419 34.36 8.10 25.80
C CYS B 419 33.55 6.96 25.17
N GLN B 420 33.88 5.74 25.54
CA GLN B 420 33.17 4.57 25.05
C GLN B 420 32.81 3.75 26.27
N PHE B 421 31.58 3.22 26.29
CA PHE B 421 31.15 2.37 27.39
C PHE B 421 30.59 1.08 26.84
N TRP B 422 31.15 -0.03 27.30
CA TRP B 422 30.70 -1.34 26.88
C TRP B 422 29.74 -1.82 27.97
N GLY B 423 28.46 -1.96 27.63
CA GLY B 423 27.51 -2.39 28.62
C GLY B 423 26.76 -3.67 28.28
N LEU B 424 26.10 -4.21 29.31
CA LEU B 424 25.31 -5.41 29.18
C LEU B 424 23.85 -4.97 29.29
N GLY B 425 23.01 -5.50 28.42
CA GLY B 425 21.61 -5.14 28.41
C GLY B 425 20.96 -5.01 29.78
N ALA B 426 20.33 -3.87 30.00
CA ALA B 426 19.63 -3.62 31.24
C ALA B 426 20.52 -3.47 32.48
N ASP B 427 21.79 -3.15 32.30
CA ASP B 427 22.64 -2.92 33.47
C ASP B 427 22.64 -1.42 33.78
N GLY B 428 21.77 -0.69 33.09
CA GLY B 428 21.62 0.73 33.32
C GLY B 428 22.75 1.63 32.84
N THR B 429 23.64 1.12 31.99
CA THR B 429 24.73 1.94 31.48
C THR B 429 24.23 3.10 30.60
N VAL B 430 23.37 2.80 29.62
CA VAL B 430 22.85 3.85 28.74
C VAL B 430 22.13 4.89 29.57
N GLY B 431 21.30 4.43 30.49
CA GLY B 431 20.58 5.35 31.36
C GLY B 431 21.56 6.25 32.10
N ALA B 432 22.66 5.68 32.59
CA ALA B 432 23.64 6.49 33.31
C ALA B 432 24.30 7.50 32.37
N ASN B 433 24.65 7.07 31.16
CA ASN B 433 25.28 7.97 30.18
C ASN B 433 24.36 9.13 29.80
N LYS B 434 23.09 8.82 29.57
CA LYS B 434 22.13 9.86 29.23
C LYS B 434 22.06 10.87 30.37
N GLN B 435 22.05 10.36 31.60
CA GLN B 435 21.99 11.25 32.76
C GLN B 435 23.25 12.11 32.84
N ALA B 436 24.40 11.52 32.52
CA ALA B 436 25.66 12.24 32.56
C ALA B 436 25.61 13.37 31.54
N ILE B 437 25.08 13.07 30.36
CA ILE B 437 24.96 14.08 29.31
C ILE B 437 24.12 15.29 29.76
N LYS B 438 22.96 15.02 30.36
CA LYS B 438 22.09 16.09 30.83
C LYS B 438 22.73 16.89 31.96
N ILE B 439 23.32 16.19 32.93
CA ILE B 439 23.98 16.84 34.06
C ILE B 439 25.09 17.78 33.62
N ILE B 440 26.00 17.27 32.80
CA ILE B 440 27.12 18.06 32.31
C ILE B 440 26.64 19.20 31.41
N GLY B 441 25.73 18.90 30.49
CA GLY B 441 25.22 19.95 29.61
C GLY B 441 24.45 21.05 30.33
N ASP B 442 23.71 20.67 31.36
CA ASP B 442 22.89 21.62 32.12
C ASP B 442 23.72 22.46 33.09
N ASN B 443 24.92 22.01 33.42
CA ASN B 443 25.73 22.73 34.40
C ASN B 443 27.07 23.25 33.94
N THR B 444 27.35 23.18 32.64
CA THR B 444 28.59 23.70 32.10
C THR B 444 28.29 24.34 30.77
N ASP B 445 29.32 24.85 30.10
CA ASP B 445 29.16 25.47 28.81
C ASP B 445 29.70 24.54 27.73
N LEU B 446 29.96 23.30 28.13
CA LEU B 446 30.49 22.31 27.21
C LEU B 446 29.38 21.84 26.27
N PHE B 447 29.77 21.31 25.11
CA PHE B 447 28.82 20.76 24.16
C PHE B 447 28.82 19.28 24.50
N ALA B 448 27.72 18.59 24.23
CA ALA B 448 27.64 17.20 24.61
C ALA B 448 26.99 16.34 23.57
N GLN B 449 27.52 15.14 23.40
CA GLN B 449 26.97 14.26 22.41
C GLN B 449 26.96 12.82 22.90
N GLY B 450 25.84 12.16 22.68
CA GLY B 450 25.70 10.77 23.04
C GLY B 450 25.12 9.98 21.86
N TYR B 451 25.65 8.78 21.67
CA TYR B 451 25.18 7.88 20.62
C TYR B 451 25.31 6.46 21.13
N PHE B 452 24.26 5.67 20.93
CA PHE B 452 24.26 4.30 21.42
C PHE B 452 24.07 3.24 20.38
N SER B 453 24.97 2.27 20.39
CA SER B 453 24.89 1.17 19.47
C SER B 453 24.37 0.01 20.32
N TYR B 454 23.30 -0.63 19.87
CA TYR B 454 22.74 -1.72 20.64
C TYR B 454 22.99 -3.05 19.95
N ASP B 455 22.45 -4.10 20.55
CA ASP B 455 22.60 -5.46 20.07
C ASP B 455 21.29 -5.97 19.44
N SER B 456 21.41 -6.93 18.51
CA SER B 456 20.24 -7.53 17.89
C SER B 456 19.60 -8.53 18.84
N LYS B 457 20.40 -9.06 19.75
CA LYS B 457 19.94 -10.00 20.77
C LYS B 457 19.06 -9.19 21.70
N LYS B 458 17.86 -9.68 21.96
CA LYS B 458 16.91 -8.97 22.81
C LYS B 458 17.21 -9.07 24.31
N SER B 459 17.88 -10.15 24.70
CA SER B 459 18.22 -10.39 26.10
C SER B 459 19.72 -10.57 26.28
N GLY B 460 20.27 -9.95 27.33
CA GLY B 460 21.68 -10.05 27.60
C GLY B 460 22.54 -9.52 26.44
N GLY B 461 22.04 -8.50 25.76
CA GLY B 461 22.77 -7.91 24.64
C GLY B 461 23.91 -7.01 25.07
N ILE B 462 24.80 -6.72 24.13
CA ILE B 462 25.92 -5.86 24.41
C ILE B 462 25.60 -4.49 23.80
N THR B 463 25.76 -3.44 24.58
CA THR B 463 25.53 -2.10 24.08
C THR B 463 26.86 -1.35 24.19
N ILE B 464 27.10 -0.45 23.24
CA ILE B 464 28.29 0.36 23.26
C ILE B 464 27.83 1.81 23.20
N SER B 465 28.25 2.61 24.17
CA SER B 465 27.85 4.01 24.22
C SER B 465 29.02 4.84 23.76
N HIS B 466 28.71 5.89 23.01
CA HIS B 466 29.72 6.79 22.48
C HIS B 466 29.40 8.20 22.96
N LEU B 467 30.20 8.75 23.87
CA LEU B 467 29.96 10.11 24.32
C LEU B 467 31.13 11.07 24.04
N ARG B 468 30.78 12.32 23.76
CA ARG B 468 31.78 13.34 23.51
C ARG B 468 31.36 14.61 24.23
N PHE B 469 32.34 15.36 24.70
CA PHE B 469 32.12 16.63 25.38
C PHE B 469 33.23 17.56 24.95
N GLY B 470 32.88 18.80 24.64
CA GLY B 470 33.90 19.73 24.20
C GLY B 470 33.51 21.17 24.34
N GLU B 471 34.54 22.03 24.35
CA GLU B 471 34.29 23.44 24.47
C GLU B 471 33.73 23.90 23.13
N LYS B 472 34.01 23.14 22.08
CA LYS B 472 33.51 23.52 20.76
C LYS B 472 32.40 22.60 20.24
N PRO B 473 31.60 23.10 19.28
CA PRO B 473 30.50 22.34 18.68
C PRO B 473 30.96 21.00 18.12
N ILE B 474 30.20 19.96 18.44
CA ILE B 474 30.54 18.60 18.02
C ILE B 474 29.82 18.21 16.75
N GLN B 475 30.60 18.03 15.69
CA GLN B 475 30.09 17.66 14.39
C GLN B 475 30.49 16.23 14.00
N SER B 476 30.98 15.49 14.98
CA SER B 476 31.44 14.13 14.77
C SER B 476 30.30 13.14 14.61
N THR B 477 29.68 13.10 13.44
CA THR B 477 28.57 12.18 13.24
C THR B 477 29.08 10.81 12.83
N TYR B 478 29.92 10.26 13.69
CA TYR B 478 30.47 8.95 13.49
C TYR B 478 30.82 8.46 14.89
N LEU B 479 31.09 7.17 15.01
CA LEU B 479 31.42 6.59 16.31
C LEU B 479 32.77 7.03 16.82
N VAL B 480 32.95 6.96 18.13
CA VAL B 480 34.23 7.30 18.70
C VAL B 480 35.18 6.19 18.25
N ASN B 481 36.34 6.57 17.73
CA ASN B 481 37.32 5.58 17.28
C ASN B 481 38.67 5.70 18.00
N ARG B 482 38.87 6.80 18.70
CA ARG B 482 40.08 7.05 19.49
C ARG B 482 39.64 7.70 20.80
N ALA B 483 39.28 6.88 21.77
CA ALA B 483 38.77 7.40 23.02
C ALA B 483 39.80 7.77 24.09
N ASP B 484 39.41 8.71 24.96
CA ASP B 484 40.26 9.17 26.07
C ASP B 484 39.89 8.32 27.27
N TYR B 485 38.67 7.80 27.23
CA TYR B 485 38.12 7.00 28.30
C TYR B 485 37.32 5.83 27.75
N VAL B 486 37.63 4.62 28.21
CA VAL B 486 36.92 3.44 27.80
C VAL B 486 36.55 2.67 29.06
N ALA B 487 35.29 2.32 29.22
CA ALA B 487 34.84 1.59 30.39
C ALA B 487 34.15 0.32 29.93
N CYS B 488 34.55 -0.79 30.51
CA CYS B 488 33.94 -2.08 30.18
C CYS B 488 33.14 -2.42 31.42
N HIS B 489 31.82 -2.39 31.29
CA HIS B 489 30.94 -2.65 32.43
C HIS B 489 30.61 -4.09 32.71
N ASN B 490 31.08 -4.98 31.85
CA ASN B 490 30.85 -6.41 32.00
C ASN B 490 32.18 -7.12 31.84
N PRO B 491 32.67 -7.74 32.92
CA PRO B 491 33.96 -8.44 32.81
C PRO B 491 34.01 -9.48 31.68
N ALA B 492 32.90 -10.17 31.42
CA ALA B 492 32.86 -11.20 30.37
C ALA B 492 33.32 -10.73 28.99
N TYR B 493 33.30 -9.43 28.76
CA TYR B 493 33.70 -8.90 27.46
C TYR B 493 35.20 -8.89 27.19
N VAL B 494 36.02 -8.84 28.24
CA VAL B 494 37.47 -8.74 28.05
C VAL B 494 38.08 -9.81 27.14
N GLY B 495 37.67 -11.05 27.31
CA GLY B 495 38.24 -12.09 26.47
C GLY B 495 37.59 -12.29 25.12
N ILE B 496 36.54 -11.52 24.82
CA ILE B 496 35.87 -11.73 23.54
C ILE B 496 35.78 -10.58 22.55
N TYR B 497 35.77 -9.35 23.03
CA TYR B 497 35.69 -8.20 22.12
C TYR B 497 36.96 -7.33 22.21
N ASP B 498 37.25 -6.60 21.14
CA ASP B 498 38.42 -5.72 21.10
C ASP B 498 38.01 -4.44 21.80
N ILE B 499 37.88 -4.51 23.12
CA ILE B 499 37.42 -3.36 23.89
C ILE B 499 38.35 -2.14 23.95
N LEU B 500 39.63 -2.30 23.64
CA LEU B 500 40.52 -1.14 23.69
C LEU B 500 40.90 -0.58 22.32
N GLU B 501 40.33 -1.13 21.26
CA GLU B 501 40.66 -0.64 19.93
C GLU B 501 40.67 0.89 19.82
N GLY B 502 41.80 1.41 19.37
CA GLY B 502 41.94 2.85 19.20
C GLY B 502 42.04 3.73 20.45
N ILE B 503 42.14 3.17 21.65
CA ILE B 503 42.22 4.05 22.79
C ILE B 503 43.50 4.89 22.68
N LYS B 504 43.42 6.15 23.08
CA LYS B 504 44.56 7.04 23.00
C LYS B 504 45.68 6.67 23.98
N ASP B 505 46.91 6.95 23.59
CA ASP B 505 48.04 6.70 24.47
C ASP B 505 47.78 7.50 25.76
N GLY B 506 48.05 6.89 26.92
CA GLY B 506 47.83 7.58 28.17
C GLY B 506 46.35 7.74 28.50
N GLY B 507 45.50 7.05 27.76
CA GLY B 507 44.08 7.16 28.05
C GLY B 507 43.75 6.38 29.29
N THR B 508 42.49 6.39 29.71
CA THR B 508 42.17 5.63 30.90
C THR B 508 41.14 4.57 30.57
N PHE B 509 41.34 3.41 31.18
CA PHE B 509 40.49 2.27 30.97
C PHE B 509 39.94 1.78 32.29
N VAL B 510 38.62 1.79 32.40
CA VAL B 510 37.98 1.34 33.61
C VAL B 510 37.33 -0.03 33.38
N LEU B 511 37.58 -0.96 34.29
CA LEU B 511 37.02 -2.28 34.14
C LEU B 511 36.24 -2.68 35.35
N ASN B 512 35.02 -3.16 35.13
CA ASN B 512 34.25 -3.65 36.25
C ASN B 512 34.53 -5.15 36.31
N SER B 513 35.09 -5.61 37.42
CA SER B 513 35.38 -7.03 37.60
C SER B 513 35.80 -7.28 39.04
N PRO B 514 35.78 -8.57 39.47
CA PRO B 514 36.15 -8.96 40.83
C PRO B 514 37.62 -9.40 40.89
N TRP B 515 38.39 -9.10 39.84
CA TRP B 515 39.80 -9.50 39.78
C TRP B 515 40.67 -8.42 40.34
N SER B 516 40.60 -8.25 41.64
CA SER B 516 41.31 -7.21 42.37
C SER B 516 42.83 -7.33 42.48
N SER B 517 43.34 -8.53 42.72
CA SER B 517 44.78 -8.71 42.84
C SER B 517 45.46 -8.82 41.48
N LEU B 518 46.76 -8.56 41.42
CA LEU B 518 47.47 -8.68 40.17
C LEU B 518 47.37 -10.13 39.74
N GLU B 519 47.40 -11.03 40.73
CA GLU B 519 47.30 -12.46 40.46
C GLU B 519 46.03 -12.86 39.69
N ASP B 520 44.86 -12.47 40.22
CA ASP B 520 43.58 -12.79 39.56
C ASP B 520 43.44 -12.04 38.25
N MET B 521 44.00 -10.84 38.18
CA MET B 521 43.94 -10.05 36.96
C MET B 521 44.78 -10.78 35.92
N ASP B 522 45.99 -11.19 36.28
CA ASP B 522 46.86 -11.90 35.35
C ASP B 522 46.18 -13.13 34.77
N LYS B 523 45.41 -13.81 35.59
CA LYS B 523 44.73 -15.02 35.18
C LYS B 523 43.51 -14.82 34.28
N HIS B 524 42.87 -13.66 34.36
CA HIS B 524 41.66 -13.44 33.56
C HIS B 524 41.79 -12.49 32.38
N LEU B 525 42.79 -11.63 32.40
CA LEU B 525 42.96 -10.69 31.31
C LEU B 525 43.75 -11.34 30.20
N PRO B 526 43.41 -11.05 28.93
CA PRO B 526 44.08 -11.58 27.73
C PRO B 526 45.38 -10.81 27.48
N SER B 527 46.37 -11.48 26.91
CA SER B 527 47.65 -10.85 26.62
C SER B 527 47.52 -9.57 25.78
N GLY B 528 46.61 -9.61 24.81
CA GLY B 528 46.42 -8.46 23.94
C GLY B 528 46.12 -7.21 24.73
N ILE B 529 45.20 -7.36 25.68
CA ILE B 529 44.83 -6.27 26.55
C ILE B 529 45.96 -5.90 27.50
N LYS B 530 46.63 -6.90 28.09
CA LYS B 530 47.76 -6.59 28.98
C LYS B 530 48.77 -5.75 28.21
N ARG B 531 49.06 -6.15 26.99
CA ARG B 531 50.03 -5.44 26.19
C ARG B 531 49.57 -4.02 25.81
N THR B 532 48.30 -3.83 25.51
CA THR B 532 47.82 -2.50 25.13
C THR B 532 47.90 -1.59 26.34
N ILE B 533 47.42 -2.07 27.48
CA ILE B 533 47.49 -1.25 28.68
C ILE B 533 48.91 -0.78 28.92
N ALA B 534 49.85 -1.72 28.98
CA ALA B 534 51.25 -1.38 29.23
C ALA B 534 51.93 -0.57 28.12
N ASN B 535 51.79 -1.00 26.86
CA ASN B 535 52.42 -0.25 25.76
C ASN B 535 51.87 1.16 25.56
N LYS B 536 50.58 1.35 25.82
CA LYS B 536 49.98 2.67 25.67
C LYS B 536 50.02 3.51 26.96
N LYS B 537 50.73 2.99 27.96
CA LYS B 537 50.88 3.70 29.24
C LYS B 537 49.52 4.17 29.75
N LEU B 538 48.54 3.29 29.65
CA LEU B 538 47.19 3.64 30.09
C LEU B 538 47.01 3.69 31.59
N LYS B 539 46.11 4.56 32.02
CA LYS B 539 45.78 4.67 33.43
C LYS B 539 44.64 3.65 33.56
N PHE B 540 44.99 2.48 34.07
CA PHE B 540 44.08 1.38 34.22
C PHE B 540 43.46 1.31 35.60
N TYR B 541 42.13 1.17 35.64
CA TYR B 541 41.39 1.06 36.91
C TYR B 541 40.46 -0.13 36.95
N ASN B 542 40.56 -0.93 38.01
CA ASN B 542 39.63 -2.04 38.15
C ASN B 542 38.75 -1.76 39.37
N ILE B 543 37.45 -2.00 39.24
CA ILE B 543 36.56 -1.76 40.34
C ILE B 543 35.57 -2.92 40.44
N ASP B 544 35.47 -3.51 41.63
CA ASP B 544 34.54 -4.62 41.83
C ASP B 544 33.19 -3.96 42.10
N ALA B 545 32.59 -3.45 41.04
CA ALA B 545 31.30 -2.76 41.14
C ALA B 545 30.20 -3.60 41.80
N VAL B 546 30.14 -4.88 41.51
CA VAL B 546 29.10 -5.73 42.09
C VAL B 546 29.23 -5.81 43.61
N LYS B 547 30.45 -6.07 44.08
CA LYS B 547 30.67 -6.15 45.51
C LYS B 547 30.33 -4.84 46.21
N ILE B 548 30.75 -3.70 45.63
CA ILE B 548 30.45 -2.43 46.27
C ILE B 548 28.95 -2.19 46.33
N ALA B 549 28.26 -2.39 45.21
CA ALA B 549 26.82 -2.22 45.15
C ALA B 549 26.12 -3.11 46.19
N THR B 550 26.64 -4.30 46.39
CA THR B 550 26.05 -5.21 47.35
C THR B 550 26.30 -4.74 48.78
N ASP B 551 27.49 -4.22 49.04
CA ASP B 551 27.80 -3.74 50.38
C ASP B 551 26.98 -2.50 50.80
N VAL B 552 26.69 -1.61 49.85
CA VAL B 552 25.93 -0.42 50.21
C VAL B 552 24.43 -0.66 50.18
N GLY B 553 24.04 -1.89 49.87
CA GLY B 553 22.62 -2.24 49.85
C GLY B 553 21.88 -2.11 48.54
N LEU B 554 22.60 -1.89 47.43
CA LEU B 554 21.99 -1.76 46.10
C LEU B 554 21.88 -3.11 45.42
N GLY B 555 22.13 -4.17 46.17
CA GLY B 555 22.03 -5.52 45.66
C GLY B 555 22.68 -5.85 44.32
N GLY B 556 23.96 -5.50 44.15
CA GLY B 556 24.63 -5.83 42.91
C GLY B 556 24.47 -4.92 41.70
N ARG B 557 23.51 -3.99 41.73
CA ARG B 557 23.31 -3.07 40.61
C ARG B 557 24.53 -2.16 40.54
N ILE B 558 25.23 -2.18 39.41
CA ILE B 558 26.46 -1.43 39.27
C ILE B 558 26.37 -0.02 38.64
N ASN B 559 25.23 0.34 38.08
CA ASN B 559 25.14 1.62 37.40
C ASN B 559 25.68 2.84 38.14
N MET B 560 25.34 3.01 39.42
CA MET B 560 25.84 4.18 40.15
C MET B 560 27.37 4.16 40.34
N ILE B 561 27.95 2.96 40.47
CA ILE B 561 29.39 2.85 40.62
C ILE B 561 30.10 3.24 39.33
N MET B 562 29.65 2.68 38.21
CA MET B 562 30.27 2.98 36.92
C MET B 562 30.04 4.43 36.49
N GLN B 563 28.96 5.03 36.98
CA GLN B 563 28.66 6.43 36.69
C GLN B 563 29.71 7.27 37.46
N THR B 564 29.99 6.88 38.70
CA THR B 564 30.96 7.57 39.52
C THR B 564 32.34 7.50 38.87
N ALA B 565 32.68 6.34 38.30
CA ALA B 565 33.97 6.17 37.63
C ALA B 565 34.09 7.17 36.48
N PHE B 566 33.02 7.31 35.71
CA PHE B 566 33.06 8.26 34.60
C PHE B 566 33.25 9.69 35.13
N PHE B 567 32.41 10.09 36.08
CA PHE B 567 32.51 11.44 36.63
C PHE B 567 33.87 11.69 37.25
N LYS B 568 34.40 10.70 37.96
CA LYS B 568 35.67 10.89 38.61
C LYS B 568 36.88 10.81 37.69
N LEU B 569 36.85 9.92 36.69
CA LEU B 569 38.01 9.71 35.85
C LEU B 569 38.05 10.16 34.40
N ALA B 570 36.89 10.52 33.83
CA ALA B 570 36.82 10.89 32.42
C ALA B 570 37.50 12.19 31.98
N GLY B 571 37.85 13.05 32.92
CA GLY B 571 38.49 14.30 32.58
C GLY B 571 37.55 15.36 32.05
N VAL B 572 36.25 15.17 32.24
CA VAL B 572 35.28 16.15 31.74
C VAL B 572 35.06 17.29 32.71
N LEU B 573 34.96 16.96 33.99
CA LEU B 573 34.74 17.97 35.03
C LEU B 573 35.87 17.91 36.06
N PRO B 574 36.07 19.01 36.79
CA PRO B 574 37.13 18.94 37.80
C PRO B 574 36.44 18.21 38.95
N PHE B 575 37.21 17.47 39.73
CA PHE B 575 36.73 16.65 40.84
C PHE B 575 35.63 17.15 41.77
N GLU B 576 35.82 18.28 42.43
CA GLU B 576 34.78 18.76 43.34
C GLU B 576 33.48 19.03 42.60
N LYS B 577 33.56 19.61 41.40
CA LYS B 577 32.36 19.88 40.65
C LYS B 577 31.70 18.55 40.24
N ALA B 578 32.53 17.61 39.79
CA ALA B 578 32.02 16.31 39.36
C ALA B 578 31.24 15.59 40.44
N VAL B 579 31.81 15.49 41.65
CA VAL B 579 31.13 14.81 42.75
C VAL B 579 29.89 15.59 43.17
N ASP B 580 30.03 16.91 43.18
CA ASP B 580 28.96 17.82 43.54
C ASP B 580 27.74 17.57 42.65
N LEU B 581 27.96 17.73 41.35
CA LEU B 581 26.89 17.55 40.39
C LEU B 581 26.29 16.14 40.41
N LEU B 582 27.12 15.13 40.71
CA LEU B 582 26.62 13.76 40.76
C LEU B 582 25.67 13.59 41.94
N LYS B 583 26.12 13.96 43.13
CA LYS B 583 25.28 13.83 44.31
C LYS B 583 23.98 14.63 44.11
N LYS B 584 24.09 15.82 43.51
CA LYS B 584 22.92 16.65 43.27
C LYS B 584 21.87 15.89 42.49
N SER B 585 22.28 15.33 41.35
CA SER B 585 21.34 14.59 40.52
C SER B 585 20.72 13.42 41.26
N ILE B 586 21.52 12.75 42.08
CA ILE B 586 21.01 11.61 42.83
C ILE B 586 19.83 12.03 43.69
N HIS B 587 19.87 13.27 44.19
CA HIS B 587 18.79 13.79 45.02
C HIS B 587 17.60 14.18 44.13
N LYS B 588 17.87 14.63 42.93
CA LYS B 588 16.82 14.98 41.99
C LYS B 588 16.16 13.67 41.62
N ALA B 589 16.92 12.78 40.98
CA ALA B 589 16.41 11.46 40.63
C ALA B 589 16.29 10.84 42.01
N TYR B 590 15.75 9.64 42.14
CA TYR B 590 15.59 9.05 43.46
C TYR B 590 15.03 10.17 44.35
N GLY B 591 15.24 10.09 45.65
CA GLY B 591 14.70 11.12 46.52
C GLY B 591 13.20 11.01 46.54
N LYS B 592 12.65 10.66 45.38
CA LYS B 592 11.23 10.47 45.21
C LYS B 592 10.99 9.01 45.58
N LYS B 593 12.01 8.39 46.15
CA LYS B 593 11.94 7.00 46.57
C LYS B 593 12.49 6.81 47.99
N GLY B 594 12.45 7.88 48.78
CA GLY B 594 12.93 7.81 50.15
C GLY B 594 14.38 8.20 50.33
N GLU B 595 14.71 8.67 51.52
CA GLU B 595 16.09 9.08 51.82
C GLU B 595 16.99 7.86 52.00
N LYS B 596 16.39 6.70 52.23
CA LYS B 596 17.17 5.49 52.41
C LYS B 596 17.80 5.09 51.08
N ILE B 597 16.97 5.09 50.03
CA ILE B 597 17.42 4.75 48.69
C ILE B 597 18.47 5.78 48.26
N VAL B 598 18.23 7.04 48.61
CA VAL B 598 19.13 8.12 48.28
C VAL B 598 20.49 7.92 48.94
N LYS B 599 20.46 7.62 50.23
CA LYS B 599 21.68 7.42 50.98
C LYS B 599 22.43 6.20 50.44
N MET B 600 21.71 5.18 49.96
CA MET B 600 22.41 4.02 49.43
C MET B 600 23.19 4.45 48.18
N ASN B 601 22.59 5.31 47.37
CA ASN B 601 23.26 5.77 46.17
C ASN B 601 24.36 6.79 46.43
N THR B 602 24.23 7.62 47.46
CA THR B 602 25.30 8.58 47.75
C THR B 602 26.48 7.79 48.37
N ASP B 603 26.17 6.73 49.10
CA ASP B 603 27.20 5.89 49.70
C ASP B 603 27.92 5.13 48.62
N ALA B 604 27.19 4.78 47.57
CA ALA B 604 27.79 4.05 46.47
C ALA B 604 28.83 4.96 45.85
N VAL B 605 28.43 6.22 45.62
CA VAL B 605 29.33 7.20 45.03
C VAL B 605 30.60 7.35 45.88
N ASP B 606 30.41 7.50 47.20
CA ASP B 606 31.53 7.67 48.15
C ASP B 606 32.48 6.49 48.08
N GLN B 607 31.94 5.29 48.24
CA GLN B 607 32.73 4.08 48.19
C GLN B 607 33.43 3.93 46.83
N ALA B 608 32.74 4.28 45.75
CA ALA B 608 33.34 4.17 44.42
C ALA B 608 34.51 5.17 44.25
N VAL B 609 34.35 6.39 44.77
CA VAL B 609 35.42 7.38 44.67
C VAL B 609 36.59 6.90 45.51
N THR B 610 36.28 6.35 46.69
CA THR B 610 37.31 5.84 47.59
C THR B 610 38.10 4.71 46.93
N SER B 611 37.37 3.80 46.29
CA SER B 611 37.99 2.63 45.67
C SER B 611 38.54 2.80 44.28
N LEU B 612 38.23 3.90 43.60
CA LEU B 612 38.77 4.06 42.26
C LEU B 612 40.20 4.59 42.30
N GLN B 613 41.14 3.65 42.32
CA GLN B 613 42.55 3.98 42.33
C GLN B 613 43.22 3.22 41.19
N GLU B 614 44.33 3.74 40.69
CA GLU B 614 45.01 3.07 39.59
C GLU B 614 45.45 1.66 39.92
N PHE B 615 45.35 0.79 38.92
CA PHE B 615 45.76 -0.59 39.03
C PHE B 615 47.21 -0.58 38.63
N LYS B 616 48.10 -1.05 39.50
CA LYS B 616 49.52 -1.05 39.20
C LYS B 616 49.91 -2.31 38.46
N TYR B 617 50.13 -2.16 37.17
CA TYR B 617 50.51 -3.26 36.32
C TYR B 617 52.01 -3.26 36.09
N PRO B 618 52.61 -4.46 36.00
CA PRO B 618 54.04 -4.56 35.78
C PRO B 618 54.39 -4.23 34.34
N ASP B 619 55.65 -3.83 34.11
CA ASP B 619 56.12 -3.51 32.78
C ASP B 619 56.17 -4.77 31.91
N SER B 620 56.24 -5.93 32.55
CA SER B 620 56.29 -7.19 31.81
C SER B 620 55.01 -7.46 31.03
N TRP B 621 53.99 -6.63 31.27
CA TRP B 621 52.72 -6.77 30.56
C TRP B 621 52.95 -6.42 29.09
N LYS B 622 53.95 -5.58 28.83
CA LYS B 622 54.31 -5.15 27.47
C LYS B 622 54.45 -6.33 26.51
N ASP B 623 54.89 -7.48 27.01
CA ASP B 623 55.03 -8.63 26.14
C ASP B 623 54.54 -9.87 26.83
N ALA B 624 53.34 -9.76 27.39
CA ALA B 624 52.70 -10.88 28.04
C ALA B 624 52.57 -11.95 26.95
N PRO B 625 52.88 -13.21 27.27
CA PRO B 625 52.78 -14.28 26.29
C PRO B 625 51.38 -14.42 25.72
N ALA B 626 51.31 -14.70 24.43
CA ALA B 626 50.02 -14.87 23.77
C ALA B 626 49.61 -16.31 24.00
N GLU B 627 48.30 -16.57 24.08
CA GLU B 627 47.84 -17.93 24.31
C GLU B 627 47.24 -18.55 23.06
N THR B 628 46.98 -19.85 23.15
CA THR B 628 46.44 -20.65 22.06
C THR B 628 44.99 -20.39 21.68
N LYS B 629 44.25 -21.47 21.45
CA LYS B 629 42.85 -21.42 21.03
C LYS B 629 42.01 -22.46 21.76
N ALA B 630 40.75 -22.14 21.99
CA ALA B 630 39.83 -23.06 22.64
C ALA B 630 38.62 -23.22 21.74
N GLU B 631 38.75 -22.68 20.52
CA GLU B 631 37.69 -22.70 19.50
C GLU B 631 37.10 -24.09 19.22
N PRO B 632 35.85 -24.30 19.65
CA PRO B 632 35.22 -25.61 19.42
C PRO B 632 34.99 -25.95 17.96
N MET B 633 34.42 -27.12 17.75
CA MET B 633 34.11 -27.56 16.41
C MET B 633 32.86 -26.82 15.99
N THR B 634 33.01 -26.13 14.86
CA THR B 634 31.99 -25.30 14.28
C THR B 634 31.99 -25.56 12.76
N ASN B 635 30.95 -25.15 12.05
CA ASN B 635 31.01 -25.37 10.63
C ASN B 635 31.74 -24.20 9.96
N GLU B 636 32.04 -24.38 8.69
CA GLU B 636 32.78 -23.38 7.93
C GLU B 636 32.16 -21.99 7.85
N PHE B 637 30.86 -21.91 7.67
CA PHE B 637 30.18 -20.63 7.57
C PHE B 637 30.22 -19.89 8.89
N PHE B 638 30.20 -20.63 10.00
CA PHE B 638 30.26 -19.98 11.28
C PHE B 638 31.64 -19.35 11.48
N LYS B 639 32.69 -20.04 11.03
CA LYS B 639 34.04 -19.50 11.18
C LYS B 639 34.27 -18.29 10.30
N ASN B 640 33.83 -18.37 9.05
CA ASN B 640 34.07 -17.31 8.10
C ASN B 640 33.14 -16.12 8.04
N VAL B 641 31.93 -16.27 8.55
CA VAL B 641 30.98 -15.18 8.46
C VAL B 641 30.29 -14.84 9.76
N VAL B 642 29.73 -15.86 10.41
CA VAL B 642 29.00 -15.59 11.64
C VAL B 642 29.85 -15.09 12.77
N LYS B 643 30.86 -15.85 13.17
CA LYS B 643 31.69 -15.41 14.28
C LYS B 643 32.27 -14.01 14.03
N PRO B 644 32.82 -13.78 12.83
CA PRO B 644 33.38 -12.44 12.61
C PRO B 644 32.29 -11.37 12.85
N ILE B 645 31.08 -11.60 12.33
CA ILE B 645 30.01 -10.66 12.52
C ILE B 645 29.69 -10.52 14.01
N LEU B 646 29.56 -11.65 14.71
CA LEU B 646 29.24 -11.64 16.14
C LEU B 646 30.29 -10.96 17.03
N THR B 647 31.56 -11.04 16.63
CA THR B 647 32.62 -10.41 17.41
C THR B 647 32.85 -8.99 16.93
N GLN B 648 31.80 -8.40 16.34
CA GLN B 648 31.82 -7.01 15.84
C GLN B 648 32.84 -6.67 14.76
N GLN B 649 33.09 -7.60 13.85
CA GLN B 649 34.05 -7.38 12.77
C GLN B 649 33.35 -7.47 11.42
N GLY B 650 32.02 -7.46 11.45
CA GLY B 650 31.25 -7.56 10.23
C GLY B 650 31.67 -6.57 9.16
N ASP B 651 31.99 -5.36 9.58
CA ASP B 651 32.41 -4.31 8.67
C ASP B 651 33.65 -4.66 7.86
N LYS B 652 34.38 -5.69 8.29
CA LYS B 652 35.58 -6.10 7.56
C LYS B 652 35.27 -7.13 6.50
N LEU B 653 34.09 -7.75 6.57
CA LEU B 653 33.71 -8.75 5.59
C LEU B 653 33.46 -8.05 4.27
N PRO B 654 34.13 -8.51 3.20
CA PRO B 654 33.98 -7.93 1.86
C PRO B 654 32.69 -8.36 1.19
N VAL B 655 32.36 -7.71 0.08
CA VAL B 655 31.13 -8.02 -0.64
C VAL B 655 31.03 -9.50 -0.99
N SER B 656 32.15 -10.07 -1.43
CA SER B 656 32.21 -11.48 -1.82
C SER B 656 31.79 -12.46 -0.72
N ALA B 657 31.70 -11.99 0.52
CA ALA B 657 31.34 -12.87 1.63
C ALA B 657 29.84 -13.17 1.70
N PHE B 658 29.05 -12.43 0.93
CA PHE B 658 27.58 -12.59 0.95
C PHE B 658 26.94 -13.06 -0.34
N GLU B 659 25.78 -13.67 -0.20
CA GLU B 659 25.02 -14.16 -1.34
C GLU B 659 24.38 -12.92 -1.96
N ALA B 660 24.37 -12.86 -3.28
CA ALA B 660 23.80 -11.71 -3.98
C ALA B 660 22.30 -11.52 -3.68
N ASP B 661 21.59 -12.60 -3.38
CA ASP B 661 20.17 -12.46 -3.07
C ASP B 661 19.89 -12.33 -1.59
N GLY B 662 20.97 -12.21 -0.80
CA GLY B 662 20.85 -12.05 0.64
C GLY B 662 20.53 -13.28 1.48
N ARG B 663 20.44 -14.44 0.85
CA ARG B 663 20.11 -15.61 1.65
C ARG B 663 21.17 -15.95 2.68
N PHE B 664 20.74 -16.65 3.73
CA PHE B 664 21.63 -17.09 4.77
C PHE B 664 21.29 -18.53 4.97
N PRO B 665 22.24 -19.33 5.48
CA PRO B 665 21.94 -20.74 5.70
C PRO B 665 21.29 -20.94 7.06
N LEU B 666 20.64 -22.08 7.24
CA LEU B 666 20.00 -22.40 8.51
C LEU B 666 20.97 -22.89 9.56
N GLY B 667 20.51 -22.83 10.81
CA GLY B 667 21.27 -23.34 11.93
C GLY B 667 22.52 -22.65 12.42
N THR B 668 22.75 -21.39 12.04
CA THR B 668 23.96 -20.74 12.54
C THR B 668 23.87 -20.46 14.06
N SER B 669 22.67 -20.53 14.63
CA SER B 669 22.51 -20.28 16.08
C SER B 669 23.05 -21.44 16.91
N GLN B 670 23.17 -22.61 16.30
CA GLN B 670 23.69 -23.79 16.97
C GLN B 670 25.05 -23.59 17.65
N PHE B 671 25.87 -22.69 17.12
CA PHE B 671 27.20 -22.47 17.65
C PHE B 671 27.40 -21.24 18.53
N GLU B 672 26.36 -20.46 18.75
CA GLU B 672 26.50 -19.23 19.54
C GLU B 672 26.77 -19.47 21.02
N LYS B 673 26.11 -20.48 21.61
CA LYS B 673 26.30 -20.84 23.02
C LYS B 673 26.70 -19.62 23.88
N ARG B 674 25.87 -18.58 23.90
CA ARG B 674 26.18 -17.35 24.64
C ARG B 674 26.37 -17.46 26.16
N GLY B 675 25.68 -18.39 26.79
CA GLY B 675 25.79 -18.55 28.23
C GLY B 675 25.55 -17.27 29.01
N VAL B 676 24.44 -16.58 28.74
CA VAL B 676 24.16 -15.33 29.45
C VAL B 676 23.07 -15.44 30.51
N ALA B 677 22.60 -16.65 30.78
CA ALA B 677 21.57 -16.81 31.80
C ALA B 677 22.25 -16.59 33.14
N ILE B 678 21.57 -15.99 34.10
CA ILE B 678 22.16 -15.80 35.44
C ILE B 678 21.95 -17.11 36.22
N ASN B 679 20.74 -17.64 36.15
CA ASN B 679 20.43 -18.90 36.80
C ASN B 679 19.86 -19.82 35.73
N VAL B 680 20.10 -21.12 35.89
CA VAL B 680 19.62 -22.12 34.95
C VAL B 680 19.04 -23.28 35.75
N PRO B 681 18.12 -24.05 35.13
CA PRO B 681 17.52 -25.19 35.83
C PRO B 681 18.50 -26.31 36.05
N GLN B 682 18.35 -27.00 37.17
CA GLN B 682 19.18 -28.15 37.47
C GLN B 682 18.20 -29.28 37.64
N TRP B 683 18.45 -30.37 36.93
CA TRP B 683 17.57 -31.53 36.99
C TRP B 683 17.83 -32.31 38.28
N VAL B 684 16.75 -32.80 38.88
CA VAL B 684 16.80 -33.60 40.09
C VAL B 684 15.99 -34.81 39.70
N PRO B 685 16.63 -35.83 39.10
CA PRO B 685 15.96 -37.06 38.65
C PRO B 685 15.10 -37.88 39.60
N GLU B 686 15.34 -37.82 40.91
CA GLU B 686 14.54 -38.61 41.84
C GLU B 686 13.09 -38.15 41.88
N ASN B 687 12.85 -36.91 41.45
CA ASN B 687 11.50 -36.34 41.48
C ASN B 687 10.81 -36.28 40.13
N CYS B 688 11.56 -36.55 39.07
CA CYS B 688 11.05 -36.48 37.71
C CYS B 688 10.08 -37.57 37.29
N ILE B 689 8.89 -37.16 36.86
CA ILE B 689 7.91 -38.12 36.41
C ILE B 689 8.00 -38.35 34.90
N GLN B 690 9.09 -37.89 34.30
CA GLN B 690 9.30 -38.06 32.85
C GLN B 690 8.15 -37.60 31.98
N CYS B 691 7.65 -36.40 32.21
CA CYS B 691 6.52 -35.93 31.41
C CYS B 691 6.86 -35.11 30.16
N ASN B 692 8.10 -34.65 30.06
CA ASN B 692 8.57 -33.83 28.95
C ASN B 692 7.98 -32.44 28.84
N GLN B 693 7.19 -32.03 29.84
CA GLN B 693 6.58 -30.71 29.82
C GLN B 693 7.60 -29.58 29.88
N CYS B 694 8.73 -29.81 30.54
CA CYS B 694 9.74 -28.77 30.62
C CYS B 694 10.30 -28.45 29.24
N ALA B 695 10.60 -29.46 28.45
CA ALA B 695 11.15 -29.23 27.11
C ALA B 695 10.12 -28.58 26.20
N PHE B 696 8.85 -28.92 26.44
CA PHE B 696 7.74 -28.42 25.66
C PHE B 696 7.60 -26.90 25.75
N VAL B 697 7.76 -26.35 26.95
CA VAL B 697 7.59 -24.93 27.17
C VAL B 697 8.80 -24.02 26.98
N CYS B 698 9.99 -24.59 26.77
CA CYS B 698 11.19 -23.76 26.66
C CYS B 698 11.16 -22.82 25.48
N PRO B 699 11.33 -21.50 25.73
CA PRO B 699 11.32 -20.49 24.66
C PRO B 699 12.60 -20.48 23.82
N HIS B 700 13.57 -21.31 24.20
CA HIS B 700 14.83 -21.38 23.47
C HIS B 700 15.37 -22.79 23.18
N SER B 701 14.58 -23.82 23.47
CA SER B 701 15.00 -25.20 23.20
C SER B 701 16.22 -25.60 24.01
N ALA B 702 16.35 -25.06 25.23
CA ALA B 702 17.51 -25.36 26.06
C ALA B 702 17.36 -26.63 26.91
N ILE B 703 16.28 -27.37 26.69
CA ILE B 703 16.07 -28.60 27.42
C ILE B 703 15.97 -29.70 26.40
N LEU B 704 16.80 -30.74 26.55
CA LEU B 704 16.81 -31.86 25.63
C LEU B 704 16.42 -33.19 26.29
N PRO B 705 15.20 -33.68 26.01
CA PRO B 705 14.86 -34.95 26.63
C PRO B 705 15.76 -35.95 25.93
N VAL B 706 16.33 -36.88 26.67
CA VAL B 706 17.19 -37.89 26.07
C VAL B 706 16.56 -39.25 26.34
N LEU B 707 16.34 -40.01 25.27
CA LEU B 707 15.78 -41.34 25.42
C LEU B 707 16.81 -42.20 24.72
N ALA B 708 17.60 -42.93 25.51
CA ALA B 708 18.64 -43.77 24.92
C ALA B 708 18.56 -45.22 25.37
N LYS B 709 19.18 -46.10 24.58
CA LYS B 709 19.21 -47.51 24.90
C LYS B 709 20.41 -47.64 25.82
N GLU B 710 20.40 -48.60 26.74
CA GLU B 710 21.53 -48.76 27.64
C GLU B 710 22.80 -48.81 26.81
N GLU B 711 22.69 -49.37 25.62
CA GLU B 711 23.80 -49.51 24.69
C GLU B 711 24.41 -48.16 24.31
N GLU B 712 23.56 -47.13 24.22
CA GLU B 712 24.01 -45.79 23.84
C GLU B 712 24.66 -45.00 24.97
N LEU B 713 24.44 -45.42 26.21
CA LEU B 713 24.98 -44.73 27.37
C LEU B 713 26.36 -45.20 27.79
N VAL B 714 27.05 -45.94 26.92
CA VAL B 714 28.38 -46.46 27.27
C VAL B 714 29.43 -45.42 27.61
N GLY B 715 29.81 -44.59 26.65
CA GLY B 715 30.82 -43.57 26.93
C GLY B 715 30.27 -42.39 27.70
N ALA B 716 29.03 -42.50 28.15
CA ALA B 716 28.38 -41.41 28.88
C ALA B 716 29.21 -40.92 30.08
N PRO B 717 29.39 -39.59 30.20
CA PRO B 717 30.15 -39.06 31.33
C PRO B 717 29.58 -39.65 32.63
N ALA B 718 30.42 -39.76 33.65
CA ALA B 718 30.02 -40.34 34.94
C ALA B 718 28.75 -39.76 35.55
N ASN B 719 28.59 -38.45 35.46
CA ASN B 719 27.41 -37.78 36.02
C ASN B 719 26.21 -37.72 35.07
N PHE B 720 26.23 -38.51 34.01
CA PHE B 720 25.13 -38.53 33.05
C PHE B 720 23.96 -39.35 33.58
N THR B 721 23.45 -38.97 34.74
CA THR B 721 22.36 -39.70 35.37
C THR B 721 21.12 -39.87 34.52
N ALA B 722 20.67 -41.12 34.42
CA ALA B 722 19.48 -41.47 33.66
C ALA B 722 18.57 -42.35 34.50
N LEU B 723 17.27 -42.25 34.26
CA LEU B 723 16.27 -43.05 34.96
C LEU B 723 15.81 -44.16 34.02
N GLU B 724 15.02 -45.09 34.55
CA GLU B 724 14.47 -46.16 33.73
C GLU B 724 13.26 -45.49 33.10
N ALA B 725 13.17 -45.54 31.78
CA ALA B 725 12.05 -44.90 31.09
C ALA B 725 10.70 -45.45 31.53
N LYS B 726 9.83 -44.57 32.01
CA LYS B 726 8.50 -44.97 32.44
C LYS B 726 7.66 -45.15 31.18
N GLY B 727 6.62 -45.97 31.24
CA GLY B 727 5.77 -46.17 30.08
C GLY B 727 6.00 -47.51 29.40
N LYS B 728 4.91 -48.17 29.02
CA LYS B 728 4.99 -49.48 28.36
C LYS B 728 5.72 -49.46 27.02
N GLU B 729 5.49 -48.44 26.21
CA GLU B 729 6.13 -48.36 24.90
C GLU B 729 7.61 -48.00 24.98
N LEU B 730 8.06 -47.59 26.17
CA LEU B 730 9.45 -47.19 26.37
C LEU B 730 10.24 -48.15 27.25
N LYS B 731 9.58 -49.24 27.66
CA LYS B 731 10.15 -50.27 28.51
C LYS B 731 11.65 -50.24 28.75
N GLY B 732 12.42 -50.80 27.83
CA GLY B 732 13.86 -50.86 28.02
C GLY B 732 14.72 -49.62 27.88
N TYR B 733 14.12 -48.45 27.73
CA TYR B 733 14.92 -47.24 27.55
C TYR B 733 15.37 -46.54 28.84
N LYS B 734 16.36 -45.66 28.68
CA LYS B 734 16.88 -44.84 29.78
C LYS B 734 16.48 -43.40 29.49
N PHE B 735 15.85 -42.74 30.45
CA PHE B 735 15.38 -41.37 30.30
C PHE B 735 16.20 -40.33 31.06
N ARG B 736 16.47 -39.21 30.41
CA ARG B 736 17.24 -38.13 31.03
C ARG B 736 16.84 -36.76 30.47
N ILE B 737 16.62 -35.81 31.38
CA ILE B 737 16.32 -34.44 30.97
C ILE B 737 17.69 -33.74 31.00
N GLN B 738 18.19 -33.38 29.83
CA GLN B 738 19.50 -32.72 29.76
C GLN B 738 19.32 -31.21 29.59
N ILE B 739 19.91 -30.44 30.50
CA ILE B 739 19.80 -29.00 30.44
C ILE B 739 20.95 -28.46 29.59
N ASN B 740 20.62 -27.57 28.65
CA ASN B 740 21.62 -26.94 27.77
C ASN B 740 21.84 -25.61 28.49
N THR B 741 22.84 -25.57 29.37
CA THR B 741 23.08 -24.38 30.16
C THR B 741 23.66 -23.16 29.44
N LEU B 742 24.28 -23.36 28.28
CA LEU B 742 24.82 -22.20 27.57
C LEU B 742 23.75 -21.51 26.72
N ASP B 743 22.76 -22.27 26.26
CA ASP B 743 21.70 -21.69 25.45
C ASP B 743 20.50 -21.24 26.26
N CYS B 744 20.44 -21.71 27.51
CA CYS B 744 19.36 -21.37 28.41
C CYS B 744 19.36 -19.85 28.64
N MET B 745 18.18 -19.26 28.75
CA MET B 745 18.09 -17.82 28.97
C MET B 745 17.76 -17.44 30.40
N GLY B 746 17.59 -18.44 31.26
CA GLY B 746 17.31 -18.21 32.67
C GLY B 746 15.93 -17.69 33.05
N CYS B 747 14.94 -17.91 32.19
CA CYS B 747 13.61 -17.41 32.47
C CYS B 747 12.94 -18.11 33.65
N GLY B 748 13.09 -19.43 33.72
CA GLY B 748 12.50 -20.19 34.81
C GLY B 748 11.15 -20.86 34.53
N ASN B 749 10.62 -20.75 33.29
CA ASN B 749 9.32 -21.37 32.98
C ASN B 749 9.30 -22.88 33.25
N CYS B 750 10.33 -23.59 32.79
CA CYS B 750 10.41 -25.04 32.98
C CYS B 750 10.26 -25.45 34.45
N ALA B 751 11.09 -24.90 35.32
CA ALA B 751 11.04 -25.23 36.76
C ALA B 751 9.72 -24.80 37.36
N ASP B 752 9.16 -23.71 36.86
CA ASP B 752 7.90 -23.20 37.39
C ASP B 752 6.71 -24.11 37.07
N ILE B 753 6.84 -24.86 35.98
CA ILE B 753 5.80 -25.73 35.47
C ILE B 753 5.98 -27.22 35.82
N CYS B 754 7.19 -27.61 36.21
CA CYS B 754 7.49 -28.98 36.58
C CYS B 754 6.39 -29.39 37.56
N PRO B 755 5.61 -30.42 37.19
CA PRO B 755 4.48 -30.97 37.95
C PRO B 755 4.63 -31.32 39.44
N PRO B 756 5.61 -32.17 39.82
CA PRO B 756 5.82 -32.57 41.22
C PRO B 756 6.10 -31.46 42.25
N LYS B 757 5.51 -31.58 43.44
CA LYS B 757 5.71 -30.61 44.52
C LYS B 757 7.19 -30.54 44.84
N GLU B 758 7.83 -31.72 44.98
CA GLU B 758 9.27 -31.76 45.20
C GLU B 758 9.73 -31.67 43.76
N LYS B 759 10.07 -30.46 43.33
CA LYS B 759 10.47 -30.19 41.96
C LYS B 759 11.63 -31.02 41.43
N ALA B 760 11.58 -31.29 40.12
CA ALA B 760 12.61 -32.05 39.43
C ALA B 760 13.52 -31.07 38.70
N LEU B 761 13.17 -29.78 38.82
CA LEU B 761 13.91 -28.68 38.21
C LEU B 761 14.00 -27.55 39.22
N VAL B 762 15.22 -27.13 39.54
CA VAL B 762 15.43 -26.05 40.48
C VAL B 762 16.44 -25.14 39.83
N MET B 763 16.20 -23.84 39.90
CA MET B 763 17.10 -22.83 39.31
C MET B 763 18.34 -22.69 40.17
N GLN B 764 19.51 -22.67 39.53
CA GLN B 764 20.79 -22.56 40.22
C GLN B 764 21.72 -21.64 39.45
N PRO B 765 22.66 -20.99 40.14
CA PRO B 765 23.58 -20.11 39.40
C PRO B 765 24.24 -20.86 38.23
N LEU B 766 24.38 -20.17 37.08
CA LEU B 766 24.99 -20.78 35.90
C LEU B 766 26.35 -21.40 36.18
N ASP B 767 27.24 -20.67 36.85
CA ASP B 767 28.56 -21.23 37.10
C ASP B 767 28.50 -22.51 37.95
N THR B 768 27.41 -22.75 38.65
CA THR B 768 27.34 -23.97 39.45
C THR B 768 26.92 -25.17 38.59
N GLN B 769 26.48 -24.94 37.36
CA GLN B 769 26.02 -26.02 36.50
C GLN B 769 26.82 -26.31 35.24
N ARG B 770 27.48 -25.29 34.71
CA ARG B 770 28.20 -25.44 33.46
C ARG B 770 29.32 -26.47 33.33
N ASP B 771 30.20 -26.54 34.33
CA ASP B 771 31.29 -27.48 34.25
C ASP B 771 30.79 -28.89 34.05
N ALA B 772 29.72 -29.23 34.75
CA ALA B 772 29.18 -30.56 34.62
C ALA B 772 28.34 -30.72 33.36
N GLN B 773 27.36 -29.85 33.22
CA GLN B 773 26.42 -29.92 32.12
C GLN B 773 26.87 -29.57 30.70
N VAL B 774 27.91 -28.77 30.51
CA VAL B 774 28.30 -28.46 29.15
C VAL B 774 28.72 -29.75 28.45
N PRO B 775 29.62 -30.53 29.06
CA PRO B 775 30.00 -31.77 28.38
C PRO B 775 28.86 -32.78 28.26
N ASN B 776 27.95 -32.76 29.21
CA ASN B 776 26.80 -33.65 29.17
C ASN B 776 25.85 -33.30 28.03
N LEU B 777 25.75 -32.01 27.72
CA LEU B 777 24.88 -31.54 26.65
C LEU B 777 25.51 -32.00 25.34
N GLU B 778 26.82 -31.83 25.21
CA GLU B 778 27.57 -32.23 24.03
C GLU B 778 27.24 -33.68 23.73
N TYR B 779 27.56 -34.54 24.69
CA TYR B 779 27.31 -35.97 24.59
C TYR B 779 25.87 -36.25 24.20
N ALA B 780 24.95 -35.78 25.02
CA ALA B 780 23.53 -35.97 24.79
C ALA B 780 23.12 -35.50 23.41
N ALA B 781 23.83 -34.53 22.86
CA ALA B 781 23.47 -34.00 21.56
C ALA B 781 23.72 -34.98 20.42
N ARG B 782 24.60 -35.95 20.67
CA ARG B 782 24.94 -36.92 19.66
C ARG B 782 24.09 -38.21 19.76
N ILE B 783 23.21 -38.29 20.76
CA ILE B 783 22.37 -39.46 20.89
C ILE B 783 21.18 -39.31 19.96
N PRO B 784 20.87 -40.35 19.16
CA PRO B 784 19.74 -40.33 18.22
C PRO B 784 18.42 -39.91 18.86
N VAL B 785 17.77 -38.91 18.27
CA VAL B 785 16.49 -38.46 18.77
C VAL B 785 15.54 -39.62 18.42
N LYS B 786 14.85 -40.17 19.41
CA LYS B 786 13.96 -41.29 19.16
C LYS B 786 12.61 -40.81 18.68
N SER B 787 12.58 -40.39 17.43
CA SER B 787 11.37 -39.86 16.83
C SER B 787 10.30 -40.88 16.47
N GLU B 788 10.64 -42.17 16.52
CA GLU B 788 9.69 -43.20 16.12
C GLU B 788 8.95 -43.92 17.23
N VAL B 789 9.33 -43.69 18.47
CA VAL B 789 8.72 -44.40 19.58
C VAL B 789 7.29 -44.01 19.97
N LEU B 790 7.01 -42.73 20.12
CA LEU B 790 5.67 -42.30 20.49
C LEU B 790 5.07 -41.47 19.36
N PRO B 791 3.75 -41.24 19.39
CA PRO B 791 3.14 -40.44 18.33
C PRO B 791 3.78 -39.06 18.30
N ARG B 792 4.09 -38.60 17.11
CA ARG B 792 4.70 -37.29 16.93
C ARG B 792 3.85 -36.15 17.54
N ASP B 793 2.53 -36.24 17.42
CA ASP B 793 1.68 -35.18 17.95
C ASP B 793 1.23 -35.36 19.38
N SER B 794 1.84 -36.31 20.09
CA SER B 794 1.49 -36.52 21.50
C SER B 794 2.37 -35.57 22.31
N LEU B 795 1.92 -35.23 23.51
CA LEU B 795 2.66 -34.32 24.37
C LEU B 795 4.10 -34.76 24.57
N LYS B 796 4.24 -35.96 25.12
CA LYS B 796 5.54 -36.54 25.41
C LYS B 796 6.29 -36.88 24.12
N GLY B 797 5.56 -37.43 23.15
CA GLY B 797 6.16 -37.80 21.89
C GLY B 797 6.74 -36.62 21.12
N SER B 798 6.04 -35.49 21.14
CA SER B 798 6.49 -34.28 20.45
C SER B 798 7.89 -33.88 20.88
N GLN B 799 8.21 -34.09 22.15
CA GLN B 799 9.52 -33.73 22.66
C GLN B 799 10.61 -34.75 22.33
N PHE B 800 10.24 -35.82 21.63
CA PHE B 800 11.19 -36.82 21.18
C PHE B 800 11.40 -36.56 19.68
N GLN B 801 10.93 -35.38 19.24
CA GLN B 801 11.08 -34.94 17.86
C GLN B 801 12.20 -33.92 17.85
N GLU B 802 12.82 -33.75 16.70
CA GLU B 802 13.88 -32.77 16.54
C GLU B 802 13.23 -31.38 16.45
N PRO B 803 13.59 -30.47 17.36
CA PRO B 803 12.98 -29.13 17.27
C PRO B 803 13.80 -28.44 16.17
N LEU B 804 13.15 -27.73 15.26
CA LEU B 804 13.86 -27.10 14.17
C LEU B 804 13.96 -25.56 14.22
N MET B 805 13.87 -25.03 15.43
CA MET B 805 14.00 -23.60 15.67
C MET B 805 14.56 -23.58 17.08
N GLU B 806 15.79 -23.14 17.21
CA GLU B 806 16.41 -23.16 18.53
C GLU B 806 17.36 -22.02 18.78
N PHE B 807 17.49 -21.67 20.06
CA PHE B 807 18.43 -20.64 20.45
C PHE B 807 18.25 -19.33 19.71
N SER B 808 17.01 -18.87 19.52
CA SER B 808 16.80 -17.60 18.84
C SER B 808 17.19 -16.44 19.74
N GLY B 809 17.10 -15.22 19.21
CA GLY B 809 17.43 -14.04 19.99
C GLY B 809 16.23 -13.44 20.68
N ALA B 810 15.15 -14.22 20.83
CA ALA B 810 13.96 -13.74 21.52
C ALA B 810 14.31 -13.49 23.00
N CYS B 811 13.51 -12.67 23.68
CA CYS B 811 13.76 -12.38 25.08
C CYS B 811 13.68 -13.65 25.93
N SER B 812 14.36 -13.63 27.06
CA SER B 812 14.32 -14.76 27.97
C SER B 812 12.83 -14.88 28.37
N GLY B 813 12.26 -16.07 28.21
CA GLY B 813 10.86 -16.30 28.56
C GLY B 813 9.84 -15.91 27.50
N CYS B 814 10.29 -15.54 26.32
CA CYS B 814 9.39 -15.12 25.24
C CYS B 814 8.16 -16.03 25.12
N GLY B 815 6.99 -15.41 24.97
CA GLY B 815 5.78 -16.19 24.84
C GLY B 815 5.53 -16.67 23.42
N GLU B 816 6.31 -16.18 22.47
CA GLU B 816 6.13 -16.58 21.07
C GLU B 816 6.83 -17.87 20.65
N THR B 817 8.11 -18.00 21.00
CA THR B 817 8.91 -19.15 20.59
C THR B 817 8.55 -20.58 21.04
N PRO B 818 7.90 -20.75 22.20
CA PRO B 818 7.58 -22.13 22.57
C PRO B 818 6.63 -22.73 21.52
N TYR B 819 5.68 -21.92 21.08
CA TYR B 819 4.71 -22.36 20.07
C TYR B 819 5.37 -22.74 18.75
N VAL B 820 6.27 -21.89 18.29
CA VAL B 820 6.92 -22.12 17.01
C VAL B 820 7.78 -23.36 17.06
N ARG B 821 8.46 -23.55 18.18
CA ARG B 821 9.32 -24.71 18.32
C ARG B 821 8.54 -26.00 18.15
N VAL B 822 7.43 -26.16 18.86
CA VAL B 822 6.71 -27.42 18.69
C VAL B 822 6.11 -27.54 17.32
N ILE B 823 5.72 -26.42 16.71
CA ILE B 823 5.15 -26.52 15.39
C ILE B 823 6.18 -27.20 14.48
N THR B 824 7.46 -26.84 14.60
CA THR B 824 8.48 -27.47 13.76
C THR B 824 8.67 -28.95 14.17
N GLN B 825 8.31 -29.28 15.41
CA GLN B 825 8.45 -30.67 15.81
C GLN B 825 7.42 -31.54 15.12
N LEU B 826 6.32 -30.96 14.69
CA LEU B 826 5.27 -31.71 13.99
C LEU B 826 5.33 -31.59 12.45
N PHE B 827 5.77 -30.44 11.94
CA PHE B 827 5.80 -30.24 10.49
C PHE B 827 7.07 -29.71 9.88
N GLY B 828 8.03 -29.35 10.73
CA GLY B 828 9.28 -28.78 10.28
C GLY B 828 9.90 -29.23 8.97
N GLU B 829 10.17 -30.53 8.85
CA GLU B 829 10.80 -31.07 7.64
C GLU B 829 10.06 -30.80 6.34
N ARG B 830 8.81 -30.41 6.38
CA ARG B 830 8.10 -30.18 5.13
C ARG B 830 7.34 -28.86 5.09
N MET B 831 7.82 -27.88 5.84
CA MET B 831 7.10 -26.63 5.84
C MET B 831 7.77 -25.42 5.21
N PHE B 832 6.93 -24.55 4.66
CA PHE B 832 7.35 -23.26 4.10
C PHE B 832 6.84 -22.30 5.15
N ILE B 833 7.54 -21.20 5.39
CA ILE B 833 7.05 -20.24 6.35
C ILE B 833 7.17 -18.86 5.77
N ALA B 834 6.02 -18.21 5.63
CA ALA B 834 5.94 -16.83 5.16
C ALA B 834 5.76 -16.05 6.47
N ASN B 835 6.83 -15.38 6.89
CA ASN B 835 6.84 -14.64 8.12
C ASN B 835 6.64 -13.13 8.04
N ALA B 836 5.59 -12.64 8.70
CA ALA B 836 5.33 -11.22 8.71
C ALA B 836 6.44 -10.59 9.51
N THR B 837 6.82 -9.39 9.11
CA THR B 837 7.84 -8.68 9.86
C THR B 837 7.32 -8.48 11.28
N GLY B 838 8.21 -8.58 12.26
CA GLY B 838 7.81 -8.39 13.62
C GLY B 838 8.78 -9.15 14.49
N CYS B 839 8.53 -9.22 15.79
CA CYS B 839 9.44 -9.98 16.65
C CYS B 839 9.80 -11.32 16.07
N SER B 840 8.80 -12.01 15.49
CA SER B 840 9.07 -13.33 14.94
C SER B 840 10.04 -13.31 13.74
N SER B 841 10.14 -12.18 13.05
CA SER B 841 11.09 -12.08 11.92
C SER B 841 12.42 -11.65 12.49
N ILE B 842 12.37 -10.88 13.58
CA ILE B 842 13.58 -10.40 14.24
C ILE B 842 14.27 -11.50 15.03
N TRP B 843 13.58 -12.26 15.88
CA TRP B 843 14.30 -13.34 16.55
C TRP B 843 14.48 -14.47 15.54
N GLY B 844 13.63 -14.49 14.53
CA GLY B 844 13.72 -15.55 13.53
C GLY B 844 14.81 -15.40 12.49
N ALA B 845 15.24 -14.18 12.18
CA ALA B 845 16.27 -14.00 11.16
C ALA B 845 17.10 -12.70 11.16
N SER B 846 17.64 -12.34 12.32
CA SER B 846 18.48 -11.15 12.42
C SER B 846 19.87 -11.68 12.09
N ALA B 847 20.41 -11.27 10.94
CA ALA B 847 21.73 -11.71 10.54
C ALA B 847 22.67 -11.43 11.72
N PRO B 848 23.63 -12.32 11.99
CA PRO B 848 23.94 -13.58 11.30
C PRO B 848 23.40 -14.81 12.03
N SER B 849 22.54 -14.56 13.01
CA SER B 849 21.99 -15.65 13.83
C SER B 849 20.68 -16.25 13.26
N MET B 850 20.77 -17.49 12.78
CA MET B 850 19.61 -18.16 12.19
C MET B 850 19.20 -19.30 13.12
N PRO B 851 18.09 -19.14 13.87
CA PRO B 851 17.61 -20.16 14.79
C PRO B 851 16.97 -21.38 14.14
N TYR B 852 16.33 -21.20 13.00
CA TYR B 852 15.71 -22.32 12.30
C TYR B 852 16.83 -23.21 11.77
N LYS B 853 16.62 -24.51 11.82
CA LYS B 853 17.65 -25.43 11.38
C LYS B 853 17.05 -26.59 10.61
N THR B 854 17.94 -27.44 10.10
CA THR B 854 17.52 -28.62 9.36
C THR B 854 17.63 -29.81 10.32
N ASN B 855 16.94 -30.89 10.00
CA ASN B 855 17.02 -32.09 10.81
C ASN B 855 18.26 -32.86 10.33
N ARG B 856 18.48 -34.07 10.87
CA ARG B 856 19.63 -34.87 10.48
C ARG B 856 19.64 -35.25 9.00
N LEU B 857 18.49 -35.09 8.34
CA LEU B 857 18.38 -35.41 6.92
C LEU B 857 18.50 -34.16 6.03
N GLY B 858 18.81 -33.01 6.62
CA GLY B 858 18.97 -31.81 5.82
C GLY B 858 17.68 -31.11 5.45
N GLN B 859 16.57 -31.53 6.05
CA GLN B 859 15.28 -30.91 5.78
C GLN B 859 14.98 -29.96 6.92
N GLY B 860 14.21 -28.92 6.63
CA GLY B 860 13.85 -27.96 7.66
C GLY B 860 12.98 -26.87 7.05
N PRO B 861 12.45 -25.95 7.85
CA PRO B 861 11.59 -24.86 7.37
C PRO B 861 12.18 -23.94 6.31
N ALA B 862 11.48 -23.80 5.19
CA ALA B 862 11.89 -22.91 4.09
C ALA B 862 11.31 -21.57 4.57
N TRP B 863 12.17 -20.77 5.18
CA TRP B 863 11.79 -19.50 5.80
C TRP B 863 12.05 -18.23 5.01
N GLY B 864 11.08 -17.33 5.03
CA GLY B 864 11.23 -16.08 4.34
C GLY B 864 10.42 -14.95 4.95
N ASN B 865 10.98 -13.76 4.95
CA ASN B 865 10.27 -12.59 5.42
C ASN B 865 10.15 -11.69 4.19
N SER B 866 8.94 -11.36 3.78
CA SER B 866 8.78 -10.49 2.64
C SER B 866 8.71 -9.09 3.24
N LEU B 867 7.51 -8.69 3.63
CA LEU B 867 7.29 -7.41 4.24
C LEU B 867 6.42 -7.59 5.48
N PHE B 868 6.01 -6.48 6.06
CA PHE B 868 5.17 -6.52 7.24
C PHE B 868 3.71 -6.71 6.85
N GLU B 869 3.30 -6.02 5.79
CA GLU B 869 1.92 -6.01 5.32
C GLU B 869 1.41 -7.13 4.41
N ASP B 870 2.32 -7.94 3.88
CA ASP B 870 1.94 -8.99 2.91
C ASP B 870 2.21 -10.44 3.28
N ALA B 871 2.45 -10.76 4.54
CA ALA B 871 2.77 -12.14 4.89
C ALA B 871 1.82 -13.19 4.33
N ALA B 872 0.53 -12.92 4.40
CA ALA B 872 -0.44 -13.88 3.91
C ALA B 872 -0.34 -14.07 2.40
N GLU B 873 -0.31 -12.96 1.65
CA GLU B 873 -0.24 -13.07 0.20
C GLU B 873 1.05 -13.75 -0.21
N TYR B 874 2.09 -13.52 0.57
CA TYR B 874 3.39 -14.09 0.30
C TYR B 874 3.27 -15.60 0.45
N GLY B 875 2.64 -16.03 1.54
CA GLY B 875 2.47 -17.46 1.76
C GLY B 875 1.54 -18.00 0.68
N PHE B 876 0.51 -17.23 0.37
CA PHE B 876 -0.42 -17.63 -0.68
C PHE B 876 0.35 -17.87 -1.99
N GLY B 877 1.34 -17.02 -2.27
CA GLY B 877 2.12 -17.17 -3.49
C GLY B 877 2.94 -18.44 -3.51
N MET B 878 3.43 -18.83 -2.35
CA MET B 878 4.21 -20.05 -2.26
C MET B 878 3.28 -21.20 -2.59
N ASN B 879 2.05 -21.12 -2.11
CA ASN B 879 1.09 -22.18 -2.33
C ASN B 879 0.75 -22.30 -3.81
N MET B 880 0.53 -21.17 -4.47
CA MET B 880 0.23 -21.17 -5.89
C MET B 880 1.37 -21.80 -6.70
N SER B 881 2.61 -21.59 -6.27
CA SER B 881 3.73 -22.14 -7.00
C SER B 881 3.72 -23.66 -6.87
N MET B 882 3.58 -24.13 -5.63
CA MET B 882 3.53 -25.57 -5.39
C MET B 882 2.37 -26.20 -6.19
N PHE B 883 1.20 -25.58 -6.16
CA PHE B 883 0.09 -26.14 -6.93
C PHE B 883 0.48 -26.20 -8.40
N ALA B 884 0.92 -25.08 -8.95
CA ALA B 884 1.31 -25.03 -10.34
C ALA B 884 2.38 -26.08 -10.67
N ARG B 885 3.48 -26.07 -9.92
CA ARG B 885 4.58 -27.00 -10.19
C ARG B 885 4.28 -28.48 -9.92
N ARG B 886 3.50 -28.76 -8.89
CA ARG B 886 3.15 -30.15 -8.60
C ARG B 886 2.11 -30.62 -9.61
N THR B 887 1.33 -29.69 -10.15
CA THR B 887 0.36 -30.10 -11.16
C THR B 887 1.15 -30.48 -12.40
N HIS B 888 2.25 -29.77 -12.64
CA HIS B 888 3.10 -30.07 -13.78
C HIS B 888 3.70 -31.47 -13.56
N LEU B 889 4.17 -31.73 -12.34
CA LEU B 889 4.73 -33.04 -12.04
C LEU B 889 3.68 -34.16 -12.21
N ALA B 890 2.45 -33.91 -11.77
CA ALA B 890 1.42 -34.93 -11.88
C ALA B 890 1.05 -35.19 -13.34
N ASP B 891 1.15 -34.18 -14.18
CA ASP B 891 0.85 -34.35 -15.60
C ASP B 891 1.94 -35.29 -16.17
N LEU B 892 3.19 -35.00 -15.84
CA LEU B 892 4.29 -35.80 -16.32
C LEU B 892 4.20 -37.23 -15.81
N ALA B 893 3.71 -37.41 -14.58
CA ALA B 893 3.61 -38.74 -14.02
C ALA B 893 2.59 -39.57 -14.79
N ALA B 894 1.53 -38.90 -15.22
CA ALA B 894 0.49 -39.58 -15.95
C ALA B 894 0.99 -39.98 -17.34
N LYS B 895 1.76 -39.10 -17.97
CA LYS B 895 2.31 -39.39 -19.29
C LYS B 895 3.21 -40.63 -19.15
N ALA B 896 4.03 -40.60 -18.10
CA ALA B 896 4.96 -41.69 -17.84
C ALA B 896 4.27 -43.05 -17.72
N LEU B 897 3.04 -43.05 -17.23
CA LEU B 897 2.30 -44.29 -17.09
C LEU B 897 2.01 -44.94 -18.44
N GLU B 898 2.04 -44.15 -19.51
CA GLU B 898 1.80 -44.66 -20.85
C GLU B 898 3.11 -44.78 -21.63
N SER B 899 4.18 -45.11 -20.93
CA SER B 899 5.50 -45.26 -21.53
C SER B 899 5.96 -46.69 -21.24
N ASP B 900 7.22 -47.00 -21.53
CA ASP B 900 7.75 -48.33 -21.27
C ASP B 900 8.50 -48.36 -19.94
N ALA B 901 8.21 -47.40 -19.07
CA ALA B 901 8.83 -47.35 -17.74
C ALA B 901 8.54 -48.70 -17.11
N SER B 902 9.39 -49.12 -16.16
CA SER B 902 9.19 -50.42 -15.52
C SER B 902 7.93 -50.49 -14.68
N GLY B 903 7.57 -51.71 -14.30
CA GLY B 903 6.39 -51.92 -13.48
C GLY B 903 6.55 -51.29 -12.12
N ASP B 904 7.77 -51.36 -11.58
CA ASP B 904 8.06 -50.77 -10.28
C ASP B 904 7.88 -49.26 -10.34
N VAL B 905 8.35 -48.66 -11.43
CA VAL B 905 8.24 -47.23 -11.61
C VAL B 905 6.80 -46.77 -11.80
N LYS B 906 6.01 -47.56 -12.51
CA LYS B 906 4.63 -47.18 -12.74
C LYS B 906 3.80 -47.30 -11.47
N GLU B 907 4.09 -48.34 -10.70
CA GLU B 907 3.38 -48.62 -9.46
C GLU B 907 3.61 -47.45 -8.51
N ALA B 908 4.85 -46.98 -8.47
CA ALA B 908 5.24 -45.87 -7.63
C ALA B 908 4.54 -44.59 -8.12
N LEU B 909 4.47 -44.41 -9.43
CA LEU B 909 3.82 -43.24 -10.01
C LEU B 909 2.31 -43.23 -9.78
N GLN B 910 1.67 -44.40 -9.81
CA GLN B 910 0.22 -44.43 -9.57
C GLN B 910 0.00 -44.16 -8.08
N GLY B 911 0.80 -44.80 -7.24
CA GLY B 911 0.69 -44.59 -5.81
C GLY B 911 0.90 -43.12 -5.47
N TRP B 912 1.95 -42.50 -6.03
CA TRP B 912 2.21 -41.09 -5.76
C TRP B 912 1.05 -40.25 -6.23
N LEU B 913 0.54 -40.57 -7.41
CA LEU B 913 -0.59 -39.83 -7.97
C LEU B 913 -1.86 -39.93 -7.13
N ALA B 914 -2.00 -41.04 -6.43
CA ALA B 914 -3.17 -41.25 -5.61
C ALA B 914 -2.97 -40.61 -4.23
N GLY B 915 -1.74 -40.59 -3.75
CA GLY B 915 -1.51 -40.01 -2.44
C GLY B 915 -0.73 -38.70 -2.47
N LYS B 916 -0.68 -38.06 -3.63
CA LYS B 916 0.10 -36.84 -3.77
C LYS B 916 -0.19 -35.73 -2.74
N ASN B 917 -1.44 -35.60 -2.30
CA ASN B 917 -1.76 -34.58 -1.31
C ASN B 917 -1.80 -35.11 0.10
N ASP B 918 -1.33 -36.34 0.28
CA ASP B 918 -1.25 -37.01 1.57
C ASP B 918 0.19 -36.97 2.06
N PRO B 919 0.47 -36.19 3.12
CA PRO B 919 1.84 -36.11 3.65
C PRO B 919 2.51 -37.49 3.78
N ILE B 920 1.75 -38.48 4.24
CA ILE B 920 2.27 -39.83 4.43
C ILE B 920 2.57 -40.57 3.12
N LYS B 921 1.54 -40.80 2.31
CA LYS B 921 1.71 -41.52 1.05
C LYS B 921 2.58 -40.80 0.02
N SER B 922 2.42 -39.48 -0.09
CA SER B 922 3.23 -38.70 -1.05
C SER B 922 4.70 -38.96 -0.75
N LYS B 923 5.07 -38.95 0.53
CA LYS B 923 6.47 -39.19 0.91
C LYS B 923 6.88 -40.64 0.64
N GLU B 924 5.99 -41.58 0.95
CA GLU B 924 6.28 -42.99 0.73
C GLU B 924 6.49 -43.32 -0.75
N TYR B 925 5.59 -42.89 -1.62
CA TYR B 925 5.79 -43.20 -3.02
C TYR B 925 6.83 -42.27 -3.64
N GLY B 926 7.03 -41.11 -3.02
CA GLY B 926 8.02 -40.19 -3.52
C GLY B 926 9.39 -40.76 -3.19
N ASP B 927 9.55 -41.28 -1.98
CA ASP B 927 10.84 -41.86 -1.62
C ASP B 927 11.15 -43.06 -2.54
N LYS B 928 10.12 -43.80 -2.92
CA LYS B 928 10.37 -44.91 -3.84
C LYS B 928 10.82 -44.39 -5.22
N LEU B 929 10.23 -43.29 -5.69
CA LEU B 929 10.65 -42.75 -6.99
C LEU B 929 12.07 -42.23 -6.95
N LYS B 930 12.48 -41.67 -5.82
CA LYS B 930 13.85 -41.15 -5.71
C LYS B 930 14.82 -42.30 -5.93
N LYS B 931 14.53 -43.44 -5.33
CA LYS B 931 15.39 -44.60 -5.47
C LYS B 931 15.27 -45.23 -6.86
N LEU B 932 14.05 -45.35 -7.37
CA LEU B 932 13.81 -45.96 -8.68
C LEU B 932 14.34 -45.15 -9.87
N LEU B 933 14.26 -43.82 -9.78
CA LEU B 933 14.72 -42.97 -10.87
C LEU B 933 16.11 -42.40 -10.66
N ALA B 934 16.82 -42.90 -9.66
CA ALA B 934 18.17 -42.41 -9.41
C ALA B 934 18.99 -42.58 -10.68
N GLY B 935 19.63 -41.51 -11.12
CA GLY B 935 20.42 -41.60 -12.34
C GLY B 935 19.67 -41.11 -13.57
N GLN B 936 18.37 -41.39 -13.67
CA GLN B 936 17.57 -40.96 -14.83
C GLN B 936 17.83 -39.51 -15.18
N LYS B 937 18.16 -39.26 -16.46
CA LYS B 937 18.46 -37.91 -16.90
C LYS B 937 17.71 -37.57 -18.17
N ASP B 938 17.26 -38.59 -18.89
CA ASP B 938 16.57 -38.37 -20.14
C ASP B 938 15.06 -38.51 -20.12
N GLY B 939 14.43 -37.86 -21.10
CA GLY B 939 12.99 -37.90 -21.25
C GLY B 939 12.16 -37.62 -20.01
N LEU B 940 10.93 -38.10 -20.09
CA LEU B 940 9.94 -37.98 -19.05
C LEU B 940 10.43 -38.39 -17.66
N LEU B 941 11.08 -39.55 -17.56
CA LEU B 941 11.56 -40.02 -16.26
C LEU B 941 12.67 -39.12 -15.74
N GLY B 942 13.41 -38.51 -16.65
CA GLY B 942 14.48 -37.62 -16.24
C GLY B 942 13.85 -36.38 -15.62
N GLN B 943 12.81 -35.85 -16.27
CA GLN B 943 12.14 -34.66 -15.76
C GLN B 943 11.53 -34.93 -14.41
N ILE B 944 10.85 -36.07 -14.28
CA ILE B 944 10.21 -36.44 -13.05
C ILE B 944 11.30 -36.60 -11.98
N ALA B 945 12.43 -37.19 -12.37
CA ALA B 945 13.54 -37.39 -11.44
C ALA B 945 14.05 -36.06 -10.91
N ALA B 946 14.04 -35.03 -11.77
CA ALA B 946 14.51 -33.69 -11.39
C ALA B 946 13.51 -32.89 -10.54
N MET B 947 12.30 -33.43 -10.34
CA MET B 947 11.28 -32.75 -9.54
C MET B 947 11.03 -33.42 -8.20
N SER B 948 12.01 -34.17 -7.71
CA SER B 948 11.82 -34.86 -6.45
C SER B 948 11.56 -33.96 -5.24
N ASP B 949 12.00 -32.71 -5.29
CA ASP B 949 11.72 -31.84 -4.14
C ASP B 949 10.27 -31.37 -4.13
N LEU B 950 9.47 -31.96 -5.00
CA LEU B 950 8.05 -31.65 -5.07
C LEU B 950 7.23 -32.92 -4.76
N TYR B 951 7.90 -34.05 -4.56
CA TYR B 951 7.19 -35.31 -4.30
C TYR B 951 6.31 -35.20 -3.05
N THR B 952 6.94 -34.93 -1.92
CA THR B 952 6.23 -34.83 -0.65
C THR B 952 5.29 -33.63 -0.54
N LYS B 953 4.06 -33.87 -0.10
CA LYS B 953 3.09 -32.81 0.12
C LYS B 953 3.71 -31.84 1.14
N LYS B 954 3.70 -30.55 0.81
CA LYS B 954 4.29 -29.55 1.69
C LYS B 954 3.25 -28.87 2.57
N SER B 955 3.72 -28.27 3.65
CA SER B 955 2.83 -27.57 4.56
C SER B 955 3.24 -26.09 4.55
N VAL B 956 2.37 -25.24 4.01
CA VAL B 956 2.62 -23.81 3.90
C VAL B 956 2.06 -23.07 5.08
N TRP B 957 2.95 -22.45 5.84
CA TRP B 957 2.58 -21.70 7.02
C TRP B 957 2.87 -20.21 6.88
N ILE B 958 1.99 -19.40 7.48
CA ILE B 958 2.13 -17.97 7.51
C ILE B 958 2.18 -17.61 9.00
N PHE B 959 3.31 -17.07 9.43
CA PHE B 959 3.54 -16.67 10.82
C PHE B 959 3.47 -15.16 10.93
N GLY B 960 2.83 -14.68 12.00
CA GLY B 960 2.73 -13.26 12.18
C GLY B 960 2.18 -12.92 13.53
N GLY B 961 2.38 -11.67 13.94
CA GLY B 961 1.89 -11.19 15.22
C GLY B 961 0.52 -10.57 15.08
N ASP B 962 -0.02 -10.03 16.17
CA ASP B 962 -1.35 -9.46 16.15
C ASP B 962 -1.42 -8.17 15.38
N GLY B 963 -0.32 -7.43 15.39
CA GLY B 963 -0.28 -6.18 14.68
C GLY B 963 -0.46 -6.47 13.21
N TRP B 964 0.18 -7.55 12.76
CA TRP B 964 0.09 -7.95 11.37
C TRP B 964 -1.34 -8.45 11.05
N ALA B 965 -1.77 -9.49 11.77
CA ALA B 965 -3.08 -10.11 11.54
C ALA B 965 -4.32 -9.26 11.77
N TYR B 966 -4.31 -8.43 12.81
CA TYR B 966 -5.46 -7.58 13.13
C TYR B 966 -5.44 -6.22 12.46
N ASP B 967 -4.25 -5.75 12.10
CA ASP B 967 -4.15 -4.41 11.51
C ASP B 967 -3.65 -4.32 10.08
N ILE B 968 -2.36 -4.08 9.92
CA ILE B 968 -1.78 -3.89 8.60
C ILE B 968 -2.01 -5.01 7.58
N GLY B 969 -1.83 -6.26 8.00
CA GLY B 969 -2.03 -7.36 7.07
C GLY B 969 -3.41 -7.99 7.10
N TYR B 970 -4.35 -7.39 7.82
CA TYR B 970 -5.70 -7.96 7.92
C TYR B 970 -6.39 -8.13 6.58
N GLY B 971 -6.33 -7.11 5.74
CA GLY B 971 -6.96 -7.19 4.44
C GLY B 971 -6.41 -8.35 3.63
N GLY B 972 -5.10 -8.60 3.74
CA GLY B 972 -4.52 -9.70 2.98
C GLY B 972 -4.82 -11.04 3.64
N LEU B 973 -4.75 -11.08 4.96
CA LEU B 973 -5.03 -12.31 5.68
C LEU B 973 -6.46 -12.76 5.39
N ASP B 974 -7.37 -11.80 5.47
CA ASP B 974 -8.79 -12.04 5.21
C ASP B 974 -8.98 -12.62 3.80
N HIS B 975 -8.40 -11.97 2.81
CA HIS B 975 -8.53 -12.44 1.45
C HIS B 975 -7.93 -13.83 1.25
N VAL B 976 -6.77 -14.08 1.84
CA VAL B 976 -6.16 -15.39 1.68
C VAL B 976 -7.00 -16.50 2.36
N LEU B 977 -7.61 -16.21 3.50
CA LEU B 977 -8.45 -17.22 4.14
C LEU B 977 -9.71 -17.43 3.30
N ALA B 978 -10.25 -16.36 2.75
CA ALA B 978 -11.46 -16.46 1.93
C ALA B 978 -11.22 -17.23 0.64
N SER B 979 -9.95 -17.33 0.22
CA SER B 979 -9.61 -18.02 -1.02
C SER B 979 -9.95 -19.50 -0.96
N GLY B 980 -9.92 -20.06 0.24
CA GLY B 980 -10.22 -21.47 0.40
C GLY B 980 -9.05 -22.39 0.11
N GLU B 981 -7.88 -21.83 -0.15
CA GLU B 981 -6.69 -22.66 -0.42
C GLU B 981 -6.16 -23.26 0.86
N ASP B 982 -5.32 -24.29 0.72
CA ASP B 982 -4.72 -25.00 1.85
C ASP B 982 -3.48 -24.29 2.42
N VAL B 983 -3.70 -23.36 3.34
CA VAL B 983 -2.60 -22.64 3.97
C VAL B 983 -2.90 -22.58 5.46
N ASN B 984 -1.87 -22.38 6.26
CA ASN B 984 -2.04 -22.35 7.69
C ASN B 984 -1.49 -21.03 8.23
N VAL B 985 -2.35 -20.28 8.90
CA VAL B 985 -1.97 -19.01 9.49
C VAL B 985 -1.85 -19.18 11.00
N PHE B 986 -0.69 -18.84 11.54
CA PHE B 986 -0.47 -18.96 12.97
C PHE B 986 -0.14 -17.58 13.48
N VAL B 987 -1.08 -17.03 14.25
CA VAL B 987 -0.93 -15.71 14.81
C VAL B 987 -0.46 -15.75 16.26
N MET B 988 0.66 -15.09 16.54
CA MET B 988 1.18 -15.00 17.90
C MET B 988 0.71 -13.66 18.36
N ASP B 989 -0.36 -13.68 19.15
CA ASP B 989 -1.00 -12.48 19.66
C ASP B 989 -0.37 -12.01 20.96
N THR B 990 0.40 -10.92 20.91
CA THR B 990 1.02 -10.37 22.11
C THR B 990 0.18 -9.18 22.61
N GLU B 991 -0.92 -8.90 21.89
CA GLU B 991 -1.83 -7.83 22.26
C GLU B 991 -1.19 -6.41 22.20
N VAL B 992 -0.17 -6.30 21.37
CA VAL B 992 0.58 -5.06 21.08
C VAL B 992 1.59 -5.34 19.97
N TYR B 993 2.08 -4.27 19.37
CA TYR B 993 3.12 -4.33 18.36
C TYR B 993 4.32 -4.38 19.33
N SER B 994 4.87 -5.56 19.54
CA SER B 994 5.96 -5.73 20.49
C SER B 994 7.33 -5.20 20.07
N ASN B 995 7.79 -5.72 18.93
CA ASN B 995 9.11 -5.37 18.43
C ASN B 995 9.40 -3.88 18.40
N THR B 996 8.44 -3.11 17.92
CA THR B 996 8.60 -1.67 17.80
C THR B 996 8.50 -0.84 19.07
N GLY B 997 8.13 -1.47 20.19
CA GLY B 997 8.06 -0.71 21.44
C GLY B 997 6.74 -0.69 22.20
N GLY B 998 5.94 -1.73 21.99
CA GLY B 998 4.67 -1.85 22.69
C GLY B 998 3.54 -0.91 22.32
N GLN B 999 3.36 -0.65 21.02
CA GLN B 999 2.26 0.23 20.61
C GLN B 999 1.00 -0.61 20.58
N SER B 1000 -0.13 0.03 20.84
CA SER B 1000 -1.42 -0.65 20.80
C SER B 1000 -1.77 -1.15 19.40
N SER B 1001 -2.58 -2.20 19.31
CA SER B 1001 -3.07 -2.70 18.02
C SER B 1001 -4.54 -2.99 18.27
N LYS B 1002 -5.29 -3.36 17.24
CA LYS B 1002 -6.69 -3.66 17.49
C LYS B 1002 -6.84 -4.92 18.32
N ALA B 1003 -5.70 -5.60 18.58
CA ALA B 1003 -5.72 -6.81 19.40
C ALA B 1003 -5.55 -6.46 20.88
N THR B 1004 -5.18 -5.21 21.13
CA THR B 1004 -4.98 -4.71 22.49
C THR B 1004 -6.34 -4.63 23.17
N PRO B 1005 -6.46 -5.19 24.39
CA PRO B 1005 -7.70 -5.18 25.16
C PRO B 1005 -8.03 -3.90 25.87
N THR B 1006 -9.32 -3.75 26.18
CA THR B 1006 -9.86 -2.62 26.93
C THR B 1006 -9.02 -2.37 28.20
N GLY B 1007 -8.64 -1.13 28.45
CA GLY B 1007 -7.92 -0.85 29.69
C GLY B 1007 -6.44 -1.16 29.78
N ALA B 1008 -5.89 -1.82 28.77
CA ALA B 1008 -4.47 -2.13 28.75
C ALA B 1008 -3.71 -0.86 28.39
N VAL B 1009 -2.63 -0.56 29.10
CA VAL B 1009 -1.84 0.61 28.76
C VAL B 1009 -0.77 0.22 27.74
N ALA B 1010 -0.61 1.03 26.70
CA ALA B 1010 0.39 0.79 25.65
C ALA B 1010 0.59 2.12 24.96
N LYS B 1011 1.61 2.23 24.11
CA LYS B 1011 1.83 3.50 23.39
C LYS B 1011 0.59 3.72 22.51
N PHE B 1012 0.04 4.93 22.54
CA PHE B 1012 -1.16 5.28 21.79
C PHE B 1012 -2.43 4.76 22.50
N ALA B 1013 -2.24 4.40 23.76
CA ALA B 1013 -3.31 3.94 24.64
C ALA B 1013 -2.76 4.22 26.04
N ALA B 1014 -2.18 5.41 26.18
CA ALA B 1014 -1.53 5.90 27.40
C ALA B 1014 -2.39 6.12 28.65
N ALA B 1015 -3.70 5.92 28.52
CA ALA B 1015 -4.62 6.05 29.64
C ALA B 1015 -5.52 4.81 29.62
N GLY B 1016 -4.98 3.73 29.04
CA GLY B 1016 -5.71 2.48 28.91
C GLY B 1016 -6.51 2.53 27.61
N LYS B 1017 -6.43 1.48 26.79
CA LYS B 1017 -7.17 1.50 25.52
C LYS B 1017 -8.67 1.60 25.82
N ARG B 1018 -9.34 2.51 25.13
CA ARG B 1018 -10.77 2.74 25.34
C ARG B 1018 -11.74 2.07 24.38
N THR B 1019 -11.27 1.05 23.67
CA THR B 1019 -12.11 0.27 22.77
C THR B 1019 -11.64 -1.16 23.03
N GLY B 1020 -12.52 -2.13 22.86
CA GLY B 1020 -12.14 -3.49 23.11
C GLY B 1020 -11.35 -4.15 22.01
N LYS B 1021 -10.84 -5.34 22.33
CA LYS B 1021 -10.08 -6.15 21.40
C LYS B 1021 -10.97 -6.49 20.21
N LYS B 1022 -10.40 -6.48 19.00
CA LYS B 1022 -11.17 -6.83 17.81
C LYS B 1022 -11.28 -8.36 17.81
N ASP B 1023 -12.47 -8.87 17.51
CA ASP B 1023 -12.69 -10.32 17.49
C ASP B 1023 -12.37 -10.93 16.13
N LEU B 1024 -11.08 -11.02 15.84
CA LEU B 1024 -10.62 -11.60 14.57
C LEU B 1024 -11.18 -13.01 14.39
N ALA B 1025 -11.16 -13.80 15.48
CA ALA B 1025 -11.65 -15.18 15.40
C ALA B 1025 -13.11 -15.32 14.95
N ARG B 1026 -14.01 -14.59 15.58
CA ARG B 1026 -15.40 -14.68 15.20
C ARG B 1026 -15.62 -14.10 13.82
N MET B 1027 -14.82 -13.10 13.46
CA MET B 1027 -14.95 -12.51 12.14
C MET B 1027 -14.67 -13.56 11.06
N VAL B 1028 -13.55 -14.28 11.21
CA VAL B 1028 -13.17 -15.29 10.26
C VAL B 1028 -14.09 -16.52 10.28
N MET B 1029 -14.68 -16.82 11.43
CA MET B 1029 -15.58 -17.95 11.51
C MET B 1029 -16.85 -17.76 10.67
N THR B 1030 -17.19 -16.52 10.35
CA THR B 1030 -18.39 -16.21 9.55
C THR B 1030 -18.33 -16.76 8.13
N TYR B 1031 -17.16 -17.19 7.70
CA TYR B 1031 -16.98 -17.75 6.36
C TYR B 1031 -17.58 -19.13 6.27
N GLY B 1032 -17.45 -19.89 7.36
CA GLY B 1032 -17.97 -21.24 7.39
C GLY B 1032 -17.04 -22.28 6.80
N TYR B 1033 -16.11 -21.87 5.95
CA TYR B 1033 -15.20 -22.85 5.36
C TYR B 1033 -13.76 -22.70 5.79
N VAL B 1034 -13.53 -21.87 6.79
CA VAL B 1034 -12.18 -21.68 7.31
C VAL B 1034 -12.08 -22.37 8.66
N TYR B 1035 -10.97 -23.06 8.90
CA TYR B 1035 -10.77 -23.71 10.18
C TYR B 1035 -10.20 -22.64 11.10
N VAL B 1036 -10.87 -22.37 12.21
CA VAL B 1036 -10.38 -21.38 13.16
C VAL B 1036 -10.24 -21.98 14.55
N ALA B 1037 -9.17 -21.61 15.25
CA ALA B 1037 -8.97 -22.10 16.60
C ALA B 1037 -8.09 -21.15 17.39
N THR B 1038 -8.25 -21.19 18.71
CA THR B 1038 -7.45 -20.38 19.59
C THR B 1038 -6.75 -21.34 20.55
N VAL B 1039 -5.54 -20.99 20.95
CA VAL B 1039 -4.80 -21.84 21.84
C VAL B 1039 -4.07 -21.04 22.93
N SER B 1040 -3.62 -21.75 23.95
CA SER B 1040 -2.89 -21.17 25.05
C SER B 1040 -2.11 -22.32 25.65
N MET B 1041 -0.82 -22.34 25.38
CA MET B 1041 0.02 -23.42 25.85
C MET B 1041 -0.04 -23.68 27.34
N GLY B 1042 0.05 -22.65 28.16
CA GLY B 1042 0.02 -22.83 29.60
C GLY B 1042 -1.24 -23.48 30.15
N TYR B 1043 -2.35 -23.33 29.44
CA TYR B 1043 -3.61 -23.91 29.85
C TYR B 1043 -3.73 -25.36 29.41
N SER B 1044 -3.33 -25.64 28.18
CA SER B 1044 -3.40 -27.00 27.67
C SER B 1044 -2.47 -27.25 26.51
N LYS B 1045 -1.43 -28.05 26.75
CA LYS B 1045 -0.49 -28.39 25.70
C LYS B 1045 -1.16 -29.39 24.75
N GLN B 1046 -2.05 -30.21 25.29
CA GLN B 1046 -2.75 -31.20 24.47
C GLN B 1046 -3.73 -30.54 23.49
N GLN B 1047 -4.48 -29.55 23.95
CA GLN B 1047 -5.41 -28.87 23.06
C GLN B 1047 -4.59 -28.13 21.98
N PHE B 1048 -3.41 -27.62 22.37
CA PHE B 1048 -2.55 -26.95 21.39
C PHE B 1048 -2.14 -27.95 20.30
N LEU B 1049 -1.61 -29.11 20.70
CA LEU B 1049 -1.22 -30.12 19.72
C LEU B 1049 -2.40 -30.61 18.87
N LYS B 1050 -3.58 -30.73 19.48
CA LYS B 1050 -4.75 -31.19 18.76
C LYS B 1050 -5.12 -30.20 17.67
N VAL B 1051 -5.02 -28.93 17.98
CA VAL B 1051 -5.34 -27.87 17.04
C VAL B 1051 -4.35 -27.82 15.87
N LEU B 1052 -3.07 -28.07 16.17
CA LEU B 1052 -2.07 -28.05 15.12
C LEU B 1052 -2.40 -29.13 14.12
N LYS B 1053 -2.60 -30.35 14.62
CA LYS B 1053 -2.94 -31.46 13.77
C LYS B 1053 -4.24 -31.21 12.98
N GLU B 1054 -5.27 -30.68 13.63
CA GLU B 1054 -6.53 -30.41 12.94
C GLU B 1054 -6.42 -29.27 11.92
N ALA B 1055 -5.76 -28.19 12.28
CA ALA B 1055 -5.62 -27.07 11.35
C ALA B 1055 -4.76 -27.46 10.14
N GLU B 1056 -3.60 -28.06 10.39
CA GLU B 1056 -2.73 -28.42 9.29
C GLU B 1056 -3.39 -29.43 8.37
N SER B 1057 -4.10 -30.42 8.92
CA SER B 1057 -4.74 -31.44 8.09
C SER B 1057 -5.99 -30.93 7.37
N PHE B 1058 -6.49 -29.79 7.80
CA PHE B 1058 -7.66 -29.24 7.16
C PHE B 1058 -7.36 -28.91 5.70
N PRO B 1059 -8.11 -29.48 4.77
CA PRO B 1059 -7.90 -29.23 3.33
C PRO B 1059 -8.51 -27.89 2.92
N GLY B 1060 -8.05 -26.83 3.55
CA GLY B 1060 -8.57 -25.51 3.26
C GLY B 1060 -7.81 -24.53 4.12
N PRO B 1061 -8.27 -23.27 4.23
CA PRO B 1061 -7.58 -22.26 5.04
C PRO B 1061 -7.72 -22.54 6.53
N SER B 1062 -6.63 -22.34 7.27
CA SER B 1062 -6.61 -22.53 8.70
C SER B 1062 -6.02 -21.34 9.43
N LEU B 1063 -6.68 -20.92 10.51
CA LEU B 1063 -6.23 -19.79 11.31
C LEU B 1063 -6.17 -20.20 12.78
N VAL B 1064 -4.97 -20.13 13.36
CA VAL B 1064 -4.76 -20.47 14.76
C VAL B 1064 -4.20 -19.24 15.47
N ILE B 1065 -4.85 -18.81 16.55
CA ILE B 1065 -4.40 -17.64 17.29
C ILE B 1065 -3.94 -18.07 18.68
N ALA B 1066 -2.69 -17.78 19.01
CA ALA B 1066 -2.12 -18.18 20.29
C ALA B 1066 -1.92 -17.03 21.26
N TYR B 1067 -2.03 -17.30 22.55
CA TYR B 1067 -1.82 -16.26 23.55
C TYR B 1067 -0.32 -16.23 23.81
N ALA B 1068 0.32 -15.17 23.36
CA ALA B 1068 1.76 -15.03 23.53
C ALA B 1068 2.08 -14.00 24.61
N THR B 1069 2.72 -14.45 25.68
CA THR B 1069 3.10 -13.52 26.72
C THR B 1069 4.28 -12.73 26.17
N CYS B 1070 4.50 -11.55 26.71
CA CYS B 1070 5.57 -10.70 26.22
C CYS B 1070 6.01 -9.76 27.31
N ILE B 1071 7.28 -9.37 27.28
CA ILE B 1071 7.81 -8.45 28.28
C ILE B 1071 7.03 -7.12 28.29
N ASN B 1072 6.46 -6.72 27.16
CA ASN B 1072 5.70 -5.45 27.11
C ASN B 1072 4.51 -5.49 28.07
N GLN B 1073 3.97 -6.68 28.29
CA GLN B 1073 2.83 -6.85 29.16
C GLN B 1073 3.12 -6.64 30.65
N GLY B 1074 4.39 -6.70 31.00
CA GLY B 1074 4.79 -6.51 32.39
C GLY B 1074 4.31 -7.54 33.39
N LEU B 1075 4.59 -8.83 33.15
CA LEU B 1075 4.20 -9.86 34.12
C LEU B 1075 4.99 -9.50 35.37
N ARG B 1076 4.28 -9.24 36.45
CA ARG B 1076 4.88 -8.82 37.72
C ARG B 1076 5.78 -9.79 38.48
N LYS B 1077 5.75 -11.07 38.12
CA LYS B 1077 6.63 -12.02 38.82
C LYS B 1077 7.70 -12.63 37.90
N GLY B 1078 7.78 -12.10 36.68
CA GLY B 1078 8.75 -12.53 35.71
C GLY B 1078 8.14 -13.29 34.54
N MET B 1079 8.87 -13.36 33.43
CA MET B 1079 8.39 -14.09 32.25
C MET B 1079 8.44 -15.60 32.52
N GLY B 1080 9.02 -15.97 33.66
CA GLY B 1080 9.10 -17.38 34.03
C GLY B 1080 7.71 -17.87 34.44
N LYS B 1081 6.77 -16.94 34.56
CA LYS B 1081 5.39 -17.26 34.93
C LYS B 1081 4.49 -17.27 33.70
N SER B 1082 5.08 -17.23 32.49
CA SER B 1082 4.30 -17.19 31.25
C SER B 1082 3.28 -18.30 31.11
N GLN B 1083 3.72 -19.54 31.32
CA GLN B 1083 2.83 -20.67 31.21
C GLN B 1083 1.65 -20.48 32.17
N ASP B 1084 1.97 -20.11 33.41
CA ASP B 1084 0.96 -19.89 34.42
C ASP B 1084 0.02 -18.76 33.98
N VAL B 1085 0.58 -17.70 33.40
CA VAL B 1085 -0.26 -16.60 32.95
C VAL B 1085 -1.14 -17.04 31.78
N MET B 1086 -0.58 -17.81 30.86
CA MET B 1086 -1.36 -18.33 29.74
C MET B 1086 -2.48 -19.21 30.29
N ASN B 1087 -2.17 -19.95 31.35
CA ASN B 1087 -3.13 -20.84 32.00
C ASN B 1087 -4.28 -20.04 32.61
N THR B 1088 -3.94 -19.02 33.39
CA THR B 1088 -4.94 -18.17 34.01
C THR B 1088 -5.71 -17.36 32.97
N ALA B 1089 -5.03 -16.94 31.90
CA ALA B 1089 -5.69 -16.20 30.84
C ALA B 1089 -6.96 -16.96 30.40
N VAL B 1090 -6.82 -18.28 30.28
CA VAL B 1090 -7.93 -19.13 29.88
C VAL B 1090 -8.93 -19.37 31.02
N LYS B 1091 -8.43 -19.79 32.17
CA LYS B 1091 -9.32 -20.06 33.28
C LYS B 1091 -10.20 -18.88 33.65
N SER B 1092 -9.60 -17.70 33.64
CA SER B 1092 -10.31 -16.46 33.96
C SER B 1092 -11.35 -16.10 32.89
N GLY B 1093 -11.34 -16.80 31.75
CA GLY B 1093 -12.28 -16.52 30.68
C GLY B 1093 -11.83 -15.36 29.79
N TYR B 1094 -10.67 -14.79 30.11
CA TYR B 1094 -10.13 -13.69 29.35
C TYR B 1094 -9.81 -14.21 27.95
N TRP B 1095 -9.23 -15.41 27.91
CA TRP B 1095 -8.84 -16.02 26.65
C TRP B 1095 -9.42 -17.42 26.50
N PRO B 1096 -10.69 -17.52 26.12
CA PRO B 1096 -11.30 -18.84 25.96
C PRO B 1096 -10.76 -19.60 24.75
N LEU B 1097 -10.62 -20.92 24.90
CA LEU B 1097 -10.15 -21.77 23.81
C LEU B 1097 -11.31 -22.41 23.07
N PHE B 1098 -11.18 -22.52 21.76
CA PHE B 1098 -12.23 -23.13 20.95
C PHE B 1098 -11.73 -23.52 19.56
N ARG B 1099 -12.48 -24.37 18.89
CA ARG B 1099 -12.15 -24.83 17.56
C ARG B 1099 -13.36 -24.76 16.68
N TYR B 1100 -13.18 -24.29 15.46
CA TYR B 1100 -14.24 -24.20 14.48
C TYR B 1100 -13.73 -25.06 13.33
N ASP B 1101 -14.32 -26.26 13.18
CA ASP B 1101 -13.87 -27.20 12.15
C ASP B 1101 -14.93 -27.46 11.09
N PRO B 1102 -14.80 -26.82 9.92
CA PRO B 1102 -15.79 -27.00 8.85
C PRO B 1102 -16.10 -28.43 8.46
N ARG B 1103 -15.18 -29.37 8.66
CA ARG B 1103 -15.53 -30.70 8.23
C ARG B 1103 -16.50 -31.40 9.15
N LEU B 1104 -16.66 -30.89 10.36
CA LEU B 1104 -17.61 -31.47 11.29
C LEU B 1104 -18.98 -31.16 10.73
N ALA B 1105 -19.11 -29.95 10.19
CA ALA B 1105 -20.36 -29.49 9.61
C ALA B 1105 -20.74 -30.36 8.43
N ALA B 1106 -19.75 -30.78 7.66
CA ALA B 1106 -20.01 -31.63 6.50
C ALA B 1106 -20.56 -32.97 6.99
N GLN B 1107 -20.22 -33.33 8.22
CA GLN B 1107 -20.68 -34.58 8.81
C GLN B 1107 -21.98 -34.40 9.56
N GLY B 1108 -22.59 -33.24 9.39
CA GLY B 1108 -23.86 -32.99 10.03
C GLY B 1108 -23.75 -32.65 11.51
N LYS B 1109 -22.54 -32.29 11.95
CA LYS B 1109 -22.30 -31.95 13.34
C LYS B 1109 -21.91 -30.46 13.45
N ASN B 1110 -21.99 -29.92 14.67
CA ASN B 1110 -21.65 -28.53 14.93
C ASN B 1110 -20.16 -28.29 14.74
N PRO B 1111 -19.79 -27.41 13.81
CA PRO B 1111 -18.37 -27.15 13.60
C PRO B 1111 -17.67 -26.52 14.82
N PHE B 1112 -18.41 -25.76 15.60
CA PHE B 1112 -17.84 -25.05 16.73
C PHE B 1112 -17.80 -25.83 18.06
N GLN B 1113 -16.61 -25.90 18.64
CA GLN B 1113 -16.41 -26.60 19.90
C GLN B 1113 -15.67 -25.69 20.89
N LEU B 1114 -16.22 -25.55 22.09
CA LEU B 1114 -15.62 -24.76 23.17
C LEU B 1114 -14.68 -25.68 23.92
N ASP B 1115 -13.41 -25.31 24.02
CA ASP B 1115 -12.46 -26.17 24.71
C ASP B 1115 -12.10 -25.73 26.13
N SER B 1116 -12.65 -24.62 26.59
CA SER B 1116 -12.34 -24.16 27.92
C SER B 1116 -13.65 -23.92 28.63
N LYS B 1117 -13.59 -23.58 29.92
CA LYS B 1117 -14.80 -23.39 30.70
C LYS B 1117 -15.17 -21.94 31.00
N ALA B 1118 -16.37 -21.74 31.52
CA ALA B 1118 -16.86 -20.41 31.87
C ALA B 1118 -15.89 -19.68 32.81
N PRO B 1119 -15.80 -18.35 32.69
CA PRO B 1119 -14.91 -17.57 33.56
C PRO B 1119 -14.98 -18.05 35.02
N ASP B 1120 -13.83 -18.24 35.65
CA ASP B 1120 -13.82 -18.70 37.03
C ASP B 1120 -13.72 -17.54 38.04
N GLY B 1121 -13.79 -16.30 37.56
CA GLY B 1121 -13.72 -15.15 38.44
C GLY B 1121 -12.34 -14.66 38.83
N SER B 1122 -11.30 -15.22 38.24
CA SER B 1122 -9.96 -14.80 38.59
C SER B 1122 -9.44 -13.64 37.75
N VAL B 1123 -10.25 -13.16 36.80
CA VAL B 1123 -9.80 -12.09 35.92
C VAL B 1123 -9.15 -10.88 36.61
N GLU B 1124 -9.73 -10.41 37.70
CA GLU B 1124 -9.17 -9.25 38.40
C GLU B 1124 -7.71 -9.46 38.80
N GLU B 1125 -7.38 -10.64 39.35
CA GLU B 1125 -6.02 -10.94 39.74
C GLU B 1125 -5.17 -11.06 38.50
N PHE B 1126 -5.74 -11.65 37.45
CA PHE B 1126 -5.05 -11.84 36.18
C PHE B 1126 -4.52 -10.52 35.63
N LEU B 1127 -5.38 -9.53 35.56
CA LEU B 1127 -5.03 -8.22 35.06
C LEU B 1127 -4.02 -7.54 35.98
N MET B 1128 -4.40 -7.40 37.26
CA MET B 1128 -3.54 -6.74 38.23
C MET B 1128 -2.16 -7.36 38.39
N ALA B 1129 -1.96 -8.55 37.84
CA ALA B 1129 -0.65 -9.17 37.93
C ALA B 1129 0.18 -8.75 36.70
N GLN B 1130 -0.39 -7.92 35.84
CA GLN B 1130 0.32 -7.45 34.67
C GLN B 1130 0.45 -5.93 34.69
N ASN B 1131 1.67 -5.43 34.56
CA ASN B 1131 1.86 -3.98 34.61
C ASN B 1131 1.02 -3.24 33.57
N ARG B 1132 0.79 -3.83 32.40
CA ARG B 1132 0.00 -3.11 31.41
C ARG B 1132 -1.38 -2.72 31.95
N PHE B 1133 -1.80 -3.35 33.05
CA PHE B 1133 -3.09 -3.01 33.67
C PHE B 1133 -2.91 -2.29 35.01
N ALA B 1134 -1.97 -2.79 35.80
CA ALA B 1134 -1.72 -2.25 37.13
C ALA B 1134 -1.23 -0.80 37.13
N VAL B 1135 -0.36 -0.47 36.19
CA VAL B 1135 0.17 0.89 36.15
C VAL B 1135 -0.99 1.86 35.99
N LEU B 1136 -2.05 1.44 35.29
CA LEU B 1136 -3.21 2.29 35.11
C LEU B 1136 -3.88 2.46 36.47
N ASP B 1137 -3.93 1.37 37.21
CA ASP B 1137 -4.53 1.36 38.54
C ASP B 1137 -3.82 2.37 39.47
N ARG B 1138 -2.50 2.43 39.37
CA ARG B 1138 -1.77 3.34 40.23
C ARG B 1138 -1.84 4.81 39.79
N SER B 1139 -2.05 5.04 38.49
CA SER B 1139 -2.11 6.41 37.97
C SER B 1139 -3.50 6.99 37.81
N PHE B 1140 -4.45 6.20 37.33
CA PHE B 1140 -5.84 6.67 37.15
C PHE B 1140 -6.73 5.61 37.77
N PRO B 1141 -6.63 5.42 39.09
CA PRO B 1141 -7.41 4.43 39.85
C PRO B 1141 -8.90 4.33 39.53
N GLU B 1142 -9.55 5.47 39.33
CA GLU B 1142 -10.99 5.46 39.04
C GLU B 1142 -11.32 4.90 37.66
N ASP B 1143 -10.62 5.37 36.64
CA ASP B 1143 -10.84 4.88 35.28
C ASP B 1143 -10.42 3.39 35.19
N ALA B 1144 -9.31 3.03 35.84
CA ALA B 1144 -8.83 1.67 35.78
C ALA B 1144 -9.90 0.69 36.30
N LYS B 1145 -10.46 1.03 37.46
CA LYS B 1145 -11.50 0.25 38.12
C LYS B 1145 -12.64 -0.01 37.10
N ARG B 1146 -13.11 1.07 36.48
CA ARG B 1146 -14.17 1.00 35.48
C ARG B 1146 -13.78 0.08 34.34
N LEU B 1147 -12.60 0.31 33.81
CA LEU B 1147 -12.12 -0.47 32.67
C LEU B 1147 -11.89 -1.94 32.98
N ARG B 1148 -11.41 -2.26 34.19
CA ARG B 1148 -11.22 -3.68 34.48
C ARG B 1148 -12.62 -4.33 34.59
N ALA B 1149 -13.58 -3.60 35.16
CA ALA B 1149 -14.93 -4.17 35.29
C ALA B 1149 -15.49 -4.33 33.88
N GLN B 1150 -15.18 -3.39 33.00
CA GLN B 1150 -15.66 -3.47 31.64
C GLN B 1150 -15.07 -4.71 30.95
N VAL B 1151 -13.78 -4.98 31.17
CA VAL B 1151 -13.15 -6.17 30.58
C VAL B 1151 -13.87 -7.43 31.10
N ALA B 1152 -14.15 -7.45 32.40
CA ALA B 1152 -14.84 -8.58 33.02
C ALA B 1152 -16.22 -8.79 32.39
N HIS B 1153 -16.90 -7.70 32.07
CA HIS B 1153 -18.21 -7.80 31.46
C HIS B 1153 -18.06 -8.29 30.03
N GLU B 1154 -17.09 -7.74 29.32
CA GLU B 1154 -16.86 -8.12 27.93
C GLU B 1154 -16.64 -9.62 27.78
N LEU B 1155 -15.79 -10.18 28.61
CA LEU B 1155 -15.50 -11.59 28.47
C LEU B 1155 -16.64 -12.44 28.97
N ASP B 1156 -17.46 -11.88 29.85
CA ASP B 1156 -18.59 -12.64 30.36
C ASP B 1156 -19.53 -12.85 29.19
N VAL B 1157 -19.87 -11.76 28.52
CA VAL B 1157 -20.73 -11.81 27.37
C VAL B 1157 -20.17 -12.70 26.26
N ARG B 1158 -18.90 -12.47 25.90
CA ARG B 1158 -18.29 -13.26 24.84
C ARG B 1158 -18.38 -14.75 25.13
N PHE B 1159 -18.05 -15.15 26.35
CA PHE B 1159 -18.13 -16.57 26.65
C PHE B 1159 -19.56 -17.08 26.48
N LYS B 1160 -20.53 -16.31 26.93
CA LYS B 1160 -21.94 -16.66 26.77
C LYS B 1160 -22.28 -16.83 25.28
N GLU B 1161 -21.75 -15.93 24.43
CA GLU B 1161 -22.01 -16.02 23.00
C GLU B 1161 -21.37 -17.28 22.45
N LEU B 1162 -20.17 -17.62 22.91
CA LEU B 1162 -19.50 -18.82 22.45
C LEU B 1162 -20.25 -20.07 22.90
N GLU B 1163 -20.88 -20.01 24.08
CA GLU B 1163 -21.64 -21.15 24.57
C GLU B 1163 -22.85 -21.37 23.67
N HIS B 1164 -23.52 -20.31 23.21
CA HIS B 1164 -24.64 -20.55 22.34
C HIS B 1164 -24.12 -21.13 21.03
N MET B 1165 -23.04 -20.55 20.50
CA MET B 1165 -22.47 -21.05 19.26
C MET B 1165 -22.29 -22.55 19.39
N ALA B 1166 -21.85 -23.00 20.55
CA ALA B 1166 -21.62 -24.42 20.77
C ALA B 1166 -22.93 -25.20 20.92
N ALA B 1167 -24.01 -24.52 21.30
CA ALA B 1167 -25.30 -25.18 21.48
C ALA B 1167 -26.22 -25.13 20.24
N THR B 1168 -25.90 -24.28 19.28
CA THR B 1168 -26.73 -24.15 18.11
C THR B 1168 -26.79 -25.42 17.25
N ASN B 1169 -27.84 -25.51 16.44
CA ASN B 1169 -28.01 -26.62 15.50
C ASN B 1169 -28.08 -25.98 14.11
N ILE B 1170 -27.77 -24.69 14.05
CA ILE B 1170 -27.78 -23.94 12.80
C ILE B 1170 -26.33 -23.75 12.34
N PHE B 1171 -25.96 -24.44 11.26
CA PHE B 1171 -24.61 -24.32 10.71
C PHE B 1171 -24.64 -24.73 9.23
N GLU B 1172 -23.82 -24.07 8.41
CA GLU B 1172 -23.81 -24.37 6.98
C GLU B 1172 -22.84 -25.45 6.53
N SER B 1173 -23.28 -26.19 5.50
CA SER B 1173 -22.53 -27.28 4.90
C SER B 1173 -21.10 -26.87 4.56
N PHE B 1174 -20.25 -27.85 4.29
CA PHE B 1174 -18.87 -27.57 3.92
C PHE B 1174 -18.50 -28.27 2.61
N ALA B 1175 -18.32 -27.46 1.57
CA ALA B 1175 -17.94 -27.98 0.25
C ALA B 1175 -16.47 -27.63 0.03
N PRO B 1176 -15.59 -28.65 0.06
CA PRO B 1176 -14.14 -28.47 -0.14
C PRO B 1176 -13.78 -27.83 -1.49
N ALA B 1177 -14.12 -28.53 -2.57
CA ALA B 1177 -13.86 -28.06 -3.94
C ALA B 1177 -14.51 -29.05 -4.91
N GLY B 1178 -14.31 -28.84 -6.21
CA GLY B 1178 -14.90 -29.75 -7.19
C GLY B 1178 -15.88 -29.11 -8.16
N GLY B 1179 -15.62 -29.25 -9.45
CA GLY B 1179 -16.48 -28.68 -10.46
C GLY B 1179 -15.67 -28.13 -11.63
N LYS B 1180 -15.41 -26.83 -11.61
CA LYS B 1180 -14.63 -26.13 -12.64
C LYS B 1180 -15.21 -26.28 -14.04
N ALA B 1181 -15.58 -27.49 -14.42
CA ALA B 1181 -16.14 -27.75 -15.74
C ALA B 1181 -15.31 -27.03 -16.80
N ASP B 1182 -14.20 -27.66 -17.19
CA ASP B 1182 -13.29 -27.10 -18.19
C ASP B 1182 -14.05 -26.15 -19.13
N GLY B 1183 -13.84 -24.86 -18.92
CA GLY B 1183 -14.50 -23.87 -19.74
C GLY B 1183 -14.92 -22.68 -18.91
N SER B 1184 -15.39 -21.64 -19.57
CA SER B 1184 -15.83 -20.42 -18.90
C SER B 1184 -16.72 -19.66 -19.85
N VAL B 1185 -17.44 -18.67 -19.33
CA VAL B 1185 -18.32 -17.87 -20.15
C VAL B 1185 -18.32 -16.42 -19.67
N ASP B 1186 -18.53 -15.48 -20.58
CA ASP B 1186 -18.57 -14.08 -20.21
C ASP B 1186 -19.96 -13.76 -19.69
N PHE B 1187 -20.02 -13.00 -18.58
CA PHE B 1187 -21.28 -12.63 -17.93
C PHE B 1187 -22.22 -11.82 -18.81
N GLY B 1188 -21.75 -11.39 -19.97
CA GLY B 1188 -22.60 -10.61 -20.83
C GLY B 1188 -23.14 -11.41 -21.98
N GLU B 1189 -22.59 -12.61 -22.13
CA GLU B 1189 -22.97 -13.51 -23.21
C GLU B 1189 -24.48 -13.76 -23.24
N GLY B 1190 -25.10 -13.44 -24.37
CA GLY B 1190 -26.53 -13.66 -24.53
C GLY B 1190 -27.42 -12.90 -23.57
N ALA B 1191 -27.01 -11.70 -23.17
CA ALA B 1191 -27.78 -10.87 -22.26
C ALA B 1191 -28.80 -10.07 -23.08
N GLU B 1192 -30.01 -9.88 -22.55
CA GLU B 1192 -31.03 -9.14 -23.27
C GLU B 1192 -30.70 -7.67 -23.46
N PHE B 1193 -30.04 -7.07 -22.48
CA PHE B 1193 -29.65 -5.66 -22.57
C PHE B 1193 -28.13 -5.55 -22.40
N CYS B 1194 -27.56 -4.40 -22.81
CA CYS B 1194 -26.12 -4.20 -22.66
C CYS B 1194 -25.66 -4.47 -21.22
N THR B 1195 -24.55 -5.18 -21.08
CA THR B 1195 -24.03 -5.47 -19.76
C THR B 1195 -22.78 -4.62 -19.47
N ARG B 1196 -22.37 -3.83 -20.45
CA ARG B 1196 -21.21 -2.95 -20.32
C ARG B 1196 -21.58 -1.52 -20.75
N ASP B 1197 -20.85 -0.52 -20.27
CA ASP B 1197 -21.14 0.88 -20.62
C ASP B 1197 -20.34 1.40 -21.85
N ASP B 1198 -20.49 2.70 -22.16
CA ASP B 1198 -19.80 3.35 -23.30
C ASP B 1198 -18.40 3.86 -22.93
N THR B 1199 -17.98 3.50 -21.73
CA THR B 1199 -16.71 3.92 -21.13
C THR B 1199 -15.45 3.28 -21.69
N PRO B 1200 -14.31 3.99 -21.60
CA PRO B 1200 -13.09 3.36 -22.12
C PRO B 1200 -12.60 2.32 -21.10
N MET B 1201 -13.18 2.37 -19.91
CA MET B 1201 -12.83 1.42 -18.85
C MET B 1201 -13.39 0.03 -19.13
N MET B 1202 -14.58 -0.02 -19.71
CA MET B 1202 -15.19 -1.31 -20.00
C MET B 1202 -14.85 -1.82 -21.38
N ALA B 1203 -14.19 -0.98 -22.18
CA ALA B 1203 -13.81 -1.38 -23.53
C ALA B 1203 -12.92 -2.64 -23.49
N ARG B 1204 -13.23 -3.59 -24.35
CA ARG B 1204 -12.48 -4.84 -24.44
C ARG B 1204 -12.35 -5.24 -25.90
N PRO B 1205 -11.38 -6.12 -26.21
CA PRO B 1205 -11.20 -6.54 -27.60
C PRO B 1205 -12.50 -6.95 -28.30
N ASP B 1206 -13.31 -7.77 -27.64
CA ASP B 1206 -14.54 -8.23 -28.24
C ASP B 1206 -15.78 -7.43 -27.93
N SER B 1207 -15.61 -6.20 -27.46
CA SER B 1207 -16.79 -5.38 -27.17
C SER B 1207 -17.09 -4.46 -28.37
N GLY B 1208 -18.28 -3.88 -28.40
CA GLY B 1208 -18.62 -3.01 -29.50
C GLY B 1208 -19.88 -3.37 -30.26
N GLU B 1209 -20.41 -4.56 -30.03
CA GLU B 1209 -21.63 -5.02 -30.68
C GLU B 1209 -22.86 -4.30 -30.12
N ALA B 1210 -23.75 -3.90 -31.01
CA ALA B 1210 -24.98 -3.20 -30.62
C ALA B 1210 -25.82 -3.95 -29.58
N CYS B 1211 -26.53 -3.21 -28.75
CA CYS B 1211 -27.39 -3.80 -27.71
C CYS B 1211 -28.36 -2.75 -27.16
N ASP B 1212 -29.33 -3.19 -26.39
CA ASP B 1212 -30.31 -2.28 -25.78
C ASP B 1212 -29.66 -1.68 -24.52
N GLN B 1213 -29.42 -0.38 -24.57
CA GLN B 1213 -28.76 0.36 -23.50
C GLN B 1213 -29.72 0.91 -22.42
N ASN B 1214 -30.92 0.33 -22.34
CA ASN B 1214 -31.92 0.73 -21.35
C ASN B 1214 -32.37 2.20 -21.43
N ARG B 1215 -32.30 2.80 -22.60
CA ARG B 1215 -32.73 4.18 -22.74
C ARG B 1215 -34.17 4.26 -23.28
N ALA B 1216 -34.75 3.09 -23.55
CA ALA B 1216 -36.12 2.99 -24.11
C ALA B 1216 -37.10 2.35 -23.14
N GLY B 1217 -36.65 2.01 -21.94
CA GLY B 1217 -37.54 1.42 -20.95
C GLY B 1217 -37.47 -0.09 -20.87
N THR B 1218 -38.32 -0.68 -20.03
CA THR B 1218 -38.40 -2.13 -19.83
C THR B 1218 -38.79 -2.89 -21.09
N SER B 1219 -38.62 -4.21 -21.08
CA SER B 1219 -39.01 -5.03 -22.22
C SER B 1219 -40.52 -4.85 -22.31
N GLU B 1220 -41.18 -5.03 -21.18
CA GLU B 1220 -42.62 -4.88 -21.09
C GLU B 1220 -43.09 -3.48 -21.52
N GLN B 1221 -42.42 -2.44 -21.05
CA GLN B 1221 -42.80 -1.09 -21.40
C GLN B 1221 -42.58 -0.83 -22.89
N GLN B 1222 -41.51 -1.41 -23.43
CA GLN B 1222 -41.23 -1.24 -24.84
C GLN B 1222 -42.30 -1.93 -25.67
N GLY B 1223 -42.56 -3.20 -25.33
CA GLY B 1223 -43.57 -3.96 -26.05
C GLY B 1223 -44.95 -3.31 -26.03
N ASP B 1224 -45.33 -2.72 -24.91
CA ASP B 1224 -46.61 -2.06 -24.77
C ASP B 1224 -46.65 -0.80 -25.64
N LEU B 1225 -45.54 -0.08 -25.70
CA LEU B 1225 -45.49 1.14 -26.53
C LEU B 1225 -45.64 0.73 -27.99
N SER B 1226 -45.17 -0.47 -28.32
CA SER B 1226 -45.29 -0.99 -29.68
C SER B 1226 -46.78 -1.21 -29.95
N LYS B 1227 -47.40 -2.00 -29.07
CA LYS B 1227 -48.83 -2.28 -29.16
C LYS B 1227 -49.63 -0.99 -29.26
N ARG B 1228 -49.32 -0.02 -28.40
CA ARG B 1228 -50.03 1.26 -28.39
C ARG B 1228 -49.76 2.17 -29.58
N THR B 1229 -48.69 1.91 -30.30
CA THR B 1229 -48.38 2.73 -31.46
C THR B 1229 -48.38 1.83 -32.70
N LYS B 1230 -49.18 0.77 -32.62
CA LYS B 1230 -49.32 -0.21 -33.71
C LYS B 1230 -49.19 0.42 -35.10
N LYS B 1231 -49.99 1.47 -35.36
CA LYS B 1231 -50.00 2.18 -36.64
C LYS B 1231 -50.56 1.34 -37.79
#